data_2YUQ
#
_entry.id   2YUQ
#
_entity_poly.entity_id   1
_entity_poly.type   'polypeptide(L)'
_entity_poly.pdbx_seq_one_letter_code
;GSSGSSGEDNRRPLWEPEETVVIALYDYQTNDPQELALRRNEEYCLLDSSEIHWWRVQDRNGHEGYVPSSYLVEKSPNNL
ETYEW
;
_entity_poly.pdbx_strand_id   A
#
# COMPACT_ATOMS: atom_id res chain seq x y z
N GLY A 1 -4.28 28.63 -13.54
CA GLY A 1 -3.18 27.75 -13.83
C GLY A 1 -3.05 27.43 -15.30
N SER A 2 -1.87 26.98 -15.72
CA SER A 2 -1.62 26.65 -17.12
C SER A 2 -0.56 25.56 -17.24
N SER A 3 -0.69 24.73 -18.27
CA SER A 3 0.25 23.64 -18.49
C SER A 3 1.59 24.18 -18.99
N GLY A 4 2.55 23.28 -19.16
CA GLY A 4 3.87 23.69 -19.63
C GLY A 4 4.36 22.84 -20.79
N SER A 5 4.57 21.55 -20.52
CA SER A 5 5.05 20.63 -21.54
C SER A 5 3.93 19.70 -22.01
N SER A 6 3.20 19.14 -21.05
CA SER A 6 2.11 18.23 -21.35
C SER A 6 0.88 18.57 -20.51
N GLY A 7 -0.28 18.62 -21.17
CA GLY A 7 -1.52 18.93 -20.47
C GLY A 7 -2.36 17.70 -20.21
N GLU A 8 -1.76 16.53 -20.37
CA GLU A 8 -2.46 15.27 -20.15
C GLU A 8 -1.83 14.47 -19.02
N ASP A 9 -2.51 14.43 -17.88
CA ASP A 9 -2.01 13.70 -16.72
C ASP A 9 -2.20 12.20 -16.90
N ASN A 10 -1.12 11.50 -17.19
CA ASN A 10 -1.16 10.05 -17.38
C ASN A 10 -0.35 9.32 -16.31
N ARG A 11 -0.55 9.73 -15.05
CA ARG A 11 0.17 9.12 -13.95
C ARG A 11 -0.43 7.76 -13.59
N ARG A 12 0.09 6.71 -14.21
CA ARG A 12 -0.39 5.36 -13.96
C ARG A 12 0.22 4.78 -12.69
N PRO A 13 -0.49 3.85 -12.05
CA PRO A 13 -0.05 3.21 -10.81
C PRO A 13 1.14 2.28 -11.04
N LEU A 14 1.64 1.70 -9.95
CA LEU A 14 2.78 0.79 -10.03
C LEU A 14 2.34 -0.65 -9.77
N TRP A 15 1.65 -0.86 -8.66
CA TRP A 15 1.18 -2.18 -8.29
C TRP A 15 0.18 -2.71 -9.32
N GLU A 16 -0.33 -3.91 -9.09
CA GLU A 16 -1.29 -4.53 -10.00
C GLU A 16 -2.67 -4.61 -9.36
N PRO A 17 -3.71 -4.47 -10.19
CA PRO A 17 -5.11 -4.54 -9.73
C PRO A 17 -5.52 -5.94 -9.30
N GLU A 18 -4.63 -6.90 -9.53
CA GLU A 18 -4.90 -8.29 -9.17
C GLU A 18 -4.38 -8.59 -7.77
N GLU A 19 -3.17 -8.12 -7.47
CA GLU A 19 -2.56 -8.34 -6.17
C GLU A 19 -3.19 -7.44 -5.11
N THR A 20 -3.29 -7.96 -3.90
CA THR A 20 -3.87 -7.22 -2.78
C THR A 20 -2.92 -6.14 -2.28
N VAL A 21 -3.31 -4.88 -2.47
CA VAL A 21 -2.48 -3.75 -2.04
C VAL A 21 -3.16 -2.99 -0.90
N VAL A 22 -2.48 -2.91 0.23
CA VAL A 22 -3.02 -2.20 1.39
C VAL A 22 -2.22 -0.94 1.69
N ILE A 23 -2.79 -0.05 2.48
CA ILE A 23 -2.14 1.20 2.84
C ILE A 23 -2.21 1.45 4.34
N ALA A 24 -1.18 2.10 4.88
CA ALA A 24 -1.13 2.41 6.30
C ALA A 24 -1.69 3.80 6.58
N LEU A 25 -2.65 3.87 7.49
CA LEU A 25 -3.27 5.14 7.85
C LEU A 25 -2.31 6.01 8.66
N TYR A 26 -1.44 5.36 9.43
CA TYR A 26 -0.47 6.06 10.26
C TYR A 26 0.89 5.39 10.20
N ASP A 27 1.94 6.13 10.55
CA ASP A 27 3.29 5.59 10.54
C ASP A 27 3.56 4.77 11.79
N TYR A 28 3.43 3.45 11.67
CA TYR A 28 3.65 2.55 12.80
C TYR A 28 5.15 2.37 13.06
N GLN A 29 5.51 2.23 14.33
CA GLN A 29 6.90 2.05 14.72
C GLN A 29 7.04 0.95 15.76
N THR A 30 8.17 0.24 15.73
CA THR A 30 8.42 -0.83 16.67
C THR A 30 9.91 -0.98 16.96
N ASN A 31 10.24 -1.67 18.05
CA ASN A 31 11.63 -1.88 18.43
C ASN A 31 12.02 -3.34 18.26
N ASP A 32 11.21 -4.08 17.51
CA ASP A 32 11.49 -5.50 17.27
C ASP A 32 11.78 -5.75 15.79
N PRO A 33 12.70 -6.68 15.52
CA PRO A 33 13.10 -7.03 14.16
C PRO A 33 11.99 -7.76 13.40
N GLN A 34 11.26 -8.62 14.11
CA GLN A 34 10.18 -9.39 13.51
C GLN A 34 9.06 -8.47 13.04
N GLU A 35 8.98 -7.28 13.64
CA GLU A 35 7.95 -6.31 13.29
C GLU A 35 8.50 -5.29 12.28
N LEU A 36 7.60 -4.73 11.48
CA LEU A 36 8.00 -3.74 10.48
C LEU A 36 7.30 -2.40 10.74
N ALA A 37 8.03 -1.32 10.51
CA ALA A 37 7.48 0.02 10.71
C ALA A 37 6.79 0.53 9.46
N LEU A 38 5.47 0.64 9.51
CA LEU A 38 4.69 1.11 8.38
C LEU A 38 4.82 2.63 8.22
N ARG A 39 4.48 3.12 7.03
CA ARG A 39 4.56 4.55 6.76
C ARG A 39 3.19 5.12 6.42
N ARG A 40 2.88 6.29 6.96
CA ARG A 40 1.60 6.94 6.72
C ARG A 40 1.47 7.32 5.25
N ASN A 41 0.36 6.89 4.63
CA ASN A 41 0.12 7.19 3.22
C ASN A 41 1.06 6.40 2.32
N GLU A 42 1.30 5.14 2.67
CA GLU A 42 2.18 4.28 1.90
C GLU A 42 1.56 2.90 1.68
N GLU A 43 1.53 2.46 0.44
CA GLU A 43 0.96 1.17 0.10
C GLU A 43 1.93 0.04 0.43
N TYR A 44 1.40 -1.18 0.51
CA TYR A 44 2.22 -2.35 0.82
C TYR A 44 1.60 -3.62 0.26
N CYS A 45 2.43 -4.48 -0.29
CA CYS A 45 1.97 -5.74 -0.87
C CYS A 45 1.67 -6.77 0.22
N LEU A 46 0.44 -7.25 0.26
CA LEU A 46 0.03 -8.23 1.25
C LEU A 46 0.58 -9.61 0.91
N LEU A 47 1.56 -10.06 1.69
CA LEU A 47 2.18 -11.36 1.48
C LEU A 47 1.23 -12.48 1.90
N ASP A 48 0.82 -12.47 3.16
CA ASP A 48 -0.09 -13.48 3.68
C ASP A 48 -0.82 -12.97 4.92
N SER A 49 -2.13 -13.20 4.97
CA SER A 49 -2.95 -12.76 6.09
C SER A 49 -3.18 -13.90 7.07
N SER A 50 -2.19 -14.78 7.20
CA SER A 50 -2.29 -15.93 8.10
C SER A 50 -3.02 -15.55 9.38
N GLU A 51 -2.55 -14.49 10.03
CA GLU A 51 -3.16 -14.02 11.27
C GLU A 51 -4.22 -12.96 11.00
N ILE A 52 -4.84 -12.46 12.05
CA ILE A 52 -5.88 -11.44 11.92
C ILE A 52 -5.36 -10.08 12.40
N HIS A 53 -4.92 -10.03 13.65
CA HIS A 53 -4.41 -8.80 14.22
C HIS A 53 -3.07 -8.41 13.59
N TRP A 54 -2.32 -9.41 13.15
CA TRP A 54 -1.02 -9.18 12.52
C TRP A 54 -1.01 -9.73 11.10
N TRP A 55 -0.71 -8.87 10.14
CA TRP A 55 -0.65 -9.27 8.73
C TRP A 55 0.77 -9.14 8.18
N ARG A 56 1.17 -10.11 7.38
CA ARG A 56 2.51 -10.11 6.79
C ARG A 56 2.51 -9.37 5.45
N VAL A 57 3.19 -8.23 5.42
CA VAL A 57 3.28 -7.44 4.20
C VAL A 57 4.73 -7.10 3.86
N GLN A 58 4.93 -6.49 2.70
CA GLN A 58 6.26 -6.12 2.25
C GLN A 58 6.28 -4.70 1.72
N ASP A 59 7.36 -3.97 2.01
CA ASP A 59 7.50 -2.60 1.56
C ASP A 59 7.92 -2.54 0.10
N ARG A 60 7.96 -1.33 -0.46
CA ARG A 60 8.32 -1.14 -1.85
C ARG A 60 9.82 -1.39 -2.06
N ASN A 61 10.58 -1.28 -0.97
CA ASN A 61 12.02 -1.48 -1.04
C ASN A 61 12.38 -2.95 -0.79
N GLY A 62 11.68 -3.57 0.15
CA GLY A 62 11.94 -4.96 0.47
C GLY A 62 11.99 -5.22 1.95
N HIS A 63 11.07 -4.62 2.70
CA HIS A 63 11.01 -4.79 4.14
C HIS A 63 9.69 -5.39 4.58
N GLU A 64 9.73 -6.64 5.05
CA GLU A 64 8.53 -7.33 5.49
C GLU A 64 8.51 -7.48 7.01
N GLY A 65 7.36 -7.88 7.55
CA GLY A 65 7.24 -8.06 8.98
C GLY A 65 5.79 -8.07 9.44
N TYR A 66 5.60 -8.11 10.75
CA TYR A 66 4.26 -8.12 11.32
C TYR A 66 3.78 -6.72 11.64
N VAL A 67 2.60 -6.37 11.13
CA VAL A 67 2.02 -5.05 11.37
C VAL A 67 0.55 -5.14 11.77
N PRO A 68 0.07 -4.13 12.50
CA PRO A 68 -1.32 -4.08 12.96
C PRO A 68 -2.30 -3.85 11.82
N SER A 69 -2.99 -4.90 11.41
CA SER A 69 -3.96 -4.81 10.32
C SER A 69 -4.77 -3.53 10.42
N SER A 70 -4.97 -3.05 11.64
CA SER A 70 -5.72 -1.83 11.87
C SER A 70 -5.19 -0.69 11.01
N TYR A 71 -3.88 -0.54 10.99
CA TYR A 71 -3.24 0.52 10.21
C TYR A 71 -3.43 0.27 8.71
N LEU A 72 -3.29 -0.98 8.30
CA LEU A 72 -3.44 -1.35 6.89
C LEU A 72 -4.89 -1.21 6.45
N VAL A 73 -5.09 -0.77 5.21
CA VAL A 73 -6.43 -0.59 4.66
C VAL A 73 -6.51 -1.09 3.23
N GLU A 74 -7.65 -1.66 2.86
CA GLU A 74 -7.85 -2.17 1.51
C GLU A 74 -8.09 -1.04 0.52
N LYS A 75 -7.16 -0.87 -0.42
CA LYS A 75 -7.27 0.18 -1.42
C LYS A 75 -8.70 0.30 -1.94
N SER A 76 -9.42 1.31 -1.46
CA SER A 76 -10.80 1.52 -1.87
C SER A 76 -11.00 1.14 -3.34
N PRO A 77 -12.18 0.59 -3.65
CA PRO A 77 -12.52 0.17 -5.01
C PRO A 77 -12.72 1.36 -5.95
N ASN A 78 -12.53 1.12 -7.25
CA ASN A 78 -12.67 2.16 -8.24
C ASN A 78 -12.93 1.57 -9.63
N ASN A 79 -13.88 2.16 -10.35
CA ASN A 79 -14.22 1.67 -11.69
C ASN A 79 -14.19 0.15 -11.74
N LEU A 80 -14.80 -0.48 -10.75
CA LEU A 80 -14.85 -1.94 -10.69
C LEU A 80 -16.27 -2.44 -10.44
N GLU A 81 -16.85 -3.09 -11.44
CA GLU A 81 -18.20 -3.61 -11.33
C GLU A 81 -18.19 -5.10 -10.97
N THR A 82 -18.04 -5.40 -9.69
CA THR A 82 -18.00 -6.78 -9.23
C THR A 82 -18.70 -6.93 -7.87
N TYR A 83 -19.38 -8.04 -7.68
CA TYR A 83 -20.09 -8.30 -6.44
C TYR A 83 -19.59 -9.59 -5.79
N GLU A 84 -19.22 -9.50 -4.51
CA GLU A 84 -18.74 -10.66 -3.78
C GLU A 84 -19.87 -11.35 -3.04
N TRP A 85 -20.55 -12.27 -3.74
CA TRP A 85 -21.65 -13.01 -3.15
C TRP A 85 -21.32 -14.50 -3.04
N GLY A 1 19.78 22.76 -27.80
CA GLY A 1 18.92 21.89 -27.00
C GLY A 1 19.04 20.43 -27.41
N SER A 2 18.42 19.55 -26.64
CA SER A 2 18.46 18.12 -26.93
C SER A 2 17.25 17.42 -26.33
N SER A 3 16.54 16.66 -27.16
CA SER A 3 15.36 15.93 -26.73
C SER A 3 15.49 14.45 -27.03
N GLY A 4 14.96 13.61 -26.14
CA GLY A 4 15.03 12.18 -26.31
C GLY A 4 14.29 11.42 -25.24
N SER A 5 12.99 11.70 -25.11
CA SER A 5 12.17 11.03 -24.11
C SER A 5 11.49 9.79 -24.70
N SER A 6 11.76 8.64 -24.09
CA SER A 6 11.19 7.38 -24.55
C SER A 6 10.17 6.85 -23.55
N GLY A 7 8.89 6.92 -23.92
CA GLY A 7 7.84 6.44 -23.04
C GLY A 7 6.47 6.52 -23.68
N GLU A 8 6.11 7.71 -24.15
CA GLU A 8 4.81 7.92 -24.78
C GLU A 8 3.69 7.28 -23.95
N ASP A 9 3.78 7.43 -22.64
CA ASP A 9 2.77 6.87 -21.73
C ASP A 9 2.23 7.95 -20.80
N ASN A 10 0.97 8.31 -21.01
CA ASN A 10 0.32 9.34 -20.18
C ASN A 10 0.55 9.06 -18.70
N ARG A 11 0.13 7.87 -18.25
CA ARG A 11 0.29 7.49 -16.86
C ARG A 11 0.04 5.99 -16.68
N ARG A 12 0.81 5.37 -15.80
CA ARG A 12 0.67 3.94 -15.54
C ARG A 12 0.76 3.66 -14.04
N PRO A 13 0.00 2.65 -13.59
CA PRO A 13 -0.02 2.25 -12.17
C PRO A 13 1.28 1.59 -11.74
N LEU A 14 1.56 1.63 -10.44
CA LEU A 14 2.78 1.03 -9.90
C LEU A 14 2.56 -0.45 -9.60
N TRP A 15 1.47 -0.76 -8.91
CA TRP A 15 1.15 -2.14 -8.57
C TRP A 15 0.08 -2.71 -9.49
N GLU A 16 -0.25 -3.98 -9.30
CA GLU A 16 -1.26 -4.63 -10.12
C GLU A 16 -2.53 -4.90 -9.33
N PRO A 17 -3.67 -4.99 -10.02
CA PRO A 17 -4.97 -5.24 -9.40
C PRO A 17 -5.08 -6.66 -8.85
N GLU A 18 -4.31 -7.57 -9.42
CA GLU A 18 -4.32 -8.96 -8.98
C GLU A 18 -3.79 -9.09 -7.55
N GLU A 19 -2.73 -8.36 -7.25
CA GLU A 19 -2.13 -8.39 -5.92
C GLU A 19 -2.87 -7.45 -4.96
N THR A 20 -3.11 -7.94 -3.75
CA THR A 20 -3.81 -7.14 -2.75
C THR A 20 -2.91 -6.06 -2.17
N VAL A 21 -3.14 -4.83 -2.60
CA VAL A 21 -2.34 -3.69 -2.12
C VAL A 21 -3.08 -2.93 -1.03
N VAL A 22 -2.43 -2.79 0.12
CA VAL A 22 -3.02 -2.09 1.26
C VAL A 22 -2.29 -0.77 1.53
N ILE A 23 -2.81 0.00 2.47
CA ILE A 23 -2.20 1.28 2.83
C ILE A 23 -2.30 1.54 4.32
N ALA A 24 -1.25 2.14 4.89
CA ALA A 24 -1.23 2.44 6.31
C ALA A 24 -1.86 3.81 6.59
N LEU A 25 -2.76 3.85 7.57
CA LEU A 25 -3.43 5.09 7.93
C LEU A 25 -2.52 5.99 8.75
N TYR A 26 -1.68 5.38 9.59
CA TYR A 26 -0.75 6.12 10.42
C TYR A 26 0.65 5.54 10.33
N ASP A 27 1.64 6.31 10.76
CA ASP A 27 3.03 5.87 10.73
C ASP A 27 3.35 5.01 11.95
N TYR A 28 3.43 3.69 11.73
CA TYR A 28 3.72 2.76 12.80
C TYR A 28 5.23 2.67 13.05
N GLN A 29 5.61 2.47 14.31
CA GLN A 29 7.01 2.36 14.68
C GLN A 29 7.22 1.28 15.72
N THR A 30 8.09 0.32 15.42
CA THR A 30 8.37 -0.78 16.34
C THR A 30 9.88 -0.96 16.53
N ASN A 31 10.27 -1.39 17.72
CA ASN A 31 11.69 -1.60 18.03
C ASN A 31 12.09 -3.03 17.70
N ASP A 32 11.13 -3.94 17.75
CA ASP A 32 11.40 -5.35 17.46
C ASP A 32 11.87 -5.53 16.02
N PRO A 33 12.84 -6.44 15.82
CA PRO A 33 13.40 -6.73 14.50
C PRO A 33 12.41 -7.44 13.60
N GLN A 34 11.61 -8.33 14.19
CA GLN A 34 10.62 -9.08 13.43
C GLN A 34 9.49 -8.17 12.95
N GLU A 35 9.08 -7.24 13.79
CA GLU A 35 8.01 -6.31 13.46
C GLU A 35 8.51 -5.25 12.47
N LEU A 36 7.61 -4.79 11.61
CA LEU A 36 7.96 -3.78 10.61
C LEU A 36 7.28 -2.46 10.92
N ALA A 37 7.98 -1.36 10.69
CA ALA A 37 7.44 -0.03 10.94
C ALA A 37 6.85 0.57 9.67
N LEU A 38 5.51 0.62 9.62
CA LEU A 38 4.83 1.17 8.45
C LEU A 38 5.05 2.67 8.34
N ARG A 39 4.41 3.29 7.37
CA ARG A 39 4.54 4.73 7.16
C ARG A 39 3.22 5.34 6.70
N ARG A 40 2.94 6.56 7.15
CA ARG A 40 1.71 7.25 6.79
C ARG A 40 1.63 7.48 5.29
N ASN A 41 0.51 7.10 4.68
CA ASN A 41 0.32 7.25 3.25
C ASN A 41 1.34 6.45 2.46
N GLU A 42 1.43 5.15 2.76
CA GLU A 42 2.37 4.28 2.08
C GLU A 42 1.72 2.92 1.78
N GLU A 43 1.72 2.55 0.52
CA GLU A 43 1.13 1.27 0.10
C GLU A 43 2.03 0.11 0.49
N TYR A 44 1.46 -1.09 0.52
CA TYR A 44 2.21 -2.28 0.89
C TYR A 44 1.58 -3.53 0.26
N CYS A 45 2.42 -4.36 -0.35
CA CYS A 45 1.95 -5.59 -0.98
C CYS A 45 1.70 -6.68 0.06
N LEU A 46 0.44 -6.96 0.33
CA LEU A 46 0.07 -7.98 1.30
C LEU A 46 0.60 -9.35 0.88
N LEU A 47 1.35 -9.99 1.78
CA LEU A 47 1.92 -11.31 1.51
C LEU A 47 0.99 -12.41 2.01
N ASP A 48 0.81 -12.47 3.33
CA ASP A 48 -0.05 -13.48 3.94
C ASP A 48 -0.79 -12.90 5.14
N SER A 49 -2.02 -13.38 5.35
CA SER A 49 -2.84 -12.90 6.46
C SER A 49 -3.13 -14.04 7.43
N SER A 50 -2.10 -14.79 7.78
CA SER A 50 -2.24 -15.92 8.70
C SER A 50 -3.09 -15.52 9.90
N GLU A 51 -2.95 -14.27 10.34
CA GLU A 51 -3.71 -13.77 11.48
C GLU A 51 -4.60 -12.60 11.07
N ILE A 52 -5.38 -12.10 12.02
CA ILE A 52 -6.27 -10.98 11.75
C ILE A 52 -5.66 -9.66 12.19
N HIS A 53 -5.21 -9.60 13.45
CA HIS A 53 -4.59 -8.40 13.99
C HIS A 53 -3.21 -8.18 13.37
N TRP A 54 -2.47 -9.26 13.19
CA TRP A 54 -1.12 -9.19 12.62
C TRP A 54 -1.12 -9.72 11.19
N TRP A 55 -0.78 -8.85 10.24
CA TRP A 55 -0.73 -9.24 8.84
C TRP A 55 0.68 -9.12 8.29
N ARG A 56 1.11 -10.13 7.53
CA ARG A 56 2.44 -10.14 6.94
C ARG A 56 2.43 -9.49 5.57
N VAL A 57 3.11 -8.35 5.46
CA VAL A 57 3.18 -7.62 4.19
C VAL A 57 4.62 -7.29 3.82
N GLN A 58 4.81 -6.67 2.67
CA GLN A 58 6.14 -6.30 2.21
C GLN A 58 6.14 -4.89 1.63
N ASP A 59 7.21 -4.15 1.88
CA ASP A 59 7.34 -2.78 1.38
C ASP A 59 7.86 -2.78 -0.05
N ARG A 60 7.68 -1.65 -0.74
CA ARG A 60 8.13 -1.51 -2.11
C ARG A 60 9.64 -1.70 -2.21
N ASN A 61 10.34 -1.35 -1.14
CA ASN A 61 11.80 -1.48 -1.11
C ASN A 61 12.21 -2.93 -0.89
N GLY A 62 11.48 -3.64 -0.06
CA GLY A 62 11.78 -5.03 0.22
C GLY A 62 11.84 -5.33 1.70
N HIS A 63 11.06 -4.60 2.49
CA HIS A 63 11.04 -4.80 3.93
C HIS A 63 9.66 -5.28 4.40
N GLU A 64 9.64 -6.46 5.01
CA GLU A 64 8.40 -7.04 5.50
C GLU A 64 8.45 -7.26 7.00
N GLY A 65 7.36 -7.77 7.56
CA GLY A 65 7.30 -8.02 8.99
C GLY A 65 5.88 -8.14 9.51
N TYR A 66 5.73 -8.19 10.83
CA TYR A 66 4.41 -8.30 11.44
C TYR A 66 3.87 -6.93 11.81
N VAL A 67 2.90 -6.46 11.03
CA VAL A 67 2.29 -5.16 11.28
C VAL A 67 0.81 -5.30 11.62
N PRO A 68 0.28 -4.33 12.38
CA PRO A 68 -1.12 -4.32 12.79
C PRO A 68 -2.07 -4.05 11.62
N SER A 69 -2.78 -5.08 11.18
CA SER A 69 -3.72 -4.95 10.07
C SER A 69 -4.56 -3.69 10.21
N SER A 70 -4.81 -3.29 11.46
CA SER A 70 -5.61 -2.11 11.74
C SER A 70 -5.15 -0.93 10.88
N TYR A 71 -3.84 -0.66 10.89
CA TYR A 71 -3.28 0.44 10.12
C TYR A 71 -3.46 0.20 8.62
N LEU A 72 -3.28 -1.05 8.21
CA LEU A 72 -3.43 -1.41 6.80
C LEU A 72 -4.89 -1.31 6.36
N VAL A 73 -5.10 -0.83 5.14
CA VAL A 73 -6.45 -0.68 4.59
C VAL A 73 -6.52 -1.20 3.16
N GLU A 74 -7.64 -1.84 2.83
CA GLU A 74 -7.83 -2.39 1.49
C GLU A 74 -8.09 -1.28 0.48
N LYS A 75 -7.11 -1.04 -0.39
CA LYS A 75 -7.22 -0.01 -1.41
C LYS A 75 -8.56 -0.10 -2.14
N SER A 76 -9.39 0.92 -1.99
CA SER A 76 -10.70 0.94 -2.63
C SER A 76 -10.56 1.14 -4.14
N PRO A 77 -11.63 0.78 -4.88
CA PRO A 77 -11.65 0.91 -6.34
C PRO A 77 -11.68 2.36 -6.80
N ASN A 78 -11.66 3.28 -5.84
CA ASN A 78 -11.69 4.71 -6.14
C ASN A 78 -10.61 5.07 -7.16
N ASN A 79 -10.60 6.33 -7.58
CA ASN A 79 -9.61 6.80 -8.54
C ASN A 79 -8.19 6.50 -8.07
N LEU A 80 -7.28 6.31 -9.02
CA LEU A 80 -5.89 6.01 -8.70
C LEU A 80 -5.05 7.30 -8.69
N GLU A 81 -5.08 8.01 -7.57
CA GLU A 81 -4.33 9.25 -7.43
C GLU A 81 -2.83 8.95 -7.27
N THR A 82 -2.14 8.86 -8.41
CA THR A 82 -0.70 8.58 -8.40
C THR A 82 0.08 9.76 -8.97
N TYR A 83 1.04 10.25 -8.20
CA TYR A 83 1.87 11.36 -8.62
C TYR A 83 3.27 10.90 -9.03
N GLU A 84 3.33 9.78 -9.73
CA GLU A 84 4.60 9.23 -10.17
C GLU A 84 4.90 9.63 -11.62
N TRP A 85 5.56 10.78 -11.78
CA TRP A 85 5.90 11.29 -13.10
C TRP A 85 7.37 10.99 -13.43
N GLY A 1 -7.60 33.67 -30.17
CA GLY A 1 -7.34 32.30 -29.79
C GLY A 1 -6.85 32.17 -28.36
N SER A 2 -5.60 32.58 -28.13
CA SER A 2 -5.01 32.50 -26.81
C SER A 2 -5.39 31.20 -26.11
N SER A 3 -5.22 30.08 -26.82
CA SER A 3 -5.56 28.78 -26.26
C SER A 3 -4.49 27.74 -26.63
N GLY A 4 -4.09 26.93 -25.65
CA GLY A 4 -3.09 25.93 -25.90
C GLY A 4 -2.76 25.12 -24.65
N SER A 5 -2.07 24.01 -24.83
CA SER A 5 -1.71 23.14 -23.71
C SER A 5 -0.22 22.80 -23.75
N SER A 6 0.50 23.11 -22.67
CA SER A 6 1.92 22.84 -22.60
C SER A 6 2.36 22.66 -21.14
N GLY A 7 2.82 21.44 -20.83
CA GLY A 7 3.26 21.14 -19.48
C GLY A 7 2.51 19.97 -18.87
N GLU A 8 2.90 18.77 -19.26
CA GLU A 8 2.27 17.55 -18.74
C GLU A 8 3.25 16.39 -18.72
N ASP A 9 2.93 15.38 -17.92
CA ASP A 9 3.78 14.20 -17.80
C ASP A 9 2.96 12.92 -17.90
N ASN A 10 3.60 11.85 -18.37
CA ASN A 10 2.93 10.56 -18.52
C ASN A 10 2.78 9.87 -17.17
N ARG A 11 1.66 10.09 -16.51
CA ARG A 11 1.39 9.49 -15.21
C ARG A 11 1.10 7.99 -15.35
N ARG A 12 1.61 7.19 -14.42
CA ARG A 12 1.40 5.76 -14.44
C ARG A 12 1.34 5.19 -13.02
N PRO A 13 0.51 4.15 -12.84
CA PRO A 13 0.34 3.50 -11.53
C PRO A 13 1.58 2.71 -11.12
N LEU A 14 1.83 2.67 -9.81
CA LEU A 14 2.98 1.95 -9.28
C LEU A 14 2.69 0.46 -9.15
N TRP A 15 1.65 0.14 -8.38
CA TRP A 15 1.25 -1.25 -8.18
C TRP A 15 0.22 -1.68 -9.22
N GLU A 16 -0.24 -2.93 -9.11
CA GLU A 16 -1.24 -3.46 -10.03
C GLU A 16 -2.54 -3.77 -9.30
N PRO A 17 -3.66 -3.67 -10.04
CA PRO A 17 -5.00 -3.95 -9.50
C PRO A 17 -5.20 -5.42 -9.18
N GLU A 18 -4.19 -6.24 -9.48
CA GLU A 18 -4.28 -7.67 -9.23
C GLU A 18 -3.69 -8.01 -7.86
N GLU A 19 -2.55 -7.40 -7.54
CA GLU A 19 -1.88 -7.64 -6.26
C GLU A 19 -2.55 -6.84 -5.14
N THR A 20 -3.10 -7.55 -4.17
CA THR A 20 -3.77 -6.91 -3.04
C THR A 20 -2.86 -5.88 -2.38
N VAL A 21 -3.12 -4.61 -2.65
CA VAL A 21 -2.33 -3.52 -2.09
C VAL A 21 -3.09 -2.82 -0.97
N VAL A 22 -2.40 -2.57 0.14
CA VAL A 22 -3.01 -1.90 1.28
C VAL A 22 -2.26 -0.62 1.64
N ILE A 23 -2.94 0.27 2.36
CA ILE A 23 -2.32 1.54 2.76
C ILE A 23 -2.41 1.73 4.27
N ALA A 24 -1.40 2.38 4.83
CA ALA A 24 -1.38 2.65 6.27
C ALA A 24 -2.03 3.98 6.61
N LEU A 25 -3.00 3.94 7.52
CA LEU A 25 -3.70 5.15 7.93
C LEU A 25 -2.82 6.03 8.80
N TYR A 26 -1.92 5.41 9.56
CA TYR A 26 -1.01 6.13 10.43
C TYR A 26 0.41 5.61 10.30
N ASP A 27 1.36 6.36 10.83
CA ASP A 27 2.77 5.98 10.78
C ASP A 27 3.13 5.10 11.96
N TYR A 28 3.05 3.79 11.77
CA TYR A 28 3.37 2.83 12.82
C TYR A 28 4.87 2.80 13.09
N GLN A 29 5.23 2.50 14.34
CA GLN A 29 6.64 2.44 14.72
C GLN A 29 6.93 1.17 15.51
N THR A 30 8.07 0.56 15.23
CA THR A 30 8.47 -0.67 15.91
C THR A 30 9.99 -0.85 15.89
N ASN A 31 10.51 -1.53 16.91
CA ASN A 31 11.94 -1.76 17.02
C ASN A 31 12.25 -3.25 17.05
N ASP A 32 11.52 -4.01 16.23
CA ASP A 32 11.72 -5.46 16.16
C ASP A 32 11.94 -5.90 14.72
N PRO A 33 12.85 -6.87 14.54
CA PRO A 33 13.18 -7.41 13.21
C PRO A 33 12.05 -8.23 12.63
N GLN A 34 11.16 -8.71 13.49
CA GLN A 34 10.01 -9.52 13.05
C GLN A 34 8.87 -8.63 12.58
N GLU A 35 8.74 -7.46 13.21
CA GLU A 35 7.67 -6.53 12.85
C GLU A 35 8.21 -5.43 11.93
N LEU A 36 7.31 -4.79 11.20
CA LEU A 36 7.68 -3.72 10.28
C LEU A 36 6.98 -2.41 10.65
N ALA A 37 7.69 -1.31 10.53
CA ALA A 37 7.14 0.00 10.84
C ALA A 37 6.48 0.63 9.62
N LEU A 38 5.16 0.59 9.57
CA LEU A 38 4.41 1.15 8.45
C LEU A 38 4.63 2.66 8.35
N ARG A 39 4.35 3.21 7.18
CA ARG A 39 4.51 4.64 6.95
C ARG A 39 3.18 5.30 6.60
N ARG A 40 3.00 6.54 7.05
CA ARG A 40 1.77 7.27 6.79
C ARG A 40 1.66 7.63 5.31
N ASN A 41 0.58 7.18 4.67
CA ASN A 41 0.36 7.45 3.26
C ASN A 41 1.27 6.60 2.39
N GLU A 42 1.46 5.35 2.79
CA GLU A 42 2.32 4.43 2.05
C GLU A 42 1.60 3.12 1.76
N GLU A 43 1.80 2.58 0.56
CA GLU A 43 1.16 1.33 0.17
C GLU A 43 2.06 0.14 0.49
N TYR A 44 1.44 -1.02 0.69
CA TYR A 44 2.18 -2.23 1.01
C TYR A 44 1.49 -3.47 0.44
N CYS A 45 2.29 -4.43 -0.01
CA CYS A 45 1.75 -5.66 -0.59
C CYS A 45 1.51 -6.71 0.50
N LEU A 46 0.33 -7.33 0.46
CA LEU A 46 -0.03 -8.34 1.45
C LEU A 46 0.52 -9.70 1.04
N LEU A 47 1.49 -10.20 1.81
CA LEU A 47 2.09 -11.50 1.54
C LEU A 47 1.25 -12.63 2.10
N ASP A 48 0.99 -12.57 3.41
CA ASP A 48 0.19 -13.59 4.07
C ASP A 48 -0.50 -13.01 5.31
N SER A 49 -1.83 -13.12 5.34
CA SER A 49 -2.60 -12.62 6.46
C SER A 49 -3.01 -13.75 7.40
N SER A 50 -2.09 -14.69 7.62
CA SER A 50 -2.35 -15.82 8.49
C SER A 50 -3.09 -15.38 9.76
N GLU A 51 -2.53 -14.38 10.43
CA GLU A 51 -3.13 -13.87 11.66
C GLU A 51 -4.12 -12.76 11.36
N ILE A 52 -4.98 -12.45 12.32
CA ILE A 52 -5.99 -11.42 12.16
C ILE A 52 -5.44 -10.05 12.56
N HIS A 53 -4.90 -9.96 13.76
CA HIS A 53 -4.35 -8.71 14.26
C HIS A 53 -3.01 -8.41 13.59
N TRP A 54 -2.25 -9.46 13.32
CA TRP A 54 -0.95 -9.30 12.68
C TRP A 54 -0.99 -9.79 11.23
N TRP A 55 -0.65 -8.91 10.30
CA TRP A 55 -0.65 -9.25 8.88
C TRP A 55 0.75 -9.14 8.30
N ARG A 56 1.08 -10.06 7.39
CA ARG A 56 2.39 -10.06 6.75
C ARG A 56 2.35 -9.29 5.42
N VAL A 57 3.16 -8.25 5.33
CA VAL A 57 3.21 -7.43 4.12
C VAL A 57 4.66 -7.21 3.69
N GLN A 58 4.83 -6.61 2.51
CA GLN A 58 6.17 -6.34 1.97
C GLN A 58 6.22 -4.96 1.33
N ASP A 59 7.12 -4.11 1.83
CA ASP A 59 7.27 -2.76 1.30
C ASP A 59 7.74 -2.80 -0.15
N ARG A 60 7.69 -1.64 -0.81
CA ARG A 60 8.09 -1.54 -2.20
C ARG A 60 9.54 -2.00 -2.38
N ASN A 61 10.39 -1.67 -1.41
CA ASN A 61 11.79 -2.04 -1.45
C ASN A 61 11.96 -3.53 -1.17
N GLY A 62 11.29 -4.02 -0.14
CA GLY A 62 11.39 -5.42 0.22
C GLY A 62 11.47 -5.64 1.72
N HIS A 63 10.81 -4.76 2.48
CA HIS A 63 10.81 -4.86 3.92
C HIS A 63 9.52 -5.51 4.42
N GLU A 64 9.63 -6.72 4.95
CA GLU A 64 8.48 -7.45 5.46
C GLU A 64 8.48 -7.47 6.99
N GLY A 65 7.34 -7.82 7.56
CA GLY A 65 7.22 -7.88 9.00
C GLY A 65 5.79 -7.82 9.49
N TYR A 66 5.53 -8.37 10.66
CA TYR A 66 4.18 -8.38 11.23
C TYR A 66 3.72 -6.97 11.55
N VAL A 67 2.64 -6.54 10.89
CA VAL A 67 2.09 -5.21 11.10
C VAL A 67 0.62 -5.28 11.52
N PRO A 68 0.19 -4.28 12.29
CA PRO A 68 -1.19 -4.21 12.77
C PRO A 68 -2.19 -3.92 11.66
N SER A 69 -2.90 -4.95 11.22
CA SER A 69 -3.88 -4.80 10.14
C SER A 69 -4.65 -3.49 10.29
N SER A 70 -4.89 -3.09 11.54
CA SER A 70 -5.62 -1.86 11.82
C SER A 70 -5.12 -0.72 10.94
N TYR A 71 -3.81 -0.55 10.89
CA TYR A 71 -3.20 0.51 10.09
C TYR A 71 -3.41 0.26 8.61
N LEU A 72 -3.20 -0.99 8.18
CA LEU A 72 -3.36 -1.37 6.79
C LEU A 72 -4.83 -1.28 6.37
N VAL A 73 -5.07 -0.89 5.12
CA VAL A 73 -6.42 -0.78 4.61
C VAL A 73 -6.49 -1.17 3.14
N GLU A 74 -7.47 -1.98 2.78
CA GLU A 74 -7.64 -2.43 1.41
C GLU A 74 -7.77 -1.24 0.46
N LYS A 75 -6.78 -1.07 -0.40
CA LYS A 75 -6.77 0.03 -1.37
C LYS A 75 -8.17 0.23 -1.96
N SER A 76 -8.81 1.34 -1.60
CA SER A 76 -10.14 1.65 -2.10
C SER A 76 -10.24 1.36 -3.60
N PRO A 77 -11.46 1.04 -4.06
CA PRO A 77 -11.72 0.74 -5.47
C PRO A 77 -11.61 1.97 -6.36
N ASN A 78 -12.01 3.12 -5.82
CA ASN A 78 -11.94 4.38 -6.57
C ASN A 78 -10.51 4.88 -6.66
N ASN A 79 -10.06 5.17 -7.89
CA ASN A 79 -8.72 5.66 -8.11
C ASN A 79 -8.65 7.17 -7.92
N LEU A 80 -8.11 7.60 -6.78
CA LEU A 80 -7.99 9.02 -6.47
C LEU A 80 -6.67 9.57 -6.99
N GLU A 81 -6.65 10.87 -7.27
CA GLU A 81 -5.45 11.53 -7.78
C GLU A 81 -4.47 11.82 -6.64
N THR A 82 -3.51 10.93 -6.45
CA THR A 82 -2.51 11.09 -5.40
C THR A 82 -1.33 11.94 -5.88
N TYR A 83 -0.64 12.55 -4.94
CA TYR A 83 0.51 13.40 -5.26
C TYR A 83 1.68 12.56 -5.77
N GLU A 84 2.09 12.81 -7.01
CA GLU A 84 3.19 12.08 -7.60
C GLU A 84 4.37 13.01 -7.90
N TRP A 85 4.62 13.93 -6.98
CA TRP A 85 5.71 14.88 -7.13
C TRP A 85 7.08 14.19 -6.96
N GLY A 1 20.99 19.83 -37.31
CA GLY A 1 21.98 19.11 -36.53
C GLY A 1 21.39 18.47 -35.29
N SER A 2 20.77 17.31 -35.47
CA SER A 2 20.15 16.59 -34.36
C SER A 2 20.61 15.14 -34.33
N SER A 3 20.34 14.46 -33.21
CA SER A 3 20.74 13.07 -33.06
C SER A 3 19.79 12.15 -33.82
N GLY A 4 18.50 12.37 -33.66
CA GLY A 4 17.50 11.56 -34.34
C GLY A 4 16.33 11.21 -33.45
N SER A 5 15.96 9.93 -33.42
CA SER A 5 14.84 9.47 -32.61
C SER A 5 15.02 9.89 -31.15
N SER A 6 13.91 9.95 -30.42
CA SER A 6 13.94 10.34 -29.02
C SER A 6 13.96 9.11 -28.11
N GLY A 7 13.08 8.16 -28.40
CA GLY A 7 13.01 6.94 -27.60
C GLY A 7 12.18 7.12 -26.35
N GLU A 8 10.98 7.69 -26.50
CA GLU A 8 10.09 7.92 -25.37
C GLU A 8 9.45 6.61 -24.92
N ASP A 9 8.87 6.63 -23.72
CA ASP A 9 8.22 5.45 -23.16
C ASP A 9 7.28 5.83 -22.03
N ASN A 10 6.16 5.12 -21.93
CA ASN A 10 5.17 5.37 -20.88
C ASN A 10 5.60 4.75 -19.56
N ARG A 11 5.48 5.52 -18.48
CA ARG A 11 5.85 5.03 -17.16
C ARG A 11 4.99 3.83 -16.76
N ARG A 12 5.65 2.80 -16.22
CA ARG A 12 4.95 1.59 -15.80
C ARG A 12 4.69 1.62 -14.30
N PRO A 13 3.59 0.97 -13.89
CA PRO A 13 3.19 0.91 -12.47
C PRO A 13 4.13 0.02 -11.65
N LEU A 14 3.91 -0.01 -10.34
CA LEU A 14 4.73 -0.82 -9.45
C LEU A 14 3.99 -2.07 -9.00
N TRP A 15 2.80 -1.87 -8.43
CA TRP A 15 1.99 -2.98 -7.95
C TRP A 15 1.12 -3.54 -9.07
N GLU A 16 0.32 -4.55 -8.75
CA GLU A 16 -0.57 -5.16 -9.74
C GLU A 16 -2.04 -4.99 -9.34
N PRO A 17 -2.92 -5.01 -10.34
CA PRO A 17 -4.36 -4.86 -10.13
C PRO A 17 -4.98 -6.06 -9.43
N GLU A 18 -4.55 -7.26 -9.84
CA GLU A 18 -5.05 -8.49 -9.24
C GLU A 18 -4.60 -8.63 -7.80
N GLU A 19 -3.33 -8.32 -7.54
CA GLU A 19 -2.77 -8.40 -6.20
C GLU A 19 -3.56 -7.54 -5.22
N THR A 20 -3.34 -7.77 -3.93
CA THR A 20 -4.03 -7.02 -2.89
C THR A 20 -3.11 -5.96 -2.28
N VAL A 21 -3.36 -4.70 -2.61
CA VAL A 21 -2.56 -3.60 -2.09
C VAL A 21 -3.25 -2.91 -0.92
N VAL A 22 -2.50 -2.62 0.13
CA VAL A 22 -3.05 -1.95 1.30
C VAL A 22 -2.22 -0.72 1.68
N ILE A 23 -2.87 0.23 2.34
CA ILE A 23 -2.19 1.46 2.75
C ILE A 23 -2.25 1.63 4.27
N ALA A 24 -1.27 2.34 4.81
CA ALA A 24 -1.21 2.59 6.25
C ALA A 24 -1.88 3.91 6.62
N LEU A 25 -2.68 3.89 7.68
CA LEU A 25 -3.38 5.08 8.13
C LEU A 25 -2.48 5.93 9.02
N TYR A 26 -1.54 5.28 9.69
CA TYR A 26 -0.61 5.98 10.58
C TYR A 26 0.78 5.36 10.51
N ASP A 27 1.78 6.10 10.99
CA ASP A 27 3.15 5.62 10.98
C ASP A 27 3.42 4.75 12.20
N TYR A 28 3.29 3.44 12.02
CA TYR A 28 3.51 2.48 13.11
C TYR A 28 5.01 2.30 13.36
N GLN A 29 5.42 2.48 14.60
CA GLN A 29 6.82 2.31 14.98
C GLN A 29 7.00 1.16 15.95
N THR A 30 8.01 0.32 15.69
CA THR A 30 8.28 -0.83 16.54
C THR A 30 9.78 -1.00 16.77
N ASN A 31 10.15 -1.55 17.92
CA ASN A 31 11.55 -1.77 18.26
C ASN A 31 11.97 -3.18 17.89
N ASP A 32 11.02 -4.12 17.92
CA ASP A 32 11.31 -5.51 17.59
C ASP A 32 11.76 -5.64 16.15
N PRO A 33 12.74 -6.53 15.92
CA PRO A 33 13.29 -6.77 14.57
C PRO A 33 12.30 -7.48 13.67
N GLN A 34 11.43 -8.29 14.27
CA GLN A 34 10.43 -9.03 13.50
C GLN A 34 9.34 -8.11 13.00
N GLU A 35 8.86 -7.23 13.88
CA GLU A 35 7.81 -6.29 13.53
C GLU A 35 8.33 -5.23 12.55
N LEU A 36 7.44 -4.77 11.67
CA LEU A 36 7.81 -3.77 10.67
C LEU A 36 7.15 -2.43 11.00
N ALA A 37 7.86 -1.34 10.69
CA ALA A 37 7.34 -0.01 10.95
C ALA A 37 6.65 0.56 9.70
N LEU A 38 5.33 0.66 9.77
CA LEU A 38 4.55 1.19 8.65
C LEU A 38 4.79 2.68 8.47
N ARG A 39 4.50 3.18 7.27
CA ARG A 39 4.69 4.60 6.97
C ARG A 39 3.39 5.23 6.49
N ARG A 40 3.07 6.41 7.02
CA ARG A 40 1.85 7.11 6.64
C ARG A 40 1.86 7.46 5.16
N ASN A 41 0.82 7.05 4.45
CA ASN A 41 0.71 7.31 3.02
C ASN A 41 1.67 6.44 2.23
N GLU A 42 1.58 5.12 2.44
CA GLU A 42 2.44 4.18 1.75
C GLU A 42 1.71 2.86 1.50
N GLU A 43 1.85 2.33 0.30
CA GLU A 43 1.21 1.07 -0.07
C GLU A 43 2.09 -0.13 0.32
N TYR A 44 1.45 -1.27 0.55
CA TYR A 44 2.17 -2.48 0.92
C TYR A 44 1.46 -3.73 0.40
N CYS A 45 2.21 -4.59 -0.27
CA CYS A 45 1.66 -5.82 -0.82
C CYS A 45 1.38 -6.83 0.28
N LEU A 46 0.14 -7.28 0.36
CA LEU A 46 -0.26 -8.26 1.37
C LEU A 46 0.26 -9.65 1.02
N LEU A 47 1.34 -10.04 1.69
CA LEU A 47 1.95 -11.35 1.45
C LEU A 47 1.01 -12.47 1.91
N ASP A 48 0.80 -12.56 3.22
CA ASP A 48 -0.07 -13.58 3.78
C ASP A 48 -0.83 -13.04 4.99
N SER A 49 -2.06 -13.52 5.17
CA SER A 49 -2.90 -13.08 6.28
C SER A 49 -3.08 -14.20 7.31
N SER A 50 -2.03 -14.99 7.50
CA SER A 50 -2.07 -16.09 8.45
C SER A 50 -2.87 -15.71 9.69
N GLU A 51 -2.66 -14.50 10.17
CA GLU A 51 -3.36 -14.02 11.36
C GLU A 51 -4.37 -12.94 10.98
N ILE A 52 -5.04 -12.40 12.00
CA ILE A 52 -6.05 -11.36 11.78
C ILE A 52 -5.53 -9.99 12.24
N HIS A 53 -4.97 -9.96 13.44
CA HIS A 53 -4.43 -8.73 14.01
C HIS A 53 -3.10 -8.37 13.36
N TRP A 54 -2.24 -9.37 13.20
CA TRP A 54 -0.93 -9.17 12.60
C TRP A 54 -0.87 -9.78 11.20
N TRP A 55 -0.53 -8.94 10.22
CA TRP A 55 -0.43 -9.40 8.83
C TRP A 55 0.99 -9.28 8.31
N ARG A 56 1.32 -10.10 7.32
CA ARG A 56 2.66 -10.09 6.74
C ARG A 56 2.68 -9.32 5.41
N VAL A 57 3.42 -8.22 5.38
CA VAL A 57 3.51 -7.40 4.17
C VAL A 57 4.97 -7.04 3.87
N GLN A 58 5.20 -6.51 2.68
CA GLN A 58 6.54 -6.13 2.26
C GLN A 58 6.55 -4.71 1.70
N ASP A 59 7.59 -3.95 2.03
CA ASP A 59 7.73 -2.58 1.56
C ASP A 59 8.28 -2.54 0.15
N ARG A 60 8.19 -1.37 -0.49
CA ARG A 60 8.69 -1.20 -1.85
C ARG A 60 10.17 -1.53 -1.94
N ASN A 61 10.91 -1.17 -0.90
CA ASN A 61 12.35 -1.43 -0.85
C ASN A 61 12.63 -2.91 -0.65
N GLY A 62 11.98 -3.50 0.34
CA GLY A 62 12.17 -4.91 0.63
C GLY A 62 12.12 -5.22 2.11
N HIS A 63 11.31 -4.47 2.85
CA HIS A 63 11.19 -4.66 4.29
C HIS A 63 9.81 -5.22 4.64
N GLU A 64 9.79 -6.39 5.26
CA GLU A 64 8.53 -7.03 5.64
C GLU A 64 8.53 -7.35 7.14
N GLY A 65 7.36 -7.73 7.66
CA GLY A 65 7.24 -8.05 9.06
C GLY A 65 5.80 -8.13 9.52
N TYR A 66 5.60 -8.23 10.83
CA TYR A 66 4.26 -8.32 11.39
C TYR A 66 3.73 -6.94 11.78
N VAL A 67 2.70 -6.50 11.08
CA VAL A 67 2.10 -5.20 11.35
C VAL A 67 0.61 -5.32 11.67
N PRO A 68 0.09 -4.34 12.42
CA PRO A 68 -1.33 -4.33 12.82
C PRO A 68 -2.25 -4.06 11.64
N SER A 69 -2.98 -5.07 11.21
CA SER A 69 -3.90 -4.95 10.09
C SER A 69 -4.67 -3.62 10.17
N SER A 70 -5.11 -3.28 11.38
CA SER A 70 -5.85 -2.05 11.60
C SER A 70 -5.26 -0.90 10.78
N TYR A 71 -3.96 -0.70 10.92
CA TYR A 71 -3.27 0.36 10.19
C TYR A 71 -3.43 0.19 8.69
N LEU A 72 -3.39 -1.05 8.24
CA LEU A 72 -3.53 -1.36 6.81
C LEU A 72 -4.99 -1.26 6.38
N VAL A 73 -5.21 -0.75 5.17
CA VAL A 73 -6.56 -0.61 4.64
C VAL A 73 -6.61 -1.03 3.17
N GLU A 74 -7.69 -1.69 2.78
CA GLU A 74 -7.87 -2.14 1.41
C GLU A 74 -8.01 -0.96 0.46
N LYS A 75 -6.97 -0.73 -0.35
CA LYS A 75 -6.98 0.37 -1.31
C LYS A 75 -8.31 0.46 -2.03
N SER A 76 -9.00 1.57 -1.85
CA SER A 76 -10.30 1.79 -2.49
C SER A 76 -10.31 1.21 -3.91
N PRO A 77 -11.48 0.73 -4.34
CA PRO A 77 -11.65 0.14 -5.67
C PRO A 77 -11.57 1.19 -6.77
N ASN A 78 -11.44 2.45 -6.38
CA ASN A 78 -11.35 3.55 -7.33
C ASN A 78 -10.35 3.23 -8.45
N ASN A 79 -10.66 3.66 -9.66
CA ASN A 79 -9.80 3.43 -10.80
C ASN A 79 -8.71 4.49 -10.90
N LEU A 80 -7.52 4.08 -11.32
CA LEU A 80 -6.39 5.00 -11.46
C LEU A 80 -5.81 4.94 -12.86
N GLU A 81 -6.50 4.25 -13.76
CA GLU A 81 -6.05 4.12 -15.15
C GLU A 81 -6.12 5.46 -15.87
N THR A 82 -5.00 6.18 -15.88
CA THR A 82 -4.93 7.48 -16.54
C THR A 82 -4.18 7.39 -17.86
N TYR A 83 -4.21 8.48 -18.63
CA TYR A 83 -3.53 8.51 -19.92
C TYR A 83 -4.08 7.45 -20.85
N GLU A 84 -5.41 7.35 -20.91
CA GLU A 84 -6.06 6.37 -21.77
C GLU A 84 -6.66 7.04 -23.00
N TRP A 85 -5.86 7.14 -24.06
CA TRP A 85 -6.31 7.77 -25.30
C TRP A 85 -6.69 6.70 -26.34
N GLY A 1 -8.40 21.76 -25.48
CA GLY A 1 -9.06 20.48 -25.66
C GLY A 1 -8.14 19.45 -26.30
N SER A 2 -8.30 18.19 -25.90
CA SER A 2 -7.48 17.11 -26.43
C SER A 2 -8.28 15.81 -26.51
N SER A 3 -7.90 14.95 -27.45
CA SER A 3 -8.58 13.67 -27.64
C SER A 3 -7.63 12.63 -28.21
N GLY A 4 -7.68 11.42 -27.65
CA GLY A 4 -6.82 10.36 -28.12
C GLY A 4 -7.50 9.45 -29.13
N SER A 5 -6.98 9.42 -30.35
CA SER A 5 -7.54 8.61 -31.41
C SER A 5 -7.44 7.13 -31.06
N SER A 6 -6.24 6.70 -30.66
CA SER A 6 -6.01 5.30 -30.31
C SER A 6 -6.41 5.04 -28.85
N GLY A 7 -7.56 5.55 -28.45
CA GLY A 7 -8.03 5.37 -27.09
C GLY A 7 -8.02 6.66 -26.29
N GLU A 8 -9.21 7.18 -25.99
CA GLU A 8 -9.33 8.41 -25.23
C GLU A 8 -8.52 8.35 -23.94
N ASP A 9 -8.67 7.24 -23.21
CA ASP A 9 -7.95 7.05 -21.96
C ASP A 9 -7.76 5.57 -21.67
N ASN A 10 -6.73 5.25 -20.89
CA ASN A 10 -6.44 3.86 -20.54
C ASN A 10 -6.49 3.66 -19.03
N ARG A 11 -6.43 2.41 -18.61
CA ARG A 11 -6.48 2.08 -17.19
C ARG A 11 -5.40 1.06 -16.82
N ARG A 12 -4.53 1.43 -15.89
CA ARG A 12 -3.46 0.56 -15.45
C ARG A 12 -3.37 0.52 -13.93
N PRO A 13 -2.95 -0.64 -13.39
CA PRO A 13 -2.81 -0.82 -11.94
C PRO A 13 -1.65 -0.03 -11.36
N LEU A 14 -1.42 -0.19 -10.06
CA LEU A 14 -0.34 0.52 -9.38
C LEU A 14 0.74 -0.45 -8.92
N TRP A 15 0.32 -1.57 -8.33
CA TRP A 15 1.26 -2.58 -7.86
C TRP A 15 1.13 -3.86 -8.66
N GLU A 16 0.02 -4.58 -8.46
CA GLU A 16 -0.22 -5.83 -9.17
C GLU A 16 -1.68 -6.24 -9.06
N PRO A 17 -2.20 -6.84 -10.15
CA PRO A 17 -3.60 -7.28 -10.22
C PRO A 17 -3.86 -8.48 -9.30
N GLU A 18 -3.02 -9.50 -9.42
CA GLU A 18 -3.16 -10.71 -8.60
C GLU A 18 -2.47 -10.53 -7.25
N GLU A 19 -2.53 -9.32 -6.72
CA GLU A 19 -1.92 -9.02 -5.42
C GLU A 19 -2.79 -8.08 -4.60
N THR A 20 -2.80 -8.29 -3.29
CA THR A 20 -3.60 -7.46 -2.40
C THR A 20 -2.77 -6.32 -1.81
N VAL A 21 -3.01 -5.11 -2.30
CA VAL A 21 -2.28 -3.93 -1.83
C VAL A 21 -3.04 -3.23 -0.72
N VAL A 22 -2.34 -2.87 0.34
CA VAL A 22 -2.95 -2.19 1.47
C VAL A 22 -2.22 -0.88 1.79
N ILE A 23 -2.95 0.07 2.37
CA ILE A 23 -2.36 1.36 2.72
C ILE A 23 -2.42 1.59 4.23
N ALA A 24 -1.36 2.18 4.77
CA ALA A 24 -1.30 2.47 6.20
C ALA A 24 -1.89 3.83 6.52
N LEU A 25 -2.82 3.86 7.47
CA LEU A 25 -3.47 5.10 7.87
C LEU A 25 -2.49 6.03 8.58
N TYR A 26 -1.70 5.47 9.48
CA TYR A 26 -0.72 6.24 10.23
C TYR A 26 0.67 5.65 10.07
N ASP A 27 1.69 6.39 10.52
CA ASP A 27 3.07 5.93 10.44
C ASP A 27 3.45 5.11 11.67
N TYR A 28 3.40 3.78 11.52
CA TYR A 28 3.73 2.88 12.62
C TYR A 28 5.24 2.83 12.84
N GLN A 29 5.65 2.85 14.11
CA GLN A 29 7.06 2.80 14.46
C GLN A 29 7.38 1.55 15.27
N THR A 30 8.44 0.84 14.87
CA THR A 30 8.85 -0.37 15.56
C THR A 30 10.37 -0.50 15.59
N ASN A 31 10.88 -1.11 16.65
CA ASN A 31 12.32 -1.30 16.80
C ASN A 31 12.66 -2.77 17.01
N ASP A 32 11.90 -3.64 16.37
CA ASP A 32 12.12 -5.08 16.48
C ASP A 32 12.18 -5.73 15.11
N PRO A 33 13.04 -6.75 14.98
CA PRO A 33 13.21 -7.48 13.72
C PRO A 33 11.99 -8.33 13.36
N GLN A 34 11.21 -8.69 14.36
CA GLN A 34 10.01 -9.50 14.15
C GLN A 34 8.90 -8.66 13.53
N GLU A 35 8.85 -7.38 13.88
CA GLU A 35 7.84 -6.48 13.36
C GLU A 35 8.43 -5.55 12.30
N LEU A 36 7.58 -4.73 11.70
CA LEU A 36 8.01 -3.79 10.67
C LEU A 36 7.41 -2.41 10.90
N ALA A 37 8.14 -1.38 10.48
CA ALA A 37 7.68 0.00 10.65
C ALA A 37 7.02 0.50 9.38
N LEU A 38 5.71 0.74 9.45
CA LEU A 38 4.96 1.24 8.30
C LEU A 38 5.13 2.74 8.14
N ARG A 39 4.56 3.28 7.07
CA ARG A 39 4.64 4.72 6.80
C ARG A 39 3.29 5.27 6.39
N ARG A 40 3.05 6.54 6.70
CA ARG A 40 1.79 7.20 6.37
C ARG A 40 1.69 7.43 4.86
N ASN A 41 0.55 7.04 4.29
CA ASN A 41 0.31 7.20 2.86
C ASN A 41 1.28 6.33 2.05
N GLU A 42 1.56 5.13 2.57
CA GLU A 42 2.46 4.21 1.90
C GLU A 42 1.81 2.84 1.72
N GLU A 43 1.68 2.41 0.46
CA GLU A 43 1.07 1.12 0.17
C GLU A 43 2.04 -0.02 0.46
N TYR A 44 1.49 -1.20 0.75
CA TYR A 44 2.31 -2.36 1.05
C TYR A 44 1.71 -3.63 0.44
N CYS A 45 2.53 -4.39 -0.26
CA CYS A 45 2.08 -5.62 -0.90
C CYS A 45 1.84 -6.71 0.15
N LEU A 46 0.57 -7.04 0.36
CA LEU A 46 0.20 -8.06 1.33
C LEU A 46 0.66 -9.45 0.87
N LEU A 47 1.50 -10.08 1.68
CA LEU A 47 2.02 -11.41 1.36
C LEU A 47 1.06 -12.49 1.83
N ASP A 48 0.79 -12.51 3.13
CA ASP A 48 -0.12 -13.51 3.70
C ASP A 48 -0.92 -12.90 4.86
N SER A 49 -2.18 -13.31 4.97
CA SER A 49 -3.05 -12.80 6.02
C SER A 49 -3.42 -13.92 7.00
N SER A 50 -2.45 -14.77 7.30
CA SER A 50 -2.67 -15.89 8.22
C SER A 50 -3.44 -15.43 9.46
N GLU A 51 -2.88 -14.44 10.15
CA GLU A 51 -3.51 -13.91 11.36
C GLU A 51 -4.44 -12.74 11.02
N ILE A 52 -5.03 -12.14 12.05
CA ILE A 52 -5.93 -11.02 11.85
C ILE A 52 -5.29 -9.71 12.31
N HIS A 53 -4.97 -9.64 13.60
CA HIS A 53 -4.36 -8.43 14.15
C HIS A 53 -3.03 -8.14 13.48
N TRP A 54 -2.26 -9.20 13.21
CA TRP A 54 -0.96 -9.06 12.56
C TRP A 54 -0.98 -9.66 11.16
N TRP A 55 -0.60 -8.87 10.17
CA TRP A 55 -0.58 -9.33 8.79
C TRP A 55 0.84 -9.25 8.21
N ARG A 56 1.14 -10.14 7.27
CA ARG A 56 2.46 -10.17 6.65
C ARG A 56 2.46 -9.39 5.32
N VAL A 57 3.12 -8.25 5.32
CA VAL A 57 3.20 -7.42 4.12
C VAL A 57 4.65 -7.11 3.76
N GLN A 58 4.84 -6.43 2.63
CA GLN A 58 6.18 -6.07 2.18
C GLN A 58 6.19 -4.67 1.58
N ASP A 59 7.11 -3.84 2.04
CA ASP A 59 7.23 -2.47 1.55
C ASP A 59 7.72 -2.45 0.11
N ARG A 60 7.58 -1.31 -0.55
CA ARG A 60 8.00 -1.16 -1.93
C ARG A 60 9.52 -1.22 -2.04
N ASN A 61 10.19 -1.21 -0.89
CA ASN A 61 11.65 -1.27 -0.86
C ASN A 61 12.13 -2.72 -0.72
N GLY A 62 11.52 -3.45 0.21
CA GLY A 62 11.91 -4.83 0.42
C GLY A 62 11.93 -5.20 1.89
N HIS A 63 11.04 -4.59 2.66
CA HIS A 63 10.96 -4.86 4.10
C HIS A 63 9.58 -5.40 4.47
N GLU A 64 9.55 -6.60 5.06
CA GLU A 64 8.30 -7.22 5.45
C GLU A 64 8.33 -7.61 6.93
N GLY A 65 7.15 -7.78 7.52
CA GLY A 65 7.07 -8.15 8.92
C GLY A 65 5.64 -8.19 9.42
N TYR A 66 5.48 -8.19 10.74
CA TYR A 66 4.15 -8.23 11.35
C TYR A 66 3.68 -6.84 11.73
N VAL A 67 2.66 -6.35 11.02
CA VAL A 67 2.12 -5.02 11.28
C VAL A 67 0.65 -5.10 11.68
N PRO A 68 0.20 -4.11 12.46
CA PRO A 68 -1.19 -4.05 12.93
C PRO A 68 -2.17 -3.75 11.80
N SER A 69 -2.94 -4.76 11.41
CA SER A 69 -3.92 -4.60 10.34
C SER A 69 -4.68 -3.29 10.49
N SER A 70 -4.93 -2.89 11.72
CA SER A 70 -5.65 -1.66 12.01
C SER A 70 -5.14 -0.51 11.14
N TYR A 71 -3.82 -0.44 10.99
CA TYR A 71 -3.19 0.60 10.18
C TYR A 71 -3.39 0.33 8.69
N LEU A 72 -3.22 -0.92 8.30
CA LEU A 72 -3.38 -1.32 6.90
C LEU A 72 -4.83 -1.21 6.47
N VAL A 73 -5.04 -0.80 5.22
CA VAL A 73 -6.39 -0.66 4.69
C VAL A 73 -6.46 -1.17 3.24
N GLU A 74 -7.56 -1.83 2.92
CA GLU A 74 -7.75 -2.37 1.57
C GLU A 74 -8.09 -1.25 0.59
N LYS A 75 -7.16 -0.96 -0.31
CA LYS A 75 -7.36 0.08 -1.31
C LYS A 75 -8.56 -0.24 -2.20
N SER A 76 -9.63 0.55 -2.04
CA SER A 76 -10.84 0.35 -2.83
C SER A 76 -10.76 1.12 -4.14
N PRO A 77 -11.35 0.53 -5.20
CA PRO A 77 -11.36 1.14 -6.53
C PRO A 77 -12.26 2.37 -6.60
N ASN A 78 -12.85 2.72 -5.47
CA ASN A 78 -13.74 3.88 -5.39
C ASN A 78 -12.98 5.17 -5.72
N ASN A 79 -12.69 5.37 -7.00
CA ASN A 79 -11.97 6.56 -7.44
C ASN A 79 -10.93 6.98 -6.41
N LEU A 80 -10.17 6.01 -5.91
CA LEU A 80 -9.15 6.29 -4.91
C LEU A 80 -8.05 7.18 -5.49
N GLU A 81 -8.08 8.46 -5.11
CA GLU A 81 -7.09 9.42 -5.59
C GLU A 81 -6.29 10.00 -4.42
N THR A 82 -5.16 9.35 -4.12
CA THR A 82 -4.30 9.80 -3.03
C THR A 82 -2.94 10.23 -3.55
N TYR A 83 -2.14 10.83 -2.68
CA TYR A 83 -0.81 11.30 -3.06
C TYR A 83 0.14 10.13 -3.29
N GLU A 84 0.50 9.91 -4.54
CA GLU A 84 1.40 8.81 -4.90
C GLU A 84 2.85 9.21 -4.66
N TRP A 85 3.32 8.98 -3.43
CA TRP A 85 4.69 9.32 -3.07
C TRP A 85 5.63 8.16 -3.39
N GLY A 1 9.86 33.47 -21.51
CA GLY A 1 9.35 32.19 -21.94
C GLY A 1 9.24 31.20 -20.80
N SER A 2 9.92 30.08 -20.92
CA SER A 2 9.90 29.04 -19.88
C SER A 2 10.53 29.56 -18.59
N SER A 3 9.87 29.30 -17.47
CA SER A 3 10.35 29.73 -16.17
C SER A 3 9.65 28.97 -15.04
N GLY A 4 10.27 28.98 -13.86
CA GLY A 4 9.70 28.29 -12.72
C GLY A 4 10.12 26.83 -12.65
N SER A 5 9.24 25.99 -12.11
CA SER A 5 9.53 24.57 -11.98
C SER A 5 8.56 23.74 -12.82
N SER A 6 9.11 22.94 -13.73
CA SER A 6 8.30 22.10 -14.60
C SER A 6 8.92 20.72 -14.76
N GLY A 7 8.19 19.69 -14.33
CA GLY A 7 8.68 18.33 -14.44
C GLY A 7 7.89 17.35 -13.60
N GLU A 8 6.89 16.72 -14.20
CA GLU A 8 6.05 15.76 -13.49
C GLU A 8 5.91 14.47 -14.28
N ASP A 9 6.06 13.35 -13.60
CA ASP A 9 5.94 12.04 -14.25
C ASP A 9 4.50 11.75 -14.65
N ASN A 10 4.33 10.93 -15.67
CA ASN A 10 3.01 10.57 -16.17
C ASN A 10 2.26 9.70 -15.15
N ARG A 11 0.99 10.01 -14.94
CA ARG A 11 0.17 9.27 -14.00
C ARG A 11 0.01 7.82 -14.43
N ARG A 12 0.50 6.90 -13.60
CA ARG A 12 0.41 5.47 -13.90
C ARG A 12 0.65 4.64 -12.66
N PRO A 13 -0.12 3.55 -12.52
CA PRO A 13 0.00 2.64 -11.37
C PRO A 13 1.30 1.85 -11.39
N LEU A 14 1.75 1.44 -10.20
CA LEU A 14 2.99 0.67 -10.08
C LEU A 14 2.68 -0.80 -9.81
N TRP A 15 1.92 -1.06 -8.75
CA TRP A 15 1.55 -2.43 -8.40
C TRP A 15 0.54 -3.00 -9.38
N GLU A 16 0.08 -4.22 -9.11
CA GLU A 16 -0.90 -4.88 -9.97
C GLU A 16 -2.26 -4.95 -9.28
N PRO A 17 -3.33 -5.03 -10.09
CA PRO A 17 -4.70 -5.11 -9.58
C PRO A 17 -4.99 -6.46 -8.91
N GLU A 18 -4.67 -7.54 -9.60
CA GLU A 18 -4.90 -8.88 -9.07
C GLU A 18 -4.35 -9.00 -7.65
N GLU A 19 -3.15 -8.46 -7.45
CA GLU A 19 -2.50 -8.51 -6.14
C GLU A 19 -3.23 -7.63 -5.13
N THR A 20 -3.16 -7.98 -3.85
CA THR A 20 -3.81 -7.23 -2.81
C THR A 20 -2.87 -6.18 -2.22
N VAL A 21 -3.20 -4.91 -2.43
CA VAL A 21 -2.38 -3.81 -1.91
C VAL A 21 -3.13 -3.02 -0.84
N VAL A 22 -2.42 -2.70 0.25
CA VAL A 22 -3.02 -1.95 1.34
C VAL A 22 -2.21 -0.69 1.65
N ILE A 23 -2.78 0.19 2.47
CA ILE A 23 -2.10 1.42 2.85
C ILE A 23 -2.12 1.62 4.35
N ALA A 24 -1.08 2.28 4.87
CA ALA A 24 -0.98 2.53 6.30
C ALA A 24 -1.56 3.90 6.66
N LEU A 25 -2.58 3.88 7.51
CA LEU A 25 -3.23 5.11 7.93
C LEU A 25 -2.28 5.97 8.77
N TYR A 26 -1.50 5.33 9.63
CA TYR A 26 -0.56 6.04 10.47
C TYR A 26 0.83 5.39 10.40
N ASP A 27 1.86 6.19 10.62
CA ASP A 27 3.24 5.70 10.58
C ASP A 27 3.54 4.86 11.83
N TYR A 28 3.42 3.54 11.68
CA TYR A 28 3.68 2.63 12.78
C TYR A 28 5.17 2.47 13.02
N GLN A 29 5.58 2.52 14.28
CA GLN A 29 6.98 2.37 14.64
C GLN A 29 7.21 1.13 15.49
N THR A 30 8.35 0.48 15.30
CA THR A 30 8.69 -0.72 16.05
C THR A 30 10.17 -1.07 15.89
N ASN A 31 10.88 -1.09 17.01
CA ASN A 31 12.31 -1.41 17.00
C ASN A 31 12.53 -2.91 17.17
N ASP A 32 11.71 -3.70 16.49
CA ASP A 32 11.82 -5.16 16.56
C ASP A 32 12.07 -5.75 15.18
N PRO A 33 12.84 -6.85 15.13
CA PRO A 33 13.17 -7.53 13.88
C PRO A 33 11.96 -8.23 13.27
N GLN A 34 11.23 -8.98 14.09
CA GLN A 34 10.06 -9.71 13.63
C GLN A 34 8.90 -8.74 13.36
N GLU A 35 9.13 -7.46 13.61
CA GLU A 35 8.11 -6.44 13.39
C GLU A 35 8.58 -5.39 12.38
N LEU A 36 7.66 -4.90 11.58
CA LEU A 36 7.97 -3.90 10.57
C LEU A 36 7.28 -2.57 10.88
N ALA A 37 7.95 -1.47 10.56
CA ALA A 37 7.39 -0.14 10.80
C ALA A 37 6.73 0.41 9.54
N LEU A 38 5.41 0.39 9.52
CA LEU A 38 4.66 0.89 8.37
C LEU A 38 4.97 2.37 8.11
N ARG A 39 4.62 2.85 6.93
CA ARG A 39 4.86 4.23 6.55
C ARG A 39 3.56 4.94 6.20
N ARG A 40 3.34 6.10 6.81
CA ARG A 40 2.12 6.87 6.55
C ARG A 40 2.03 7.26 5.08
N ASN A 41 0.87 6.99 4.48
CA ASN A 41 0.65 7.31 3.07
C ASN A 41 1.57 6.49 2.18
N GLU A 42 1.58 5.18 2.37
CA GLU A 42 2.41 4.29 1.58
C GLU A 42 1.71 2.96 1.33
N GLU A 43 1.79 2.47 0.10
CA GLU A 43 1.17 1.21 -0.26
C GLU A 43 2.01 0.02 0.20
N TYR A 44 1.36 -1.10 0.44
CA TYR A 44 2.05 -2.30 0.90
C TYR A 44 1.34 -3.56 0.39
N CYS A 45 2.11 -4.45 -0.25
CA CYS A 45 1.56 -5.69 -0.78
C CYS A 45 1.32 -6.69 0.33
N LEU A 46 0.15 -7.33 0.31
CA LEU A 46 -0.21 -8.31 1.32
C LEU A 46 0.41 -9.67 0.99
N LEU A 47 1.43 -10.06 1.73
CA LEU A 47 2.10 -11.34 1.52
C LEU A 47 1.18 -12.50 1.89
N ASP A 48 0.71 -12.50 3.14
CA ASP A 48 -0.17 -13.55 3.61
C ASP A 48 -1.01 -13.07 4.79
N SER A 49 -2.28 -13.44 4.81
CA SER A 49 -3.19 -13.04 5.88
C SER A 49 -3.39 -14.18 6.87
N SER A 50 -2.33 -14.93 7.13
CA SER A 50 -2.40 -16.07 8.06
C SER A 50 -3.16 -15.68 9.33
N GLU A 51 -2.80 -14.54 9.90
CA GLU A 51 -3.44 -14.06 11.12
C GLU A 51 -4.41 -12.93 10.81
N ILE A 52 -5.04 -12.39 11.86
CA ILE A 52 -5.99 -11.31 11.70
C ILE A 52 -5.44 -9.99 12.26
N HIS A 53 -4.94 -10.05 13.48
CA HIS A 53 -4.38 -8.88 14.13
C HIS A 53 -3.05 -8.49 13.49
N TRP A 54 -2.20 -9.48 13.24
CA TRP A 54 -0.89 -9.23 12.62
C TRP A 54 -0.84 -9.83 11.23
N TRP A 55 -0.63 -8.98 10.23
CA TRP A 55 -0.55 -9.42 8.84
C TRP A 55 0.88 -9.33 8.33
N ARG A 56 1.17 -10.09 7.28
CA ARG A 56 2.51 -10.09 6.69
C ARG A 56 2.53 -9.30 5.38
N VAL A 57 3.28 -8.20 5.39
CA VAL A 57 3.40 -7.34 4.21
C VAL A 57 4.85 -7.04 3.88
N GLN A 58 5.08 -6.42 2.73
CA GLN A 58 6.43 -6.08 2.29
C GLN A 58 6.46 -4.68 1.70
N ASP A 59 7.48 -3.91 2.07
CA ASP A 59 7.63 -2.55 1.56
C ASP A 59 8.16 -2.56 0.13
N ARG A 60 8.07 -1.41 -0.54
CA ARG A 60 8.55 -1.29 -1.91
C ARG A 60 10.05 -1.52 -2.00
N ASN A 61 10.75 -1.24 -0.89
CA ASN A 61 12.20 -1.42 -0.84
C ASN A 61 12.56 -2.90 -0.72
N GLY A 62 11.95 -3.57 0.25
CA GLY A 62 12.22 -4.98 0.47
C GLY A 62 12.24 -5.35 1.93
N HIS A 63 11.41 -4.68 2.72
CA HIS A 63 11.34 -4.95 4.16
C HIS A 63 9.95 -5.43 4.55
N GLU A 64 9.88 -6.58 5.20
CA GLU A 64 8.61 -7.15 5.63
C GLU A 64 8.62 -7.44 7.14
N GLY A 65 7.50 -7.94 7.64
CA GLY A 65 7.40 -8.25 9.06
C GLY A 65 5.97 -8.40 9.53
N TYR A 66 5.70 -7.96 10.75
CA TYR A 66 4.35 -8.05 11.31
C TYR A 66 3.82 -6.67 11.68
N VAL A 67 2.64 -6.35 11.18
CA VAL A 67 2.00 -5.06 11.45
C VAL A 67 0.52 -5.22 11.74
N PRO A 68 -0.03 -4.27 12.52
CA PRO A 68 -1.45 -4.30 12.90
C PRO A 68 -2.37 -4.00 11.72
N SER A 69 -3.11 -5.02 11.28
CA SER A 69 -4.02 -4.86 10.15
C SER A 69 -4.81 -3.56 10.27
N SER A 70 -5.17 -3.20 11.49
CA SER A 70 -5.94 -1.98 11.73
C SER A 70 -5.39 -0.83 10.90
N TYR A 71 -4.07 -0.72 10.83
CA TYR A 71 -3.42 0.34 10.06
C TYR A 71 -3.57 0.10 8.57
N LEU A 72 -3.49 -1.17 8.16
CA LEU A 72 -3.61 -1.53 6.76
C LEU A 72 -5.05 -1.36 6.28
N VAL A 73 -5.20 -0.73 5.12
CA VAL A 73 -6.52 -0.50 4.54
C VAL A 73 -6.60 -1.01 3.11
N GLU A 74 -7.66 -1.75 2.81
CA GLU A 74 -7.85 -2.31 1.47
C GLU A 74 -8.04 -1.20 0.45
N LYS A 75 -7.01 -0.97 -0.37
CA LYS A 75 -7.06 0.06 -1.40
C LYS A 75 -8.27 -0.13 -2.31
N SER A 76 -9.18 0.84 -2.28
CA SER A 76 -10.39 0.78 -3.10
C SER A 76 -10.09 0.16 -4.47
N PRO A 77 -11.06 -0.60 -4.99
CA PRO A 77 -10.93 -1.27 -6.29
C PRO A 77 -10.93 -0.28 -7.45
N ASN A 78 -11.08 -0.80 -8.66
CA ASN A 78 -11.11 0.04 -9.86
C ASN A 78 -12.29 -0.32 -10.76
N ASN A 79 -12.43 -1.62 -11.04
CA ASN A 79 -13.51 -2.09 -11.89
C ASN A 79 -13.46 -1.43 -13.27
N LEU A 80 -12.27 -1.38 -13.84
CA LEU A 80 -12.08 -0.77 -15.16
C LEU A 80 -12.04 -1.83 -16.24
N GLU A 81 -13.06 -1.82 -17.11
CA GLU A 81 -13.14 -2.78 -18.19
C GLU A 81 -12.14 -2.45 -19.30
N THR A 82 -10.96 -3.08 -19.23
CA THR A 82 -9.92 -2.85 -20.21
C THR A 82 -9.95 -3.91 -21.31
N TYR A 83 -11.13 -4.50 -21.52
CA TYR A 83 -11.29 -5.53 -22.54
C TYR A 83 -11.92 -4.95 -23.81
N GLU A 84 -11.28 -5.20 -24.95
CA GLU A 84 -11.76 -4.71 -26.22
C GLU A 84 -12.32 -5.85 -27.08
N TRP A 85 -13.59 -6.18 -26.87
CA TRP A 85 -14.23 -7.26 -27.61
C TRP A 85 -14.15 -7.00 -29.11
N GLY A 1 -1.59 31.72 -33.94
CA GLY A 1 -1.93 30.63 -33.03
C GLY A 1 -1.33 30.82 -31.65
N SER A 2 -1.21 29.74 -30.90
CA SER A 2 -0.65 29.78 -29.55
C SER A 2 0.09 28.49 -29.22
N SER A 3 1.33 28.63 -28.78
CA SER A 3 2.16 27.48 -28.43
C SER A 3 3.27 27.87 -27.46
N GLY A 4 4.00 26.87 -26.97
CA GLY A 4 5.08 27.13 -26.04
C GLY A 4 5.37 25.94 -25.15
N SER A 5 4.47 25.67 -24.21
CA SER A 5 4.63 24.55 -23.29
C SER A 5 3.63 23.45 -23.57
N SER A 6 4.05 22.21 -23.39
CA SER A 6 3.20 21.06 -23.63
C SER A 6 3.27 20.06 -22.47
N GLY A 7 4.45 19.51 -22.26
CA GLY A 7 4.64 18.55 -21.18
C GLY A 7 3.56 17.49 -21.16
N GLU A 8 3.79 16.40 -21.87
CA GLU A 8 2.81 15.31 -21.93
C GLU A 8 2.73 14.58 -20.60
N ASP A 9 1.51 14.33 -20.13
CA ASP A 9 1.29 13.64 -18.87
C ASP A 9 0.69 12.26 -19.10
N ASN A 10 1.50 11.23 -18.84
CA ASN A 10 1.05 9.85 -19.01
C ASN A 10 0.84 9.17 -17.67
N ARG A 11 -0.40 9.21 -17.19
CA ARG A 11 -0.73 8.59 -15.91
C ARG A 11 -0.58 7.07 -15.98
N ARG A 12 0.06 6.50 -14.96
CA ARG A 12 0.27 5.06 -14.90
C ARG A 12 0.47 4.60 -13.47
N PRO A 13 -0.12 3.44 -13.12
CA PRO A 13 -0.01 2.86 -11.78
C PRO A 13 1.39 2.35 -11.48
N LEU A 14 1.62 1.99 -10.22
CA LEU A 14 2.93 1.49 -9.79
C LEU A 14 2.86 0.00 -9.47
N TRP A 15 1.80 -0.41 -8.78
CA TRP A 15 1.62 -1.80 -8.41
C TRP A 15 0.82 -2.55 -9.47
N GLU A 16 0.53 -3.82 -9.22
CA GLU A 16 -0.23 -4.64 -10.15
C GLU A 16 -1.72 -4.51 -9.90
N PRO A 17 -2.52 -4.56 -10.98
CA PRO A 17 -3.98 -4.46 -10.89
C PRO A 17 -4.61 -5.68 -10.25
N GLU A 18 -3.90 -6.80 -10.31
CA GLU A 18 -4.40 -8.05 -9.74
C GLU A 18 -3.56 -8.46 -8.52
N GLU A 19 -3.21 -7.48 -7.69
CA GLU A 19 -2.41 -7.75 -6.50
C GLU A 19 -2.97 -6.99 -5.29
N THR A 20 -3.27 -7.73 -4.24
CA THR A 20 -3.82 -7.14 -3.02
C THR A 20 -2.86 -6.13 -2.42
N VAL A 21 -3.25 -4.86 -2.43
CA VAL A 21 -2.42 -3.79 -1.88
C VAL A 21 -3.12 -3.09 -0.72
N VAL A 22 -2.34 -2.74 0.31
CA VAL A 22 -2.90 -2.05 1.48
C VAL A 22 -2.14 -0.76 1.75
N ILE A 23 -2.79 0.15 2.48
CA ILE A 23 -2.17 1.42 2.82
C ILE A 23 -2.20 1.66 4.33
N ALA A 24 -1.11 2.24 4.84
CA ALA A 24 -1.01 2.52 6.27
C ALA A 24 -1.63 3.86 6.62
N LEU A 25 -2.54 3.85 7.58
CA LEU A 25 -3.21 5.07 8.01
C LEU A 25 -2.29 5.96 8.82
N TYR A 26 -1.44 5.35 9.64
CA TYR A 26 -0.49 6.08 10.47
C TYR A 26 0.92 5.54 10.31
N ASP A 27 1.90 6.42 10.29
CA ASP A 27 3.30 6.04 10.15
C ASP A 27 3.74 5.15 11.32
N TYR A 28 3.60 3.84 11.14
CA TYR A 28 3.99 2.88 12.18
C TYR A 28 5.50 2.72 12.23
N GLN A 29 6.01 2.36 13.41
CA GLN A 29 7.44 2.18 13.60
C GLN A 29 7.72 0.95 14.46
N THR A 30 8.89 0.35 14.26
CA THR A 30 9.27 -0.84 15.02
C THR A 30 10.73 -1.21 14.75
N ASN A 31 11.49 -1.44 15.82
CA ASN A 31 12.89 -1.81 15.70
C ASN A 31 13.07 -3.32 15.81
N ASP A 32 11.97 -4.05 15.75
CA ASP A 32 12.00 -5.50 15.85
C ASP A 32 11.89 -6.14 14.48
N PRO A 33 12.61 -7.26 14.28
CA PRO A 33 12.61 -7.99 13.02
C PRO A 33 11.29 -8.68 12.74
N GLN A 34 10.64 -9.16 13.80
CA GLN A 34 9.35 -9.84 13.67
C GLN A 34 8.29 -8.89 13.14
N GLU A 35 8.48 -7.59 13.39
CA GLU A 35 7.53 -6.58 12.94
C GLU A 35 8.18 -5.64 11.92
N LEU A 36 7.34 -4.92 11.17
CA LEU A 36 7.82 -3.99 10.17
C LEU A 36 7.30 -2.58 10.43
N ALA A 37 8.07 -1.58 10.02
CA ALA A 37 7.68 -0.19 10.21
C ALA A 37 6.99 0.36 8.97
N LEU A 38 5.68 0.59 9.07
CA LEU A 38 4.90 1.11 7.95
C LEU A 38 5.12 2.61 7.79
N ARG A 39 4.76 3.14 6.63
CA ARG A 39 4.92 4.57 6.35
C ARG A 39 3.56 5.22 6.10
N ARG A 40 3.37 6.41 6.66
CA ARG A 40 2.11 7.13 6.50
C ARG A 40 1.87 7.46 5.03
N ASN A 41 0.68 7.10 4.55
CA ASN A 41 0.31 7.36 3.16
C ASN A 41 1.22 6.58 2.21
N GLU A 42 1.32 5.28 2.42
CA GLU A 42 2.17 4.43 1.58
C GLU A 42 1.51 3.07 1.36
N GLU A 43 1.49 2.62 0.11
CA GLU A 43 0.90 1.34 -0.24
C GLU A 43 1.86 0.19 0.07
N TYR A 44 1.32 -1.02 0.12
CA TYR A 44 2.13 -2.20 0.41
C TYR A 44 1.51 -3.45 -0.21
N CYS A 45 2.35 -4.41 -0.56
CA CYS A 45 1.90 -5.65 -1.17
C CYS A 45 1.78 -6.75 -0.13
N LEU A 46 0.55 -7.02 0.30
CA LEU A 46 0.29 -8.05 1.30
C LEU A 46 0.87 -9.39 0.86
N LEU A 47 1.60 -10.05 1.77
CA LEU A 47 2.20 -11.34 1.48
C LEU A 47 1.32 -12.48 1.96
N ASP A 48 0.93 -12.42 3.23
CA ASP A 48 0.07 -13.44 3.81
C ASP A 48 -0.86 -12.85 4.87
N SER A 49 -2.04 -13.44 5.00
CA SER A 49 -3.02 -12.96 5.97
C SER A 49 -3.45 -14.08 6.90
N SER A 50 -2.49 -14.91 7.29
CA SER A 50 -2.76 -16.02 8.19
C SER A 50 -3.44 -15.55 9.47
N GLU A 51 -2.92 -14.47 10.04
CA GLU A 51 -3.47 -13.90 11.26
C GLU A 51 -4.43 -12.75 10.96
N ILE A 52 -5.24 -12.38 11.93
CA ILE A 52 -6.20 -11.30 11.77
C ILE A 52 -5.63 -9.98 12.28
N HIS A 53 -5.23 -9.97 13.55
CA HIS A 53 -4.67 -8.78 14.16
C HIS A 53 -3.32 -8.44 13.55
N TRP A 54 -2.51 -9.47 13.28
CA TRP A 54 -1.20 -9.29 12.69
C TRP A 54 -1.17 -9.73 11.23
N TRP A 55 -0.78 -8.82 10.35
CA TRP A 55 -0.72 -9.12 8.93
C TRP A 55 0.70 -9.01 8.40
N ARG A 56 1.07 -9.90 7.49
CA ARG A 56 2.41 -9.91 6.91
C ARG A 56 2.41 -9.26 5.53
N VAL A 57 3.02 -8.09 5.43
CA VAL A 57 3.09 -7.36 4.17
C VAL A 57 4.54 -7.07 3.79
N GLN A 58 4.75 -6.71 2.53
CA GLN A 58 6.09 -6.41 2.02
C GLN A 58 6.19 -4.95 1.59
N ASP A 59 7.21 -4.25 2.10
CA ASP A 59 7.42 -2.86 1.76
C ASP A 59 7.79 -2.70 0.29
N ARG A 60 7.79 -1.46 -0.19
CA ARG A 60 8.12 -1.18 -1.58
C ARG A 60 9.60 -1.46 -1.86
N ASN A 61 10.44 -1.21 -0.86
CA ASN A 61 11.87 -1.43 -1.00
C ASN A 61 12.19 -2.92 -1.08
N GLY A 62 11.66 -3.69 -0.14
CA GLY A 62 11.89 -5.12 -0.12
C GLY A 62 11.98 -5.68 1.28
N HIS A 63 11.22 -5.10 2.20
CA HIS A 63 11.21 -5.54 3.59
C HIS A 63 9.88 -6.18 3.96
N GLU A 64 9.81 -6.74 5.16
CA GLU A 64 8.58 -7.39 5.63
C GLU A 64 8.53 -7.42 7.15
N GLY A 65 7.38 -7.83 7.69
CA GLY A 65 7.22 -7.89 9.12
C GLY A 65 5.77 -7.82 9.56
N TYR A 66 5.46 -8.42 10.70
CA TYR A 66 4.10 -8.42 11.21
C TYR A 66 3.66 -7.02 11.62
N VAL A 67 2.51 -6.59 11.09
CA VAL A 67 1.98 -5.27 11.40
C VAL A 67 0.50 -5.34 11.75
N PRO A 68 0.03 -4.35 12.52
CA PRO A 68 -1.37 -4.28 12.95
C PRO A 68 -2.31 -3.96 11.79
N SER A 69 -3.07 -4.95 11.35
CA SER A 69 -4.01 -4.76 10.26
C SER A 69 -4.72 -3.42 10.36
N SER A 70 -4.90 -2.95 11.60
CA SER A 70 -5.58 -1.68 11.85
C SER A 70 -5.00 -0.59 10.97
N TYR A 71 -3.67 -0.47 10.97
CA TYR A 71 -2.99 0.55 10.17
C TYR A 71 -3.19 0.30 8.68
N LEU A 72 -3.08 -0.96 8.28
CA LEU A 72 -3.25 -1.34 6.88
C LEU A 72 -4.72 -1.28 6.48
N VAL A 73 -4.97 -0.80 5.25
CA VAL A 73 -6.34 -0.70 4.75
C VAL A 73 -6.44 -1.24 3.32
N GLU A 74 -7.46 -2.07 3.09
CA GLU A 74 -7.67 -2.66 1.78
C GLU A 74 -8.03 -1.59 0.75
N LYS A 75 -7.06 -1.26 -0.11
CA LYS A 75 -7.27 -0.26 -1.14
C LYS A 75 -8.62 -0.45 -1.83
N SER A 76 -9.50 0.54 -1.68
CA SER A 76 -10.82 0.48 -2.29
C SER A 76 -10.74 0.60 -3.81
N PRO A 77 -11.63 -0.11 -4.51
CA PRO A 77 -11.68 -0.10 -5.98
C PRO A 77 -12.16 1.25 -6.53
N ASN A 78 -13.05 1.89 -5.78
CA ASN A 78 -13.60 3.18 -6.20
C ASN A 78 -12.52 4.27 -6.15
N ASN A 79 -11.99 4.51 -4.96
CA ASN A 79 -10.94 5.52 -4.79
C ASN A 79 -11.48 6.90 -5.15
N LEU A 80 -12.62 7.26 -4.56
CA LEU A 80 -13.23 8.56 -4.82
C LEU A 80 -13.21 9.44 -3.57
N GLU A 81 -12.03 9.55 -2.95
CA GLU A 81 -11.88 10.35 -1.74
C GLU A 81 -10.95 11.53 -1.99
N THR A 82 -11.38 12.46 -2.84
CA THR A 82 -10.57 13.63 -3.16
C THR A 82 -10.61 14.66 -2.03
N TYR A 83 -9.67 15.60 -2.05
CA TYR A 83 -9.60 16.63 -1.03
C TYR A 83 -10.58 17.77 -1.33
N GLU A 84 -11.31 18.19 -0.31
CA GLU A 84 -12.28 19.27 -0.46
C GLU A 84 -11.85 20.49 0.34
N TRP A 85 -11.00 21.31 -0.26
CA TRP A 85 -10.51 22.53 0.40
C TRP A 85 -11.60 23.60 0.44
N GLY A 1 -17.69 22.48 -10.80
CA GLY A 1 -16.73 21.45 -11.13
C GLY A 1 -17.10 20.71 -12.40
N SER A 2 -18.16 19.90 -12.33
CA SER A 2 -18.62 19.14 -13.48
C SER A 2 -17.44 18.59 -14.27
N SER A 3 -16.42 18.11 -13.57
CA SER A 3 -15.23 17.57 -14.21
C SER A 3 -15.60 16.73 -15.43
N GLY A 4 -14.89 16.96 -16.53
CA GLY A 4 -15.16 16.22 -17.75
C GLY A 4 -13.89 15.88 -18.52
N SER A 5 -12.97 15.19 -17.86
CA SER A 5 -11.71 14.81 -18.48
C SER A 5 -11.29 13.41 -18.05
N SER A 6 -10.41 12.79 -18.83
CA SER A 6 -9.93 11.45 -18.52
C SER A 6 -8.63 11.16 -19.27
N GLY A 7 -7.61 10.74 -18.52
CA GLY A 7 -6.33 10.43 -19.12
C GLY A 7 -5.97 8.96 -19.02
N GLU A 8 -5.56 8.36 -20.14
CA GLU A 8 -5.19 6.96 -20.15
C GLU A 8 -3.67 6.80 -20.14
N ASP A 9 -2.99 7.60 -20.94
CA ASP A 9 -1.54 7.56 -21.04
C ASP A 9 -0.91 8.77 -20.36
N ASN A 10 -1.48 9.18 -19.23
CA ASN A 10 -0.97 10.32 -18.48
C ASN A 10 -0.29 9.88 -17.19
N ARG A 11 -1.05 9.17 -16.35
CA ARG A 11 -0.53 8.69 -15.07
C ARG A 11 -0.32 7.17 -15.11
N ARG A 12 0.53 6.67 -14.21
CA ARG A 12 0.81 5.26 -14.15
C ARG A 12 0.83 4.77 -12.70
N PRO A 13 0.25 3.58 -12.46
CA PRO A 13 0.19 2.99 -11.12
C PRO A 13 1.56 2.54 -10.63
N LEU A 14 1.61 2.08 -9.38
CA LEU A 14 2.85 1.62 -8.79
C LEU A 14 2.86 0.10 -8.63
N TRP A 15 1.74 -0.45 -8.17
CA TRP A 15 1.61 -1.89 -7.98
C TRP A 15 0.63 -2.49 -9.00
N GLU A 16 0.39 -3.79 -8.87
CA GLU A 16 -0.53 -4.47 -9.78
C GLU A 16 -1.95 -4.46 -9.22
N PRO A 17 -2.94 -4.45 -10.12
CA PRO A 17 -4.36 -4.44 -9.76
C PRO A 17 -4.80 -5.77 -9.14
N GLU A 18 -4.47 -6.87 -9.80
CA GLU A 18 -4.83 -8.20 -9.31
C GLU A 18 -4.30 -8.43 -7.90
N GLU A 19 -3.04 -8.02 -7.68
CA GLU A 19 -2.42 -8.18 -6.38
C GLU A 19 -3.09 -7.30 -5.33
N THR A 20 -3.15 -7.80 -4.09
CA THR A 20 -3.77 -7.05 -3.00
C THR A 20 -2.83 -5.97 -2.48
N VAL A 21 -3.32 -4.73 -2.46
CA VAL A 21 -2.51 -3.61 -1.98
C VAL A 21 -3.23 -2.87 -0.87
N VAL A 22 -2.55 -2.72 0.27
CA VAL A 22 -3.12 -2.02 1.42
C VAL A 22 -2.33 -0.77 1.76
N ILE A 23 -2.99 0.19 2.39
CA ILE A 23 -2.36 1.44 2.77
C ILE A 23 -2.37 1.63 4.29
N ALA A 24 -1.33 2.29 4.81
CA ALA A 24 -1.22 2.53 6.24
C ALA A 24 -1.78 3.90 6.60
N LEU A 25 -2.83 3.91 7.41
CA LEU A 25 -3.47 5.15 7.84
C LEU A 25 -2.49 6.02 8.63
N TYR A 26 -1.55 5.37 9.32
CA TYR A 26 -0.56 6.09 10.11
C TYR A 26 0.82 5.44 9.97
N ASP A 27 1.84 6.12 10.49
CA ASP A 27 3.19 5.61 10.42
C ASP A 27 3.55 4.79 11.65
N TYR A 28 3.32 3.48 11.57
CA TYR A 28 3.61 2.59 12.69
C TYR A 28 5.11 2.47 12.92
N GLN A 29 5.48 2.05 14.13
CA GLN A 29 6.89 1.90 14.49
C GLN A 29 7.09 0.70 15.40
N THR A 30 8.26 0.08 15.31
CA THR A 30 8.58 -1.08 16.14
C THR A 30 10.07 -1.16 16.42
N ASN A 31 10.42 -1.61 17.62
CA ASN A 31 11.82 -1.73 18.02
C ASN A 31 12.35 -3.12 17.69
N ASP A 32 11.45 -4.06 17.47
CA ASP A 32 11.84 -5.43 17.15
C ASP A 32 11.99 -5.61 15.64
N PRO A 33 12.94 -6.46 15.23
CA PRO A 33 13.21 -6.73 13.82
C PRO A 33 12.10 -7.53 13.16
N GLN A 34 11.61 -8.55 13.86
CA GLN A 34 10.54 -9.39 13.34
C GLN A 34 9.38 -8.53 12.83
N GLU A 35 9.02 -7.52 13.60
CA GLU A 35 7.92 -6.63 13.22
C GLU A 35 8.41 -5.55 12.25
N LEU A 36 7.48 -4.99 11.48
CA LEU A 36 7.81 -3.95 10.52
C LEU A 36 7.09 -2.64 10.85
N ALA A 37 7.79 -1.53 10.66
CA ALA A 37 7.22 -0.22 10.94
C ALA A 37 6.60 0.40 9.69
N LEU A 38 5.27 0.42 9.63
CA LEU A 38 4.56 0.96 8.48
C LEU A 38 4.80 2.47 8.37
N ARG A 39 4.50 3.03 7.21
CA ARG A 39 4.67 4.46 6.98
C ARG A 39 3.36 5.11 6.53
N ARG A 40 3.12 6.34 6.98
CA ARG A 40 1.91 7.05 6.63
C ARG A 40 1.84 7.32 5.13
N ASN A 41 0.67 7.11 4.56
CA ASN A 41 0.48 7.32 3.12
C ASN A 41 1.46 6.49 2.31
N GLU A 42 1.53 5.20 2.61
CA GLU A 42 2.43 4.29 1.92
C GLU A 42 1.75 2.95 1.64
N GLU A 43 1.76 2.54 0.37
CA GLU A 43 1.15 1.29 -0.03
C GLU A 43 2.01 0.10 0.38
N TYR A 44 1.37 -1.04 0.61
CA TYR A 44 2.08 -2.24 1.02
C TYR A 44 1.39 -3.50 0.49
N CYS A 45 2.18 -4.44 0.00
CA CYS A 45 1.64 -5.70 -0.53
C CYS A 45 1.39 -6.70 0.58
N LEU A 46 0.25 -7.38 0.52
CA LEU A 46 -0.11 -8.38 1.52
C LEU A 46 0.45 -9.75 1.16
N LEU A 47 1.55 -10.12 1.81
CA LEU A 47 2.19 -11.40 1.56
C LEU A 47 1.31 -12.55 2.05
N ASP A 48 1.14 -12.63 3.37
CA ASP A 48 0.33 -13.68 3.97
C ASP A 48 -0.57 -13.11 5.06
N SER A 49 -1.85 -13.47 5.02
CA SER A 49 -2.82 -13.00 5.99
C SER A 49 -3.19 -14.10 6.97
N SER A 50 -2.26 -15.01 7.21
CA SER A 50 -2.50 -16.13 8.13
C SER A 50 -3.24 -15.66 9.37
N GLU A 51 -2.66 -14.71 10.09
CA GLU A 51 -3.27 -14.18 11.30
C GLU A 51 -4.33 -13.14 10.96
N ILE A 52 -4.95 -12.57 12.00
CA ILE A 52 -5.99 -11.57 11.80
C ILE A 52 -5.49 -10.18 12.23
N HIS A 53 -5.00 -10.09 13.46
CA HIS A 53 -4.51 -8.83 13.98
C HIS A 53 -3.16 -8.48 13.38
N TRP A 54 -2.36 -9.51 13.09
CA TRP A 54 -1.04 -9.31 12.50
C TRP A 54 -0.99 -9.86 11.08
N TRP A 55 -0.64 -9.00 10.13
CA TRP A 55 -0.56 -9.41 8.73
C TRP A 55 0.86 -9.24 8.20
N ARG A 56 1.28 -10.16 7.34
CA ARG A 56 2.62 -10.10 6.76
C ARG A 56 2.61 -9.35 5.45
N VAL A 57 3.28 -8.21 5.42
CA VAL A 57 3.35 -7.38 4.21
C VAL A 57 4.79 -7.17 3.78
N GLN A 58 4.96 -6.57 2.61
CA GLN A 58 6.30 -6.32 2.07
C GLN A 58 6.40 -4.89 1.52
N ASP A 59 7.33 -4.12 2.09
CA ASP A 59 7.52 -2.73 1.66
C ASP A 59 7.99 -2.68 0.21
N ARG A 60 8.01 -1.48 -0.36
CA ARG A 60 8.43 -1.29 -1.74
C ARG A 60 9.89 -1.68 -1.92
N ASN A 61 10.73 -1.30 -0.96
CA ASN A 61 12.15 -1.61 -1.02
C ASN A 61 12.39 -3.11 -0.86
N GLY A 62 11.77 -3.69 0.17
CA GLY A 62 11.93 -5.11 0.41
C GLY A 62 11.96 -5.45 1.89
N HIS A 63 11.21 -4.69 2.69
CA HIS A 63 11.15 -4.91 4.12
C HIS A 63 9.81 -5.52 4.52
N GLU A 64 9.85 -6.73 5.07
CA GLU A 64 8.65 -7.42 5.49
C GLU A 64 8.57 -7.50 7.01
N GLY A 65 7.47 -8.03 7.52
CA GLY A 65 7.29 -8.15 8.95
C GLY A 65 5.83 -8.16 9.36
N TYR A 66 5.58 -8.17 10.67
CA TYR A 66 4.22 -8.18 11.19
C TYR A 66 3.75 -6.76 11.49
N VAL A 67 2.55 -6.43 11.02
CA VAL A 67 1.98 -5.10 11.25
C VAL A 67 0.51 -5.20 11.61
N PRO A 68 0.03 -4.21 12.39
CA PRO A 68 -1.37 -4.16 12.84
C PRO A 68 -2.33 -3.85 11.69
N SER A 69 -3.05 -4.88 11.24
CA SER A 69 -4.00 -4.73 10.14
C SER A 69 -4.78 -3.41 10.29
N SER A 70 -4.97 -2.98 11.53
CA SER A 70 -5.71 -1.75 11.80
C SER A 70 -5.18 -0.61 10.93
N TYR A 71 -3.86 -0.47 10.88
CA TYR A 71 -3.23 0.58 10.09
C TYR A 71 -3.43 0.33 8.59
N LEU A 72 -3.29 -0.92 8.18
CA LEU A 72 -3.46 -1.30 6.79
C LEU A 72 -4.90 -1.15 6.35
N VAL A 73 -5.10 -0.72 5.10
CA VAL A 73 -6.44 -0.54 4.57
C VAL A 73 -6.51 -0.93 3.09
N GLU A 74 -7.53 -1.70 2.73
CA GLU A 74 -7.70 -2.14 1.34
C GLU A 74 -7.94 -0.96 0.42
N LYS A 75 -7.05 -0.77 -0.55
CA LYS A 75 -7.16 0.33 -1.50
C LYS A 75 -8.44 0.19 -2.33
N SER A 76 -9.33 1.17 -2.20
CA SER A 76 -10.59 1.16 -2.95
C SER A 76 -10.34 1.33 -4.44
N PRO A 77 -11.15 0.64 -5.26
CA PRO A 77 -11.04 0.70 -6.71
C PRO A 77 -11.47 2.06 -7.27
N ASN A 78 -12.46 2.67 -6.62
CA ASN A 78 -12.96 3.97 -7.05
C ASN A 78 -12.57 5.06 -6.07
N ASN A 79 -12.54 6.30 -6.54
CA ASN A 79 -12.19 7.44 -5.69
C ASN A 79 -10.73 7.33 -5.23
N LEU A 80 -9.84 7.03 -6.16
CA LEU A 80 -8.42 6.90 -5.85
C LEU A 80 -7.88 8.19 -5.22
N GLU A 81 -7.42 8.08 -3.99
CA GLU A 81 -6.87 9.24 -3.27
C GLU A 81 -5.35 9.25 -3.33
N THR A 82 -4.81 9.36 -4.54
CA THR A 82 -3.37 9.39 -4.74
C THR A 82 -2.84 10.82 -4.79
N TYR A 83 -3.67 11.77 -4.36
CA TYR A 83 -3.28 13.17 -4.37
C TYR A 83 -1.99 13.38 -3.57
N GLU A 84 -1.04 14.08 -4.19
CA GLU A 84 0.23 14.35 -3.54
C GLU A 84 0.55 15.85 -3.56
N TRP A 85 0.49 16.48 -2.39
CA TRP A 85 0.77 17.91 -2.27
C TRP A 85 2.27 18.16 -2.20
N GLY A 1 1.37 0.37 -33.92
CA GLY A 1 1.50 -0.86 -33.16
C GLY A 1 0.60 -1.97 -33.68
N SER A 2 1.12 -2.74 -34.64
CA SER A 2 0.35 -3.83 -35.22
C SER A 2 -0.05 -4.85 -34.16
N SER A 3 0.92 -5.27 -33.36
CA SER A 3 0.68 -6.24 -32.30
C SER A 3 0.31 -5.55 -30.99
N GLY A 4 -0.39 -6.27 -30.12
CA GLY A 4 -0.79 -5.70 -28.85
C GLY A 4 -2.29 -5.43 -28.78
N SER A 5 -2.93 -5.94 -27.74
CA SER A 5 -4.37 -5.76 -27.57
C SER A 5 -4.66 -4.70 -26.51
N SER A 6 -5.81 -4.03 -26.64
CA SER A 6 -6.20 -2.98 -25.70
C SER A 6 -7.71 -2.81 -25.68
N GLY A 7 -8.22 -2.28 -24.57
CA GLY A 7 -9.65 -2.07 -24.44
C GLY A 7 -9.99 -0.67 -23.98
N GLU A 8 -9.28 0.32 -24.50
CA GLU A 8 -9.52 1.71 -24.13
C GLU A 8 -9.68 1.85 -22.62
N ASP A 9 -8.84 1.14 -21.87
CA ASP A 9 -8.89 1.19 -20.42
C ASP A 9 -8.32 2.51 -19.89
N ASN A 10 -9.08 3.18 -19.04
CA ASN A 10 -8.65 4.46 -18.46
C ASN A 10 -7.85 4.23 -17.19
N ARG A 11 -8.43 3.49 -16.24
CA ARG A 11 -7.77 3.21 -14.98
C ARG A 11 -6.63 2.21 -15.18
N ARG A 12 -5.79 2.08 -14.15
CA ARG A 12 -4.66 1.15 -14.21
C ARG A 12 -4.09 0.90 -12.82
N PRO A 13 -3.74 -0.36 -12.54
CA PRO A 13 -3.19 -0.76 -11.25
C PRO A 13 -1.77 -0.22 -11.03
N LEU A 14 -1.31 -0.26 -9.79
CA LEU A 14 0.02 0.23 -9.45
C LEU A 14 0.99 -0.93 -9.26
N TRP A 15 0.76 -1.74 -8.22
CA TRP A 15 1.60 -2.88 -7.94
C TRP A 15 1.20 -4.09 -8.77
N GLU A 16 -0.03 -4.57 -8.54
CA GLU A 16 -0.54 -5.72 -9.27
C GLU A 16 -2.03 -5.88 -9.05
N PRO A 17 -2.74 -6.40 -10.08
CA PRO A 17 -4.18 -6.61 -10.02
C PRO A 17 -4.57 -7.74 -9.07
N GLU A 18 -3.91 -8.88 -9.23
CA GLU A 18 -4.18 -10.04 -8.39
C GLU A 18 -3.73 -9.79 -6.95
N GLU A 19 -2.56 -9.17 -6.80
CA GLU A 19 -2.02 -8.87 -5.48
C GLU A 19 -2.89 -7.84 -4.76
N THR A 20 -2.96 -7.97 -3.44
CA THR A 20 -3.75 -7.06 -2.63
C THR A 20 -2.89 -5.94 -2.03
N VAL A 21 -3.08 -4.73 -2.53
CA VAL A 21 -2.32 -3.58 -2.05
C VAL A 21 -3.07 -2.85 -0.94
N VAL A 22 -2.43 -2.75 0.23
CA VAL A 22 -3.04 -2.08 1.37
C VAL A 22 -2.27 -0.81 1.73
N ILE A 23 -2.94 0.13 2.38
CA ILE A 23 -2.32 1.38 2.79
C ILE A 23 -2.41 1.57 4.30
N ALA A 24 -1.38 2.18 4.87
CA ALA A 24 -1.35 2.43 6.31
C ALA A 24 -2.01 3.77 6.65
N LEU A 25 -2.63 3.84 7.82
CA LEU A 25 -3.30 5.05 8.26
C LEU A 25 -2.38 5.90 9.14
N TYR A 26 -1.54 5.23 9.92
CA TYR A 26 -0.60 5.91 10.80
C TYR A 26 0.80 5.35 10.65
N ASP A 27 1.80 6.19 10.87
CA ASP A 27 3.19 5.78 10.75
C ASP A 27 3.60 4.90 11.93
N TYR A 28 3.47 3.59 11.75
CA TYR A 28 3.81 2.64 12.79
C TYR A 28 5.33 2.56 12.99
N GLN A 29 5.74 2.26 14.22
CA GLN A 29 7.16 2.16 14.54
C GLN A 29 7.45 0.88 15.32
N THR A 30 8.67 0.36 15.14
CA THR A 30 9.08 -0.86 15.83
C THR A 30 10.58 -1.07 15.72
N ASN A 31 11.18 -1.56 16.80
CA ASN A 31 12.61 -1.81 16.83
C ASN A 31 12.90 -3.30 16.92
N ASP A 32 12.17 -4.10 16.15
CA ASP A 32 12.35 -5.54 16.13
C ASP A 32 12.36 -6.08 14.71
N PRO A 33 13.20 -7.11 14.48
CA PRO A 33 13.33 -7.73 13.15
C PRO A 33 12.08 -8.52 12.75
N GLN A 34 11.27 -8.87 13.75
CA GLN A 34 10.05 -9.62 13.50
C GLN A 34 8.91 -8.69 13.10
N GLU A 35 9.08 -7.39 13.36
CA GLU A 35 8.07 -6.41 13.02
C GLU A 35 8.58 -5.44 11.96
N LEU A 36 7.66 -4.74 11.32
CA LEU A 36 8.01 -3.77 10.28
C LEU A 36 7.47 -2.39 10.61
N ALA A 37 8.09 -1.36 10.04
CA ALA A 37 7.67 0.01 10.27
C ALA A 37 6.89 0.56 9.08
N LEU A 38 5.57 0.61 9.23
CA LEU A 38 4.70 1.11 8.16
C LEU A 38 4.89 2.61 7.97
N ARG A 39 4.60 3.09 6.77
CA ARG A 39 4.74 4.51 6.45
C ARG A 39 3.36 5.15 6.23
N ARG A 40 3.20 6.36 6.74
CA ARG A 40 1.94 7.09 6.60
C ARG A 40 1.62 7.36 5.13
N ASN A 41 0.42 6.97 4.72
CA ASN A 41 -0.01 7.16 3.34
C ASN A 41 0.91 6.43 2.37
N GLU A 42 1.13 5.15 2.62
CA GLU A 42 2.00 4.33 1.77
C GLU A 42 1.37 2.97 1.49
N GLU A 43 1.46 2.53 0.25
CA GLU A 43 0.90 1.24 -0.15
C GLU A 43 1.82 0.10 0.24
N TYR A 44 1.25 -1.10 0.36
CA TYR A 44 2.02 -2.27 0.75
C TYR A 44 1.42 -3.54 0.14
N CYS A 45 2.28 -4.53 -0.12
CA CYS A 45 1.82 -5.79 -0.70
C CYS A 45 1.56 -6.82 0.39
N LEU A 46 0.32 -7.31 0.44
CA LEU A 46 -0.07 -8.30 1.44
C LEU A 46 0.44 -9.69 1.05
N LEU A 47 1.56 -10.09 1.66
CA LEU A 47 2.15 -11.39 1.38
C LEU A 47 1.26 -12.51 1.89
N ASP A 48 1.07 -12.57 3.20
CA ASP A 48 0.23 -13.59 3.82
C ASP A 48 -0.71 -12.97 4.85
N SER A 49 -1.89 -13.58 5.00
CA SER A 49 -2.88 -13.09 5.95
C SER A 49 -3.28 -14.18 6.93
N SER A 50 -2.30 -14.98 7.34
CA SER A 50 -2.54 -16.07 8.29
C SER A 50 -3.39 -15.59 9.46
N GLU A 51 -2.94 -14.52 10.10
CA GLU A 51 -3.65 -13.96 11.25
C GLU A 51 -4.59 -12.84 10.82
N ILE A 52 -5.26 -12.23 11.79
CA ILE A 52 -6.18 -11.13 11.51
C ILE A 52 -5.66 -9.81 12.07
N HIS A 53 -5.22 -9.85 13.32
CA HIS A 53 -4.69 -8.65 13.97
C HIS A 53 -3.31 -8.30 13.44
N TRP A 54 -2.55 -9.32 13.05
CA TRP A 54 -1.21 -9.12 12.52
C TRP A 54 -1.10 -9.65 11.10
N TRP A 55 -0.83 -8.76 10.15
CA TRP A 55 -0.70 -9.15 8.75
C TRP A 55 0.75 -9.02 8.28
N ARG A 56 1.15 -9.91 7.37
CA ARG A 56 2.51 -9.89 6.84
C ARG A 56 2.55 -9.24 5.46
N VAL A 57 3.20 -8.09 5.38
CA VAL A 57 3.30 -7.36 4.11
C VAL A 57 4.77 -7.06 3.78
N GLN A 58 5.00 -6.58 2.56
CA GLN A 58 6.35 -6.25 2.12
C GLN A 58 6.45 -4.80 1.67
N ASP A 59 7.23 -4.02 2.39
CA ASP A 59 7.41 -2.60 2.06
C ASP A 59 7.94 -2.43 0.64
N ARG A 60 7.93 -1.20 0.15
CA ARG A 60 8.40 -0.90 -1.20
C ARG A 60 9.89 -1.19 -1.33
N ASN A 61 10.57 -1.27 -0.18
CA ASN A 61 12.00 -1.55 -0.17
C ASN A 61 12.28 -3.03 -0.42
N GLY A 62 11.45 -3.89 0.18
CA GLY A 62 11.62 -5.31 0.01
C GLY A 62 11.61 -6.06 1.33
N HIS A 63 11.53 -5.32 2.44
CA HIS A 63 11.50 -5.91 3.76
C HIS A 63 10.08 -6.31 4.15
N GLU A 64 9.97 -7.12 5.20
CA GLU A 64 8.67 -7.58 5.67
C GLU A 64 8.61 -7.60 7.19
N GLY A 65 7.45 -7.93 7.74
CA GLY A 65 7.29 -7.97 9.18
C GLY A 65 5.83 -8.03 9.60
N TYR A 66 5.60 -8.28 10.89
CA TYR A 66 4.24 -8.34 11.41
C TYR A 66 3.71 -6.96 11.76
N VAL A 67 2.79 -6.46 10.94
CA VAL A 67 2.21 -5.14 11.18
C VAL A 67 0.74 -5.25 11.57
N PRO A 68 0.25 -4.25 12.31
CA PRO A 68 -1.15 -4.22 12.76
C PRO A 68 -2.13 -3.97 11.61
N SER A 69 -2.98 -4.96 11.35
CA SER A 69 -3.96 -4.85 10.27
C SER A 69 -4.75 -3.56 10.39
N SER A 70 -5.01 -3.14 11.63
CA SER A 70 -5.77 -1.93 11.89
C SER A 70 -5.22 -0.76 11.06
N TYR A 71 -3.90 -0.67 11.00
CA TYR A 71 -3.24 0.41 10.25
C TYR A 71 -3.43 0.21 8.75
N LEU A 72 -3.23 -1.03 8.28
CA LEU A 72 -3.37 -1.35 6.88
C LEU A 72 -4.83 -1.29 6.45
N VAL A 73 -5.08 -0.73 5.27
CA VAL A 73 -6.43 -0.60 4.74
C VAL A 73 -6.51 -1.09 3.30
N GLU A 74 -7.64 -1.69 2.94
CA GLU A 74 -7.83 -2.20 1.59
C GLU A 74 -8.02 -1.06 0.60
N LYS A 75 -7.02 -0.87 -0.27
CA LYS A 75 -7.07 0.18 -1.27
C LYS A 75 -8.42 0.19 -1.98
N SER A 76 -9.24 1.18 -1.66
CA SER A 76 -10.56 1.31 -2.28
C SER A 76 -10.45 1.32 -3.79
N PRO A 77 -11.46 0.73 -4.47
CA PRO A 77 -11.49 0.66 -5.93
C PRO A 77 -11.75 2.03 -6.57
N ASN A 78 -11.96 2.03 -7.87
CA ASN A 78 -12.22 3.26 -8.60
C ASN A 78 -13.65 3.30 -9.14
N ASN A 79 -14.39 4.33 -8.77
CA ASN A 79 -15.78 4.47 -9.22
C ASN A 79 -16.13 5.94 -9.41
N LEU A 80 -16.99 6.21 -10.40
CA LEU A 80 -17.42 7.58 -10.69
C LEU A 80 -16.21 8.52 -10.76
N GLU A 81 -15.18 8.09 -11.48
CA GLU A 81 -13.98 8.89 -11.65
C GLU A 81 -14.05 9.74 -12.91
N THR A 82 -15.24 10.29 -13.18
CA THR A 82 -15.44 11.13 -14.36
C THR A 82 -15.10 12.58 -14.07
N TYR A 83 -14.37 12.81 -12.97
CA TYR A 83 -13.99 14.17 -12.59
C TYR A 83 -12.47 14.29 -12.51
N GLU A 84 -11.96 15.39 -13.07
CA GLU A 84 -10.52 15.63 -13.06
C GLU A 84 -10.21 17.01 -12.50
N TRP A 85 -9.69 17.05 -11.28
CA TRP A 85 -9.35 18.30 -10.62
C TRP A 85 -8.49 19.18 -11.54
N GLY A 1 -2.45 35.44 -20.05
CA GLY A 1 -3.63 34.66 -19.75
C GLY A 1 -3.32 33.44 -18.90
N SER A 2 -3.89 33.40 -17.71
CA SER A 2 -3.66 32.29 -16.79
C SER A 2 -4.27 31.00 -17.35
N SER A 3 -3.41 30.04 -17.68
CA SER A 3 -3.87 28.77 -18.23
C SER A 3 -3.18 27.60 -17.53
N GLY A 4 -3.86 27.03 -16.54
CA GLY A 4 -3.30 25.90 -15.80
C GLY A 4 -3.33 26.14 -14.30
N SER A 5 -4.52 26.32 -13.75
CA SER A 5 -4.66 26.55 -12.32
C SER A 5 -4.81 25.23 -11.57
N SER A 6 -5.83 24.46 -11.92
CA SER A 6 -6.07 23.18 -11.26
C SER A 6 -5.03 22.15 -11.69
N GLY A 7 -4.80 21.16 -10.84
CA GLY A 7 -3.84 20.12 -11.15
C GLY A 7 -4.49 18.82 -11.59
N GLU A 8 -4.85 18.75 -12.87
CA GLU A 8 -5.49 17.56 -13.41
C GLU A 8 -4.47 16.65 -14.06
N ASP A 9 -4.24 15.49 -13.45
CA ASP A 9 -3.29 14.52 -13.97
C ASP A 9 -3.54 13.13 -13.38
N ASN A 10 -3.12 12.10 -14.11
CA ASN A 10 -3.32 10.72 -13.67
C ASN A 10 -2.19 9.84 -14.17
N ARG A 11 -1.40 9.30 -13.24
CA ARG A 11 -0.29 8.43 -13.59
C ARG A 11 -0.69 6.96 -13.49
N ARG A 12 0.14 6.08 -14.04
CA ARG A 12 -0.13 4.65 -14.01
C ARG A 12 0.44 4.01 -12.75
N PRO A 13 -0.30 3.07 -12.17
CA PRO A 13 0.10 2.36 -10.95
C PRO A 13 1.28 1.42 -11.20
N LEU A 14 1.95 1.02 -10.13
CA LEU A 14 3.10 0.12 -10.24
C LEU A 14 2.69 -1.31 -9.89
N TRP A 15 1.92 -1.47 -8.82
CA TRP A 15 1.47 -2.78 -8.38
C TRP A 15 0.49 -3.38 -9.40
N GLU A 16 -0.07 -4.54 -9.07
CA GLU A 16 -1.01 -5.21 -9.95
C GLU A 16 -2.45 -4.99 -9.46
N PRO A 17 -3.40 -5.01 -10.41
CA PRO A 17 -4.83 -4.83 -10.11
C PRO A 17 -5.41 -6.01 -9.34
N GLU A 18 -4.93 -7.21 -9.65
CA GLU A 18 -5.41 -8.42 -8.99
C GLU A 18 -4.82 -8.55 -7.59
N GLU A 19 -3.54 -8.22 -7.46
CA GLU A 19 -2.85 -8.30 -6.18
C GLU A 19 -3.60 -7.52 -5.11
N THR A 20 -3.36 -7.86 -3.85
CA THR A 20 -4.01 -7.19 -2.73
C THR A 20 -3.09 -6.16 -2.08
N VAL A 21 -3.23 -4.91 -2.49
CA VAL A 21 -2.42 -3.83 -1.95
C VAL A 21 -3.15 -3.08 -0.85
N VAL A 22 -2.43 -2.75 0.22
CA VAL A 22 -3.02 -2.03 1.34
C VAL A 22 -2.24 -0.74 1.63
N ILE A 23 -2.80 0.10 2.50
CA ILE A 23 -2.16 1.35 2.87
C ILE A 23 -2.21 1.58 4.38
N ALA A 24 -1.16 2.19 4.90
CA ALA A 24 -1.08 2.48 6.34
C ALA A 24 -1.69 3.83 6.67
N LEU A 25 -2.65 3.84 7.58
CA LEU A 25 -3.31 5.07 7.99
C LEU A 25 -2.41 5.89 8.91
N TYR A 26 -1.55 5.21 9.65
CA TYR A 26 -0.63 5.89 10.56
C TYR A 26 0.79 5.32 10.44
N ASP A 27 1.77 6.13 10.81
CA ASP A 27 3.17 5.71 10.74
C ASP A 27 3.54 4.86 11.96
N TYR A 28 3.43 3.54 11.82
CA TYR A 28 3.75 2.64 12.91
C TYR A 28 5.26 2.48 13.05
N GLN A 29 5.72 2.33 14.29
CA GLN A 29 7.14 2.16 14.56
C GLN A 29 7.40 0.88 15.35
N THR A 30 8.47 0.18 15.00
CA THR A 30 8.83 -1.06 15.68
C THR A 30 10.29 -1.40 15.46
N ASN A 31 11.06 -1.44 16.55
CA ASN A 31 12.48 -1.76 16.48
C ASN A 31 12.71 -3.25 16.59
N ASP A 32 11.86 -4.03 15.93
CA ASP A 32 11.97 -5.49 15.95
C ASP A 32 12.21 -6.04 14.55
N PRO A 33 12.97 -7.14 14.47
CA PRO A 33 13.28 -7.79 13.20
C PRO A 33 12.06 -8.46 12.56
N GLN A 34 11.29 -9.15 13.37
CA GLN A 34 10.09 -9.83 12.89
C GLN A 34 9.01 -8.83 12.53
N GLU A 35 8.98 -7.70 13.23
CA GLU A 35 7.99 -6.65 12.98
C GLU A 35 8.51 -5.65 11.96
N LEU A 36 7.61 -4.86 11.41
CA LEU A 36 7.97 -3.84 10.41
C LEU A 36 7.28 -2.51 10.71
N ALA A 37 7.98 -1.42 10.45
CA ALA A 37 7.44 -0.09 10.69
C ALA A 37 6.70 0.42 9.47
N LEU A 38 5.36 0.35 9.52
CA LEU A 38 4.54 0.81 8.41
C LEU A 38 4.69 2.31 8.19
N ARG A 39 4.67 2.73 6.93
CA ARG A 39 4.80 4.14 6.59
C ARG A 39 3.44 4.77 6.30
N ARG A 40 3.24 5.99 6.78
CA ARG A 40 1.98 6.69 6.58
C ARG A 40 1.74 6.96 5.09
N ASN A 41 0.48 6.95 4.69
CA ASN A 41 0.11 7.19 3.30
C ASN A 41 1.06 6.46 2.36
N GLU A 42 1.27 5.16 2.63
CA GLU A 42 2.16 4.36 1.80
C GLU A 42 1.52 3.00 1.49
N GLU A 43 1.70 2.53 0.26
CA GLU A 43 1.14 1.26 -0.17
C GLU A 43 1.98 0.10 0.37
N TYR A 44 1.39 -1.10 0.35
CA TYR A 44 2.08 -2.29 0.84
C TYR A 44 1.47 -3.55 0.26
N CYS A 45 2.31 -4.40 -0.32
CA CYS A 45 1.85 -5.64 -0.92
C CYS A 45 1.65 -6.73 0.13
N LEU A 46 0.43 -7.21 0.26
CA LEU A 46 0.11 -8.24 1.24
C LEU A 46 0.73 -9.59 0.84
N LEU A 47 1.48 -10.18 1.74
CA LEU A 47 2.13 -11.46 1.48
C LEU A 47 1.27 -12.61 1.98
N ASP A 48 0.95 -12.61 3.28
CA ASP A 48 0.12 -13.64 3.87
C ASP A 48 -0.82 -13.05 4.92
N SER A 49 -1.99 -13.66 5.06
CA SER A 49 -2.98 -13.20 6.02
C SER A 49 -3.38 -14.32 6.97
N SER A 50 -2.42 -15.19 7.28
CA SER A 50 -2.67 -16.32 8.18
C SER A 50 -3.30 -15.84 9.48
N GLU A 51 -2.84 -14.68 9.97
CA GLU A 51 -3.35 -14.12 11.20
C GLU A 51 -4.36 -13.01 10.93
N ILE A 52 -4.92 -12.44 11.99
CA ILE A 52 -5.90 -11.36 11.86
C ILE A 52 -5.32 -10.03 12.33
N HIS A 53 -4.93 -9.98 13.60
CA HIS A 53 -4.36 -8.77 14.18
C HIS A 53 -3.05 -8.41 13.49
N TRP A 54 -2.19 -9.40 13.32
CA TRP A 54 -0.88 -9.18 12.67
C TRP A 54 -0.90 -9.70 11.24
N TRP A 55 -0.80 -8.79 10.28
CA TRP A 55 -0.80 -9.16 8.87
C TRP A 55 0.60 -9.04 8.28
N ARG A 56 0.95 -9.98 7.41
CA ARG A 56 2.26 -9.98 6.78
C ARG A 56 2.20 -9.28 5.43
N VAL A 57 3.05 -8.26 5.26
CA VAL A 57 3.09 -7.51 4.01
C VAL A 57 4.54 -7.17 3.63
N GLN A 58 4.71 -6.60 2.44
CA GLN A 58 6.03 -6.23 1.96
C GLN A 58 6.03 -4.81 1.43
N ASP A 59 7.06 -4.04 1.80
CA ASP A 59 7.18 -2.65 1.36
C ASP A 59 7.70 -2.59 -0.07
N ARG A 60 7.69 -1.38 -0.64
CA ARG A 60 8.16 -1.18 -2.01
C ARG A 60 9.67 -1.35 -2.09
N ASN A 61 10.36 -1.03 -1.01
CA ASN A 61 11.81 -1.14 -0.96
C ASN A 61 12.24 -2.61 -0.93
N GLY A 62 11.53 -3.41 -0.13
CA GLY A 62 11.86 -4.82 -0.03
C GLY A 62 11.89 -5.30 1.41
N HIS A 63 11.11 -4.64 2.27
CA HIS A 63 11.06 -5.00 3.68
C HIS A 63 9.73 -5.68 4.02
N GLU A 64 9.67 -6.30 5.20
CA GLU A 64 8.46 -6.97 5.63
C GLU A 64 8.48 -7.21 7.15
N GLY A 65 7.34 -7.61 7.69
CA GLY A 65 7.25 -7.87 9.12
C GLY A 65 5.82 -7.90 9.62
N TYR A 66 5.64 -8.31 10.87
CA TYR A 66 4.31 -8.40 11.46
C TYR A 66 3.80 -7.01 11.83
N VAL A 67 2.73 -6.58 11.17
CA VAL A 67 2.14 -5.26 11.45
C VAL A 67 0.65 -5.39 11.76
N PRO A 68 0.13 -4.42 12.52
CA PRO A 68 -1.29 -4.39 12.92
C PRO A 68 -2.20 -4.09 11.74
N SER A 69 -3.00 -5.09 11.35
CA SER A 69 -3.92 -4.93 10.23
C SER A 69 -4.73 -3.64 10.36
N SER A 70 -4.84 -3.15 11.60
CA SER A 70 -5.57 -1.91 11.86
C SER A 70 -5.04 -0.77 11.01
N TYR A 71 -3.72 -0.67 10.93
CA TYR A 71 -3.07 0.39 10.16
C TYR A 71 -3.30 0.19 8.67
N LEU A 72 -3.16 -1.06 8.22
CA LEU A 72 -3.35 -1.38 6.81
C LEU A 72 -4.80 -1.22 6.40
N VAL A 73 -5.03 -0.87 5.14
CA VAL A 73 -6.38 -0.69 4.62
C VAL A 73 -6.46 -1.05 3.15
N GLU A 74 -7.50 -1.79 2.78
CA GLU A 74 -7.69 -2.21 1.39
C GLU A 74 -7.95 -1.00 0.49
N LYS A 75 -7.07 -0.79 -0.48
CA LYS A 75 -7.20 0.32 -1.41
C LYS A 75 -8.64 0.51 -1.85
N SER A 76 -9.23 1.64 -1.48
CA SER A 76 -10.61 1.93 -1.83
C SER A 76 -10.70 3.18 -2.71
N PRO A 77 -10.47 2.99 -4.03
CA PRO A 77 -10.52 4.08 -5.00
C PRO A 77 -11.94 4.61 -5.21
N ASN A 78 -12.91 3.72 -5.14
CA ASN A 78 -14.31 4.09 -5.32
C ASN A 78 -14.61 5.43 -4.64
N ASN A 79 -14.32 5.51 -3.35
CA ASN A 79 -14.54 6.74 -2.60
C ASN A 79 -13.81 6.70 -1.26
N LEU A 80 -13.64 7.87 -0.65
CA LEU A 80 -12.96 7.96 0.64
C LEU A 80 -13.87 7.54 1.78
N GLU A 81 -13.37 6.67 2.64
CA GLU A 81 -14.14 6.19 3.78
C GLU A 81 -13.98 7.12 4.99
N THR A 82 -14.05 8.42 4.74
CA THR A 82 -13.89 9.40 5.80
C THR A 82 -15.17 9.51 6.64
N TYR A 83 -15.01 9.93 7.89
CA TYR A 83 -16.14 10.08 8.79
C TYR A 83 -17.08 11.20 8.32
N GLU A 84 -18.19 11.37 9.03
CA GLU A 84 -19.17 12.39 8.68
C GLU A 84 -19.83 12.96 9.93
N TRP A 85 -19.48 14.18 10.28
CA TRP A 85 -20.04 14.83 11.46
C TRP A 85 -19.92 16.35 11.36
N GLY A 1 -5.43 27.10 -32.90
CA GLY A 1 -5.61 28.11 -31.87
C GLY A 1 -5.05 27.69 -30.53
N SER A 2 -5.94 27.39 -29.59
CA SER A 2 -5.54 26.96 -28.25
C SER A 2 -5.27 25.46 -28.21
N SER A 3 -4.09 25.09 -27.74
CA SER A 3 -3.71 23.68 -27.66
C SER A 3 -4.29 23.04 -26.40
N GLY A 4 -4.06 23.68 -25.26
CA GLY A 4 -4.56 23.16 -24.00
C GLY A 4 -3.47 23.00 -22.95
N SER A 5 -3.84 22.47 -21.79
CA SER A 5 -2.88 22.27 -20.72
C SER A 5 -2.98 20.85 -20.15
N SER A 6 -1.86 20.13 -20.18
CA SER A 6 -1.83 18.76 -19.68
C SER A 6 -0.60 18.54 -18.81
N GLY A 7 -0.67 17.52 -17.95
CA GLY A 7 0.45 17.22 -17.07
C GLY A 7 0.28 15.89 -16.37
N GLU A 8 0.89 14.84 -16.93
CA GLU A 8 0.80 13.50 -16.36
C GLU A 8 2.14 12.77 -16.48
N ASP A 9 2.25 11.63 -15.81
CA ASP A 9 3.47 10.84 -15.84
C ASP A 9 3.29 9.59 -16.69
N ASN A 10 2.33 8.75 -16.33
CA ASN A 10 2.05 7.53 -17.06
C ASN A 10 0.59 7.12 -16.92
N ARG A 11 0.02 6.56 -17.98
CA ARG A 11 -1.37 6.12 -17.97
C ARG A 11 -1.50 4.75 -17.33
N ARG A 12 -0.81 4.54 -16.22
CA ARG A 12 -0.84 3.27 -15.52
C ARG A 12 -0.46 3.44 -14.06
N PRO A 13 -1.17 2.75 -13.16
CA PRO A 13 -0.93 2.81 -11.73
C PRO A 13 0.39 2.14 -11.33
N LEU A 14 0.81 2.38 -10.09
CA LEU A 14 2.06 1.80 -9.60
C LEU A 14 1.90 0.30 -9.35
N TRP A 15 0.88 -0.06 -8.58
CA TRP A 15 0.61 -1.46 -8.27
C TRP A 15 -0.44 -2.04 -9.22
N GLU A 16 -0.82 -3.29 -8.97
CA GLU A 16 -1.81 -3.96 -9.80
C GLU A 16 -3.03 -4.36 -8.98
N PRO A 17 -4.19 -4.42 -9.65
CA PRO A 17 -5.46 -4.79 -9.01
C PRO A 17 -5.49 -6.26 -8.58
N GLU A 18 -4.76 -7.09 -9.30
CA GLU A 18 -4.69 -8.52 -9.02
C GLU A 18 -4.07 -8.77 -7.65
N GLU A 19 -3.07 -7.95 -7.30
CA GLU A 19 -2.39 -8.08 -6.02
C GLU A 19 -3.10 -7.27 -4.93
N THR A 20 -3.10 -7.81 -3.71
CA THR A 20 -3.75 -7.14 -2.59
C THR A 20 -2.84 -6.07 -1.99
N VAL A 21 -2.99 -4.84 -2.45
CA VAL A 21 -2.19 -3.73 -1.96
C VAL A 21 -2.94 -2.94 -0.88
N VAL A 22 -2.32 -2.85 0.30
CA VAL A 22 -2.92 -2.13 1.41
C VAL A 22 -2.16 -0.84 1.72
N ILE A 23 -2.78 0.04 2.48
CA ILE A 23 -2.16 1.32 2.85
C ILE A 23 -2.21 1.53 4.35
N ALA A 24 -1.20 2.23 4.87
CA ALA A 24 -1.13 2.51 6.31
C ALA A 24 -1.74 3.87 6.62
N LEU A 25 -2.63 3.91 7.60
CA LEU A 25 -3.29 5.14 8.00
C LEU A 25 -2.36 6.00 8.86
N TYR A 26 -1.60 5.34 9.73
CA TYR A 26 -0.67 6.04 10.61
C TYR A 26 0.73 5.44 10.51
N ASP A 27 1.73 6.22 10.89
CA ASP A 27 3.12 5.77 10.86
C ASP A 27 3.44 4.88 12.05
N TYR A 28 3.51 3.58 11.81
CA TYR A 28 3.81 2.61 12.86
C TYR A 28 5.31 2.48 13.08
N GLN A 29 5.69 1.98 14.24
CA GLN A 29 7.10 1.79 14.57
C GLN A 29 7.29 0.73 15.65
N THR A 30 8.36 -0.04 15.54
CA THR A 30 8.64 -1.09 16.51
C THR A 30 10.13 -1.15 16.83
N ASN A 31 10.46 -1.84 17.92
CA ASN A 31 11.85 -1.97 18.34
C ASN A 31 12.39 -3.35 17.99
N ASP A 32 11.52 -4.24 17.54
CA ASP A 32 11.91 -5.59 17.17
C ASP A 32 12.01 -5.73 15.65
N PRO A 33 12.90 -6.61 15.20
CA PRO A 33 13.11 -6.86 13.77
C PRO A 33 11.93 -7.58 13.12
N GLN A 34 11.45 -8.62 13.78
CA GLN A 34 10.32 -9.39 13.26
C GLN A 34 9.20 -8.47 12.79
N GLU A 35 8.88 -7.46 13.60
CA GLU A 35 7.83 -6.52 13.27
C GLU A 35 8.35 -5.45 12.31
N LEU A 36 7.46 -4.91 11.49
CA LEU A 36 7.82 -3.88 10.53
C LEU A 36 7.17 -2.55 10.87
N ALA A 37 7.88 -1.46 10.60
CA ALA A 37 7.37 -0.12 10.88
C ALA A 37 6.69 0.49 9.66
N LEU A 38 5.36 0.42 9.63
CA LEU A 38 4.59 0.97 8.51
C LEU A 38 4.82 2.47 8.38
N ARG A 39 4.58 2.99 7.18
CA ARG A 39 4.75 4.41 6.91
C ARG A 39 3.42 5.07 6.55
N ARG A 40 3.14 6.22 7.15
CA ARG A 40 1.91 6.94 6.89
C ARG A 40 1.78 7.31 5.42
N ASN A 41 0.63 7.01 4.82
CA ASN A 41 0.39 7.31 3.42
C ASN A 41 1.35 6.52 2.52
N GLU A 42 1.39 5.21 2.71
CA GLU A 42 2.27 4.35 1.93
C GLU A 42 1.61 2.99 1.68
N GLU A 43 1.58 2.57 0.42
CA GLU A 43 0.98 1.29 0.06
C GLU A 43 1.90 0.13 0.46
N TYR A 44 1.36 -1.08 0.43
CA TYR A 44 2.13 -2.27 0.79
C TYR A 44 1.52 -3.53 0.17
N CYS A 45 2.38 -4.40 -0.34
CA CYS A 45 1.92 -5.63 -0.96
C CYS A 45 1.74 -6.73 0.08
N LEU A 46 0.50 -7.14 0.28
CA LEU A 46 0.18 -8.18 1.25
C LEU A 46 0.85 -9.50 0.87
N LEU A 47 1.46 -10.16 1.84
CA LEU A 47 2.14 -11.43 1.61
C LEU A 47 1.29 -12.60 2.10
N ASP A 48 1.05 -12.63 3.41
CA ASP A 48 0.25 -13.70 4.01
C ASP A 48 -0.71 -13.13 5.06
N SER A 49 -1.87 -13.77 5.20
CA SER A 49 -2.87 -13.32 6.16
C SER A 49 -3.21 -14.44 7.14
N SER A 50 -2.18 -15.09 7.66
CA SER A 50 -2.37 -16.18 8.61
C SER A 50 -3.06 -15.68 9.88
N GLU A 51 -2.53 -14.60 10.44
CA GLU A 51 -3.09 -14.02 11.66
C GLU A 51 -4.13 -12.94 11.33
N ILE A 52 -4.92 -12.56 12.33
CA ILE A 52 -5.94 -11.54 12.14
C ILE A 52 -5.43 -10.16 12.53
N HIS A 53 -4.98 -10.04 13.78
CA HIS A 53 -4.45 -8.77 14.27
C HIS A 53 -3.13 -8.42 13.59
N TRP A 54 -2.31 -9.44 13.35
CA TRP A 54 -1.02 -9.24 12.70
C TRP A 54 -1.03 -9.77 11.27
N TRP A 55 -0.68 -8.90 10.33
CA TRP A 55 -0.66 -9.28 8.92
C TRP A 55 0.75 -9.16 8.35
N ARG A 56 1.11 -10.11 7.50
CA ARG A 56 2.44 -10.12 6.88
C ARG A 56 2.41 -9.43 5.53
N VAL A 57 3.06 -8.28 5.44
CA VAL A 57 3.11 -7.51 4.20
C VAL A 57 4.54 -7.11 3.86
N GLN A 58 4.74 -6.61 2.65
CA GLN A 58 6.06 -6.18 2.20
C GLN A 58 6.04 -4.74 1.73
N ASP A 59 7.17 -4.05 1.87
CA ASP A 59 7.28 -2.66 1.46
C ASP A 59 7.72 -2.56 0.00
N ARG A 60 7.60 -1.36 -0.56
CA ARG A 60 7.99 -1.12 -1.95
C ARG A 60 9.47 -1.45 -2.16
N ASN A 61 10.30 -1.13 -1.17
CA ASN A 61 11.73 -1.39 -1.26
C ASN A 61 12.01 -2.88 -1.16
N GLY A 62 11.38 -3.54 -0.20
CA GLY A 62 11.57 -4.96 -0.03
C GLY A 62 11.66 -5.36 1.44
N HIS A 63 10.95 -4.63 2.29
CA HIS A 63 10.96 -4.91 3.73
C HIS A 63 9.58 -5.37 4.19
N GLU A 64 9.52 -6.57 4.75
CA GLU A 64 8.26 -7.13 5.24
C GLU A 64 8.33 -7.42 6.74
N GLY A 65 7.20 -7.79 7.32
CA GLY A 65 7.16 -8.08 8.74
C GLY A 65 5.74 -8.17 9.27
N TYR A 66 5.59 -8.06 10.58
CA TYR A 66 4.28 -8.14 11.22
C TYR A 66 3.77 -6.75 11.58
N VAL A 67 2.59 -6.41 11.08
CA VAL A 67 1.99 -5.11 11.36
C VAL A 67 0.50 -5.25 11.69
N PRO A 68 -0.02 -4.31 12.48
CA PRO A 68 -1.43 -4.30 12.89
C PRO A 68 -2.36 -3.96 11.74
N SER A 69 -3.18 -4.94 11.33
CA SER A 69 -4.11 -4.74 10.23
C SER A 69 -4.83 -3.40 10.36
N SER A 70 -5.13 -3.01 11.60
CA SER A 70 -5.81 -1.75 11.86
C SER A 70 -5.23 -0.63 11.01
N TYR A 71 -3.90 -0.56 10.96
CA TYR A 71 -3.22 0.48 10.18
C TYR A 71 -3.40 0.24 8.68
N LEU A 72 -3.28 -1.02 8.27
CA LEU A 72 -3.42 -1.39 6.87
C LEU A 72 -4.87 -1.21 6.42
N VAL A 73 -5.04 -0.75 5.17
CA VAL A 73 -6.36 -0.54 4.61
C VAL A 73 -6.44 -1.03 3.17
N GLU A 74 -7.52 -1.73 2.83
CA GLU A 74 -7.70 -2.24 1.49
C GLU A 74 -7.84 -1.11 0.49
N LYS A 75 -6.82 -0.92 -0.35
CA LYS A 75 -6.83 0.13 -1.35
C LYS A 75 -8.10 0.06 -2.21
N SER A 76 -8.86 1.15 -2.22
CA SER A 76 -10.09 1.21 -3.00
C SER A 76 -9.95 2.16 -4.18
N PRO A 77 -9.36 1.64 -5.28
CA PRO A 77 -9.15 2.43 -6.50
C PRO A 77 -10.46 2.74 -7.22
N ASN A 78 -11.43 1.84 -7.08
CA ASN A 78 -12.73 2.02 -7.72
C ASN A 78 -13.24 3.44 -7.54
N ASN A 79 -13.09 3.97 -6.33
CA ASN A 79 -13.53 5.32 -6.03
C ASN A 79 -12.48 6.07 -5.21
N LEU A 80 -12.01 7.19 -5.73
CA LEU A 80 -11.00 8.00 -5.05
C LEU A 80 -11.64 9.23 -4.41
N GLU A 81 -11.66 9.24 -3.08
CA GLU A 81 -12.24 10.35 -2.33
C GLU A 81 -11.23 10.95 -1.36
N THR A 82 -10.03 11.24 -1.87
CA THR A 82 -8.97 11.81 -1.04
C THR A 82 -8.09 12.76 -1.84
N TYR A 83 -7.22 13.48 -1.15
CA TYR A 83 -6.32 14.44 -1.81
C TYR A 83 -5.01 14.56 -1.04
N GLU A 84 -3.92 14.76 -1.77
CA GLU A 84 -2.61 14.89 -1.15
C GLU A 84 -2.03 16.29 -1.41
N TRP A 85 -2.23 17.18 -0.45
CA TRP A 85 -1.73 18.54 -0.57
C TRP A 85 -0.34 18.67 0.03
N GLY A 1 -25.27 19.44 -25.82
CA GLY A 1 -24.62 19.61 -27.12
C GLY A 1 -23.13 19.80 -26.99
N SER A 2 -22.37 18.76 -27.35
CA SER A 2 -20.92 18.82 -27.28
C SER A 2 -20.29 17.60 -27.94
N SER A 3 -18.97 17.63 -28.10
CA SER A 3 -18.25 16.53 -28.73
C SER A 3 -18.00 15.40 -27.74
N GLY A 4 -17.38 15.74 -26.61
CA GLY A 4 -17.10 14.75 -25.59
C GLY A 4 -15.61 14.42 -25.50
N SER A 5 -14.82 15.39 -25.07
CA SER A 5 -13.38 15.19 -24.94
C SER A 5 -13.06 13.77 -24.50
N SER A 6 -12.26 13.08 -25.30
CA SER A 6 -11.87 11.70 -24.98
C SER A 6 -10.39 11.61 -24.65
N GLY A 7 -9.98 10.47 -24.12
CA GLY A 7 -8.58 10.28 -23.76
C GLY A 7 -8.41 9.55 -22.45
N GLU A 8 -7.52 8.56 -22.43
CA GLU A 8 -7.27 7.77 -21.23
C GLU A 8 -5.76 7.59 -21.00
N ASP A 9 -5.30 8.03 -19.84
CA ASP A 9 -3.88 7.91 -19.50
C ASP A 9 -3.49 6.45 -19.32
N ASN A 10 -3.07 5.81 -20.40
CA ASN A 10 -2.67 4.40 -20.37
C ASN A 10 -1.39 4.23 -19.56
N ARG A 11 -1.52 4.17 -18.24
CA ARG A 11 -0.38 4.00 -17.36
C ARG A 11 -0.52 2.75 -16.51
N ARG A 12 0.61 2.11 -16.21
CA ARG A 12 0.61 0.90 -15.40
C ARG A 12 0.90 1.21 -13.93
N PRO A 13 0.18 0.54 -13.03
CA PRO A 13 0.35 0.74 -11.58
C PRO A 13 1.68 0.21 -11.08
N LEU A 14 2.15 0.75 -9.96
CA LEU A 14 3.41 0.33 -9.36
C LEU A 14 3.35 -1.13 -8.93
N TRP A 15 2.19 -1.55 -8.44
CA TRP A 15 2.00 -2.92 -8.00
C TRP A 15 1.07 -3.68 -8.94
N GLU A 16 0.93 -4.98 -8.71
CA GLU A 16 0.07 -5.81 -9.53
C GLU A 16 -1.40 -5.62 -9.16
N PRO A 17 -2.29 -5.68 -10.16
CA PRO A 17 -3.73 -5.50 -9.95
C PRO A 17 -4.34 -6.69 -9.20
N GLU A 18 -3.85 -7.89 -9.48
CA GLU A 18 -4.35 -9.10 -8.83
C GLU A 18 -3.84 -9.19 -7.40
N GLU A 19 -2.85 -8.37 -7.06
CA GLU A 19 -2.28 -8.37 -5.72
C GLU A 19 -3.09 -7.48 -4.78
N THR A 20 -3.16 -7.88 -3.53
CA THR A 20 -3.91 -7.11 -2.52
C THR A 20 -3.06 -5.99 -1.94
N VAL A 21 -3.29 -4.78 -2.43
CA VAL A 21 -2.54 -3.61 -1.97
C VAL A 21 -3.24 -2.95 -0.78
N VAL A 22 -2.47 -2.66 0.27
CA VAL A 22 -3.02 -2.02 1.46
C VAL A 22 -2.25 -0.76 1.81
N ILE A 23 -2.95 0.24 2.33
CA ILE A 23 -2.34 1.50 2.71
C ILE A 23 -2.40 1.71 4.21
N ALA A 24 -1.36 2.32 4.77
CA ALA A 24 -1.30 2.59 6.20
C ALA A 24 -1.92 3.94 6.54
N LEU A 25 -2.85 3.94 7.49
CA LEU A 25 -3.52 5.18 7.91
C LEU A 25 -2.58 6.08 8.67
N TYR A 26 -1.70 5.47 9.47
CA TYR A 26 -0.73 6.22 10.27
C TYR A 26 0.68 5.73 10.02
N ASP A 27 1.65 6.38 10.65
CA ASP A 27 3.05 6.01 10.50
C ASP A 27 3.50 5.10 11.64
N TYR A 28 3.71 3.83 11.33
CA TYR A 28 4.14 2.87 12.33
C TYR A 28 5.67 2.77 12.38
N GLN A 29 6.21 2.69 13.59
CA GLN A 29 7.65 2.60 13.78
C GLN A 29 8.02 1.43 14.68
N THR A 30 9.09 0.73 14.34
CA THR A 30 9.53 -0.41 15.13
C THR A 30 11.02 -0.66 14.93
N ASN A 31 11.66 -1.24 15.95
CA ASN A 31 13.09 -1.53 15.90
C ASN A 31 13.35 -3.03 16.01
N ASP A 32 12.39 -3.83 15.55
CA ASP A 32 12.51 -5.28 15.60
C ASP A 32 12.56 -5.87 14.19
N PRO A 33 13.35 -6.93 14.02
CA PRO A 33 13.50 -7.61 12.74
C PRO A 33 12.24 -8.36 12.32
N GLN A 34 11.47 -8.81 13.32
CA GLN A 34 10.24 -9.54 13.06
C GLN A 34 9.11 -8.60 12.67
N GLU A 35 9.09 -7.42 13.28
CA GLU A 35 8.07 -6.43 13.00
C GLU A 35 8.51 -5.49 11.88
N LEU A 36 7.58 -5.14 11.00
CA LEU A 36 7.87 -4.25 9.88
C LEU A 36 7.39 -2.84 10.17
N ALA A 37 8.09 -1.85 9.61
CA ALA A 37 7.72 -0.45 9.80
C ALA A 37 6.92 0.08 8.62
N LEU A 38 5.72 0.58 8.90
CA LEU A 38 4.85 1.12 7.86
C LEU A 38 5.08 2.62 7.68
N ARG A 39 4.37 3.20 6.72
CA ARG A 39 4.50 4.63 6.45
C ARG A 39 3.14 5.26 6.18
N ARG A 40 2.92 6.46 6.72
CA ARG A 40 1.66 7.16 6.54
C ARG A 40 1.46 7.56 5.09
N ASN A 41 0.36 7.12 4.49
CA ASN A 41 0.06 7.43 3.10
C ASN A 41 0.98 6.66 2.15
N GLU A 42 1.12 5.36 2.40
CA GLU A 42 1.97 4.50 1.58
C GLU A 42 1.31 3.14 1.35
N GLU A 43 1.45 2.63 0.14
CA GLU A 43 0.88 1.33 -0.21
C GLU A 43 1.82 0.20 0.18
N TYR A 44 1.25 -0.98 0.44
CA TYR A 44 2.03 -2.14 0.84
C TYR A 44 1.33 -3.43 0.41
N CYS A 45 2.06 -4.28 -0.29
CA CYS A 45 1.52 -5.56 -0.76
C CYS A 45 1.37 -6.54 0.40
N LEU A 46 0.24 -7.25 0.41
CA LEU A 46 -0.03 -8.23 1.47
C LEU A 46 0.53 -9.59 1.10
N LEU A 47 1.60 -9.99 1.79
CA LEU A 47 2.23 -11.28 1.54
C LEU A 47 1.32 -12.43 1.98
N ASP A 48 1.14 -12.56 3.29
CA ASP A 48 0.30 -13.61 3.84
C ASP A 48 -0.71 -13.04 4.84
N SER A 49 -1.77 -13.80 5.09
CA SER A 49 -2.81 -13.36 6.02
C SER A 49 -3.08 -14.42 7.07
N SER A 50 -2.04 -15.15 7.47
CA SER A 50 -2.17 -16.21 8.45
C SER A 50 -2.98 -15.72 9.66
N GLU A 51 -2.68 -14.51 10.12
CA GLU A 51 -3.38 -13.94 11.26
C GLU A 51 -4.33 -12.83 10.81
N ILE A 52 -4.98 -12.19 11.78
CA ILE A 52 -5.92 -11.11 11.50
C ILE A 52 -5.38 -9.76 11.96
N HIS A 53 -5.04 -9.68 13.24
CA HIS A 53 -4.50 -8.46 13.82
C HIS A 53 -3.11 -8.17 13.28
N TRP A 54 -2.32 -9.22 13.09
CA TRP A 54 -0.97 -9.08 12.58
C TRP A 54 -0.83 -9.72 11.21
N TRP A 55 -0.71 -8.88 10.18
CA TRP A 55 -0.58 -9.37 8.81
C TRP A 55 0.87 -9.24 8.33
N ARG A 56 1.22 -10.05 7.33
CA ARG A 56 2.57 -10.03 6.78
C ARG A 56 2.60 -9.29 5.44
N VAL A 57 3.37 -8.21 5.38
CA VAL A 57 3.49 -7.42 4.16
C VAL A 57 4.95 -7.18 3.80
N GLN A 58 5.18 -6.51 2.68
CA GLN A 58 6.53 -6.22 2.21
C GLN A 58 6.65 -4.77 1.75
N ASP A 59 7.42 -3.98 2.49
CA ASP A 59 7.62 -2.58 2.15
C ASP A 59 8.22 -2.43 0.76
N ARG A 60 7.87 -1.33 0.08
CA ARG A 60 8.37 -1.09 -1.26
C ARG A 60 9.89 -1.24 -1.32
N ASN A 61 10.53 -1.19 -0.15
CA ASN A 61 11.98 -1.33 -0.07
C ASN A 61 12.39 -2.80 -0.18
N GLY A 62 11.74 -3.65 0.62
CA GLY A 62 12.05 -5.07 0.58
C GLY A 62 12.15 -5.66 1.98
N HIS A 63 11.41 -5.09 2.92
CA HIS A 63 11.43 -5.57 4.30
C HIS A 63 10.02 -6.03 4.72
N GLU A 64 9.93 -7.28 5.16
CA GLU A 64 8.66 -7.85 5.59
C GLU A 64 8.61 -7.96 7.11
N GLY A 65 7.42 -8.24 7.64
CA GLY A 65 7.26 -8.38 9.08
C GLY A 65 5.81 -8.44 9.50
N TYR A 66 5.55 -8.24 10.79
CA TYR A 66 4.19 -8.26 11.31
C TYR A 66 3.72 -6.86 11.69
N VAL A 67 2.60 -6.45 11.10
CA VAL A 67 2.04 -5.13 11.37
C VAL A 67 0.56 -5.22 11.72
N PRO A 68 0.06 -4.23 12.46
CA PRO A 68 -1.34 -4.18 12.88
C PRO A 68 -2.27 -3.88 11.72
N SER A 69 -3.05 -4.88 11.31
CA SER A 69 -3.98 -4.73 10.20
C SER A 69 -4.73 -3.40 10.31
N SER A 70 -5.00 -2.97 11.52
CA SER A 70 -5.71 -1.72 11.76
C SER A 70 -5.17 -0.61 10.86
N TYR A 71 -3.85 -0.42 10.89
CA TYR A 71 -3.21 0.61 10.08
C TYR A 71 -3.43 0.36 8.60
N LEU A 72 -3.27 -0.90 8.19
CA LEU A 72 -3.46 -1.28 6.79
C LEU A 72 -4.91 -1.11 6.36
N VAL A 73 -5.12 -0.82 5.09
CA VAL A 73 -6.46 -0.63 4.55
C VAL A 73 -6.54 -1.08 3.09
N GLU A 74 -7.57 -1.87 2.79
CA GLU A 74 -7.76 -2.37 1.43
C GLU A 74 -8.10 -1.22 0.48
N LYS A 75 -7.18 -0.93 -0.44
CA LYS A 75 -7.39 0.14 -1.41
C LYS A 75 -8.77 0.04 -2.05
N SER A 76 -9.56 1.09 -1.89
CA SER A 76 -10.91 1.12 -2.45
C SER A 76 -10.89 0.75 -3.93
N PRO A 77 -11.94 0.04 -4.38
CA PRO A 77 -12.07 -0.38 -5.78
C PRO A 77 -12.33 0.79 -6.72
N ASN A 78 -12.94 1.84 -6.18
CA ASN A 78 -13.26 3.03 -6.96
C ASN A 78 -12.24 4.14 -6.72
N ASN A 79 -11.76 4.75 -7.81
CA ASN A 79 -10.78 5.82 -7.70
C ASN A 79 -11.42 7.16 -8.04
N LEU A 80 -11.08 8.19 -7.27
CA LEU A 80 -11.61 9.52 -7.49
C LEU A 80 -10.50 10.50 -7.88
N GLU A 81 -10.89 11.72 -8.26
CA GLU A 81 -9.92 12.73 -8.65
C GLU A 81 -9.09 12.27 -9.84
N THR A 82 -9.75 11.64 -10.81
CA THR A 82 -9.08 11.14 -12.00
C THR A 82 -8.26 12.25 -12.67
N TYR A 83 -7.14 11.86 -13.26
CA TYR A 83 -6.26 12.81 -13.94
C TYR A 83 -6.34 12.65 -15.45
N GLU A 84 -7.19 13.45 -16.08
CA GLU A 84 -7.36 13.40 -17.53
C GLU A 84 -7.16 14.77 -18.16
N TRP A 85 -5.94 15.04 -18.60
CA TRP A 85 -5.61 16.31 -19.22
C TRP A 85 -4.33 16.21 -20.04
N GLY A 1 -35.31 16.87 -26.06
CA GLY A 1 -34.63 15.63 -25.76
C GLY A 1 -33.13 15.80 -25.63
N SER A 2 -32.51 15.06 -24.72
CA SER A 2 -31.07 15.14 -24.51
C SER A 2 -30.51 13.78 -24.08
N SER A 3 -29.25 13.54 -24.42
CA SER A 3 -28.59 12.29 -24.09
C SER A 3 -27.10 12.51 -23.85
N GLY A 4 -26.42 11.46 -23.38
CA GLY A 4 -25.00 11.55 -23.12
C GLY A 4 -24.58 10.74 -21.92
N SER A 5 -23.80 9.68 -22.16
CA SER A 5 -23.33 8.82 -21.09
C SER A 5 -21.81 8.68 -21.13
N SER A 6 -21.12 9.62 -20.48
CA SER A 6 -19.67 9.60 -20.45
C SER A 6 -19.15 9.63 -19.01
N GLY A 7 -18.46 8.56 -18.61
CA GLY A 7 -17.94 8.48 -17.27
C GLY A 7 -16.43 8.25 -17.25
N GLU A 8 -16.02 7.02 -16.98
CA GLU A 8 -14.60 6.69 -16.94
C GLU A 8 -14.08 6.29 -18.31
N ASP A 9 -13.08 7.02 -18.80
CA ASP A 9 -12.50 6.74 -20.10
C ASP A 9 -11.65 5.46 -20.06
N ASN A 10 -10.69 5.42 -19.16
CA ASN A 10 -9.82 4.27 -19.01
C ASN A 10 -9.14 4.26 -17.64
N ARG A 11 -8.85 3.05 -17.14
CA ARG A 11 -8.22 2.90 -15.85
C ARG A 11 -7.22 1.75 -15.86
N ARG A 12 -6.11 1.92 -15.17
CA ARG A 12 -5.07 0.89 -15.10
C ARG A 12 -4.65 0.64 -13.65
N PRO A 13 -4.25 -0.61 -13.36
CA PRO A 13 -3.81 -1.00 -12.03
C PRO A 13 -2.47 -0.38 -11.64
N LEU A 14 -2.35 0.03 -10.38
CA LEU A 14 -1.12 0.65 -9.90
C LEU A 14 -0.03 -0.40 -9.73
N TRP A 15 -0.34 -1.47 -9.02
CA TRP A 15 0.62 -2.54 -8.78
C TRP A 15 0.30 -3.76 -9.66
N GLU A 16 -0.85 -4.36 -9.41
CA GLU A 16 -1.28 -5.53 -10.18
C GLU A 16 -2.78 -5.76 -10.03
N PRO A 17 -3.40 -6.27 -11.10
CA PRO A 17 -4.84 -6.55 -11.13
C PRO A 17 -5.22 -7.72 -10.23
N GLU A 18 -4.33 -8.70 -10.14
CA GLU A 18 -4.59 -9.88 -9.31
C GLU A 18 -3.73 -9.84 -8.05
N GLU A 19 -3.71 -8.69 -7.39
CA GLU A 19 -2.94 -8.52 -6.17
C GLU A 19 -3.68 -7.65 -5.16
N THR A 20 -3.42 -7.87 -3.87
CA THR A 20 -4.06 -7.10 -2.81
C THR A 20 -3.11 -6.04 -2.26
N VAL A 21 -3.41 -4.78 -2.53
CA VAL A 21 -2.60 -3.67 -2.05
C VAL A 21 -3.28 -2.94 -0.89
N VAL A 22 -2.54 -2.74 0.19
CA VAL A 22 -3.07 -2.05 1.36
C VAL A 22 -2.29 -0.77 1.66
N ILE A 23 -2.87 0.09 2.48
CA ILE A 23 -2.23 1.35 2.83
C ILE A 23 -2.32 1.60 4.34
N ALA A 24 -1.26 2.16 4.90
CA ALA A 24 -1.21 2.46 6.32
C ALA A 24 -1.77 3.85 6.61
N LEU A 25 -2.71 3.93 7.55
CA LEU A 25 -3.32 5.20 7.92
C LEU A 25 -2.34 6.07 8.72
N TYR A 26 -1.54 5.41 9.55
CA TYR A 26 -0.56 6.12 10.38
C TYR A 26 0.84 5.57 10.15
N ASP A 27 1.84 6.41 10.36
CA ASP A 27 3.23 6.01 10.18
C ASP A 27 3.71 5.19 11.37
N TYR A 28 3.63 3.87 11.24
CA TYR A 28 4.06 2.97 12.31
C TYR A 28 5.58 2.85 12.35
N GLN A 29 6.14 2.91 13.55
CA GLN A 29 7.58 2.81 13.73
C GLN A 29 7.95 1.55 14.50
N THR A 30 8.85 0.76 13.93
CA THR A 30 9.30 -0.48 14.56
C THR A 30 10.48 -1.08 13.83
N ASN A 31 11.65 -1.07 14.47
CA ASN A 31 12.86 -1.61 13.88
C ASN A 31 13.12 -3.03 14.38
N ASP A 32 12.05 -3.77 14.60
CA ASP A 32 12.17 -5.15 15.09
C ASP A 32 12.09 -6.13 13.92
N PRO A 33 12.83 -7.25 14.05
CA PRO A 33 12.87 -8.29 13.02
C PRO A 33 11.55 -9.06 12.93
N GLN A 34 10.67 -8.84 13.90
CA GLN A 34 9.37 -9.51 13.92
C GLN A 34 8.31 -8.66 13.23
N GLU A 35 8.33 -7.36 13.51
CA GLU A 35 7.36 -6.44 12.91
C GLU A 35 8.04 -5.50 11.93
N LEU A 36 7.24 -4.82 11.10
CA LEU A 36 7.77 -3.90 10.11
C LEU A 36 7.25 -2.49 10.37
N ALA A 37 8.07 -1.49 10.04
CA ALA A 37 7.69 -0.10 10.24
C ALA A 37 6.89 0.42 9.05
N LEU A 38 5.58 0.52 9.22
CA LEU A 38 4.70 1.00 8.16
C LEU A 38 4.83 2.51 7.99
N ARG A 39 4.60 2.98 6.77
CA ARG A 39 4.69 4.41 6.48
C ARG A 39 3.30 5.01 6.26
N ARG A 40 3.14 6.27 6.64
CA ARG A 40 1.86 6.96 6.48
C ARG A 40 1.46 7.04 5.02
N ASN A 41 0.18 6.87 4.74
CA ASN A 41 -0.33 6.93 3.38
C ASN A 41 0.65 6.29 2.40
N GLU A 42 1.07 5.07 2.71
CA GLU A 42 2.02 4.34 1.87
C GLU A 42 1.43 3.00 1.45
N GLU A 43 1.78 2.56 0.24
CA GLU A 43 1.28 1.29 -0.28
C GLU A 43 2.13 0.14 0.24
N TYR A 44 1.51 -1.04 0.35
CA TYR A 44 2.20 -2.22 0.83
C TYR A 44 1.58 -3.50 0.26
N CYS A 45 2.42 -4.35 -0.31
CA CYS A 45 1.95 -5.61 -0.90
C CYS A 45 1.78 -6.68 0.18
N LEU A 46 0.56 -7.15 0.34
CA LEU A 46 0.26 -8.18 1.34
C LEU A 46 0.87 -9.52 0.94
N LEU A 47 1.58 -10.14 1.88
CA LEU A 47 2.23 -11.43 1.62
C LEU A 47 1.36 -12.57 2.12
N ASP A 48 1.09 -12.59 3.42
CA ASP A 48 0.27 -13.63 4.03
C ASP A 48 -0.49 -13.09 5.24
N SER A 49 -1.80 -13.27 5.24
CA SER A 49 -2.65 -12.80 6.33
C SER A 49 -3.10 -13.97 7.20
N SER A 50 -2.21 -14.94 7.41
CA SER A 50 -2.52 -16.11 8.22
C SER A 50 -3.27 -15.70 9.49
N GLU A 51 -2.84 -14.60 10.10
CA GLU A 51 -3.47 -14.12 11.31
C GLU A 51 -4.46 -13.00 11.00
N ILE A 52 -5.06 -12.43 12.05
CA ILE A 52 -6.03 -11.37 11.89
C ILE A 52 -5.47 -10.03 12.36
N HIS A 53 -4.95 -10.02 13.59
CA HIS A 53 -4.38 -8.80 14.16
C HIS A 53 -3.04 -8.47 13.50
N TRP A 54 -2.25 -9.50 13.22
CA TRP A 54 -0.95 -9.32 12.59
C TRP A 54 -0.97 -9.82 11.15
N TRP A 55 -0.79 -8.90 10.21
CA TRP A 55 -0.78 -9.24 8.79
C TRP A 55 0.62 -9.09 8.20
N ARG A 56 1.07 -10.12 7.49
CA ARG A 56 2.38 -10.10 6.86
C ARG A 56 2.36 -9.34 5.54
N VAL A 57 3.09 -8.24 5.48
CA VAL A 57 3.14 -7.43 4.27
C VAL A 57 4.59 -7.18 3.84
N GLN A 58 4.75 -6.58 2.67
CA GLN A 58 6.08 -6.28 2.14
C GLN A 58 6.13 -4.88 1.53
N ASP A 59 7.21 -4.17 1.78
CA ASP A 59 7.38 -2.81 1.24
C ASP A 59 7.79 -2.86 -0.23
N ARG A 60 7.62 -1.74 -0.93
CA ARG A 60 7.97 -1.65 -2.33
C ARG A 60 9.45 -1.95 -2.54
N ASN A 61 10.26 -1.67 -1.53
CA ASN A 61 11.70 -1.90 -1.60
C ASN A 61 12.01 -3.38 -1.35
N GLY A 62 11.47 -3.92 -0.27
CA GLY A 62 11.71 -5.31 0.07
C GLY A 62 11.76 -5.54 1.57
N HIS A 63 10.96 -4.79 2.31
CA HIS A 63 10.92 -4.92 3.76
C HIS A 63 9.61 -5.55 4.22
N GLU A 64 9.70 -6.71 4.87
CA GLU A 64 8.52 -7.41 5.36
C GLU A 64 8.45 -7.38 6.89
N GLY A 65 7.40 -7.97 7.44
CA GLY A 65 7.24 -8.00 8.88
C GLY A 65 5.79 -7.97 9.30
N TYR A 66 5.53 -8.25 10.58
CA TYR A 66 4.18 -8.26 11.10
C TYR A 66 3.75 -6.87 11.52
N VAL A 67 2.51 -6.51 11.17
CA VAL A 67 1.97 -5.20 11.52
C VAL A 67 0.48 -5.28 11.82
N PRO A 68 -0.01 -4.32 12.62
CA PRO A 68 -1.43 -4.26 13.00
C PRO A 68 -2.33 -3.90 11.83
N SER A 69 -3.12 -4.86 11.37
CA SER A 69 -4.03 -4.65 10.26
C SER A 69 -4.73 -3.31 10.39
N SER A 70 -5.08 -2.94 11.62
CA SER A 70 -5.76 -1.68 11.88
C SER A 70 -5.17 -0.55 11.04
N TYR A 71 -3.85 -0.51 10.97
CA TYR A 71 -3.16 0.53 10.20
C TYR A 71 -3.37 0.32 8.71
N LEU A 72 -3.23 -0.93 8.26
CA LEU A 72 -3.40 -1.26 6.85
C LEU A 72 -4.86 -1.11 6.44
N VAL A 73 -5.08 -0.76 5.18
CA VAL A 73 -6.43 -0.58 4.65
C VAL A 73 -6.51 -1.02 3.20
N GLU A 74 -7.55 -1.80 2.87
CA GLU A 74 -7.74 -2.28 1.51
C GLU A 74 -7.99 -1.12 0.55
N LYS A 75 -7.03 -0.86 -0.32
CA LYS A 75 -7.14 0.22 -1.29
C LYS A 75 -8.41 0.07 -2.12
N SER A 76 -9.26 1.09 -2.07
CA SER A 76 -10.52 1.08 -2.81
C SER A 76 -10.27 0.97 -4.31
N PRO A 77 -11.25 0.43 -5.04
CA PRO A 77 -11.16 0.25 -6.50
C PRO A 77 -11.19 1.58 -7.24
N ASN A 78 -11.46 2.66 -6.51
CA ASN A 78 -11.52 3.98 -7.11
C ASN A 78 -10.31 4.24 -8.01
N ASN A 79 -10.49 5.11 -9.00
CA ASN A 79 -9.41 5.43 -9.93
C ASN A 79 -9.11 6.93 -9.90
N LEU A 80 -7.84 7.27 -9.78
CA LEU A 80 -7.42 8.68 -9.75
C LEU A 80 -6.25 8.92 -10.68
N GLU A 81 -5.93 10.18 -10.91
CA GLU A 81 -4.82 10.54 -11.79
C GLU A 81 -3.48 10.34 -11.09
N THR A 82 -2.88 9.18 -11.31
CA THR A 82 -1.60 8.85 -10.69
C THR A 82 -0.45 9.03 -11.68
N TYR A 83 0.70 9.48 -11.19
CA TYR A 83 1.86 9.69 -12.03
C TYR A 83 2.41 8.36 -12.54
N GLU A 84 3.11 8.41 -13.68
CA GLU A 84 3.69 7.21 -14.27
C GLU A 84 5.19 7.16 -14.03
N TRP A 85 5.60 7.49 -12.81
CA TRP A 85 7.02 7.49 -12.46
C TRP A 85 7.33 6.35 -11.49
N GLY A 1 -3.09 33.07 -25.15
CA GLY A 1 -3.87 32.38 -24.13
C GLY A 1 -3.01 31.88 -22.99
N SER A 2 -3.55 31.93 -21.78
CA SER A 2 -2.82 31.48 -20.59
C SER A 2 -3.19 30.03 -20.25
N SER A 3 -4.49 29.77 -20.16
CA SER A 3 -4.99 28.43 -19.83
C SER A 3 -5.09 27.58 -21.08
N GLY A 4 -4.97 26.26 -20.90
CA GLY A 4 -5.07 25.34 -22.02
C GLY A 4 -4.29 24.06 -21.78
N SER A 5 -4.44 23.50 -20.58
CA SER A 5 -3.74 22.27 -20.23
C SER A 5 -4.74 21.13 -20.04
N SER A 6 -5.14 20.52 -21.16
CA SER A 6 -6.09 19.42 -21.12
C SER A 6 -5.77 18.45 -19.99
N GLY A 7 -4.52 17.95 -19.98
CA GLY A 7 -4.11 17.02 -18.94
C GLY A 7 -4.23 15.58 -19.37
N GLU A 8 -3.37 15.17 -20.29
CA GLU A 8 -3.38 13.79 -20.80
C GLU A 8 -2.28 12.97 -20.14
N ASP A 9 -2.62 12.34 -19.02
CA ASP A 9 -1.66 11.50 -18.29
C ASP A 9 -2.14 10.06 -18.21
N ASN A 10 -1.64 9.23 -19.11
CA ASN A 10 -2.02 7.82 -19.14
C ASN A 10 -1.00 6.96 -18.37
N ARG A 11 -0.55 7.47 -17.24
CA ARG A 11 0.42 6.75 -16.41
C ARG A 11 -0.25 5.58 -15.69
N ARG A 12 0.58 4.66 -15.20
CA ARG A 12 0.08 3.49 -14.50
C ARG A 12 0.70 3.37 -13.11
N PRO A 13 0.00 2.70 -12.19
CA PRO A 13 0.46 2.52 -10.81
C PRO A 13 1.65 1.57 -10.73
N LEU A 14 2.41 1.68 -9.65
CA LEU A 14 3.59 0.83 -9.45
C LEU A 14 3.17 -0.63 -9.27
N TRP A 15 2.22 -0.86 -8.37
CA TRP A 15 1.74 -2.22 -8.12
C TRP A 15 0.71 -2.63 -9.15
N GLU A 16 0.32 -3.90 -9.12
CA GLU A 16 -0.67 -4.43 -10.05
C GLU A 16 -2.05 -4.51 -9.41
N PRO A 17 -3.09 -4.52 -10.25
CA PRO A 17 -4.48 -4.60 -9.78
C PRO A 17 -4.81 -5.96 -9.19
N GLU A 18 -3.93 -6.93 -9.39
CA GLU A 18 -4.14 -8.28 -8.87
C GLU A 18 -3.68 -8.37 -7.41
N GLU A 19 -2.50 -7.83 -7.14
CA GLU A 19 -1.94 -7.86 -5.78
C GLU A 19 -2.75 -6.97 -4.85
N THR A 20 -3.09 -7.50 -3.68
CA THR A 20 -3.85 -6.74 -2.70
C THR A 20 -3.01 -5.63 -2.08
N VAL A 21 -3.12 -4.44 -2.65
CA VAL A 21 -2.37 -3.29 -2.16
C VAL A 21 -3.12 -2.60 -1.01
N VAL A 22 -2.46 -2.54 0.14
CA VAL A 22 -3.06 -1.90 1.32
C VAL A 22 -2.30 -0.64 1.70
N ILE A 23 -3.00 0.29 2.34
CA ILE A 23 -2.40 1.55 2.77
C ILE A 23 -2.47 1.70 4.29
N ALA A 24 -1.44 2.31 4.86
CA ALA A 24 -1.38 2.52 6.30
C ALA A 24 -1.99 3.87 6.68
N LEU A 25 -2.85 3.86 7.70
CA LEU A 25 -3.51 5.07 8.16
C LEU A 25 -2.58 5.89 9.06
N TYR A 26 -1.71 5.19 9.79
CA TYR A 26 -0.77 5.84 10.69
C TYR A 26 0.62 5.22 10.58
N ASP A 27 1.63 5.98 10.96
CA ASP A 27 3.01 5.51 10.90
C ASP A 27 3.31 4.58 12.07
N TYR A 28 3.43 3.29 11.78
CA TYR A 28 3.71 2.30 12.82
C TYR A 28 5.22 2.14 13.02
N GLN A 29 5.61 1.96 14.28
CA GLN A 29 7.02 1.80 14.60
C GLN A 29 7.21 0.77 15.71
N THR A 30 8.02 -0.26 15.44
CA THR A 30 8.27 -1.31 16.40
C THR A 30 9.72 -1.29 16.87
N ASN A 31 9.98 -1.86 18.05
CA ASN A 31 11.32 -1.91 18.60
C ASN A 31 12.01 -3.23 18.25
N ASP A 32 11.24 -4.18 17.74
CA ASP A 32 11.77 -5.47 17.36
C ASP A 32 11.93 -5.58 15.84
N PRO A 33 12.91 -6.38 15.40
CA PRO A 33 13.19 -6.58 13.97
C PRO A 33 12.09 -7.38 13.29
N GLN A 34 11.65 -8.44 13.94
CA GLN A 34 10.60 -9.30 13.38
C GLN A 34 9.46 -8.46 12.82
N GLU A 35 9.05 -7.45 13.58
CA GLU A 35 7.96 -6.58 13.17
C GLU A 35 8.47 -5.46 12.27
N LEU A 36 7.65 -5.06 11.30
CA LEU A 36 8.03 -4.00 10.37
C LEU A 36 7.35 -2.68 10.75
N ALA A 37 8.01 -1.58 10.43
CA ALA A 37 7.47 -0.25 10.74
C ALA A 37 6.79 0.35 9.52
N LEU A 38 5.46 0.34 9.50
CA LEU A 38 4.69 0.89 8.40
C LEU A 38 4.91 2.40 8.28
N ARG A 39 4.56 2.95 7.13
CA ARG A 39 4.71 4.38 6.89
C ARG A 39 3.36 5.02 6.58
N ARG A 40 3.19 6.25 7.04
CA ARG A 40 1.94 6.97 6.82
C ARG A 40 1.77 7.32 5.34
N ASN A 41 0.58 7.07 4.81
CA ASN A 41 0.28 7.35 3.41
C ASN A 41 1.21 6.56 2.49
N GLU A 42 1.28 5.25 2.72
CA GLU A 42 2.12 4.38 1.92
C GLU A 42 1.42 3.06 1.63
N GLU A 43 1.63 2.52 0.43
CA GLU A 43 1.02 1.26 0.03
C GLU A 43 1.95 0.09 0.33
N TYR A 44 1.36 -1.10 0.47
CA TYR A 44 2.13 -2.30 0.76
C TYR A 44 1.49 -3.54 0.13
N CYS A 45 2.32 -4.49 -0.27
CA CYS A 45 1.82 -5.72 -0.89
C CYS A 45 1.56 -6.78 0.15
N LEU A 46 0.32 -7.22 0.24
CA LEU A 46 -0.08 -8.25 1.21
C LEU A 46 0.47 -9.62 0.80
N LEU A 47 1.29 -10.20 1.66
CA LEU A 47 1.89 -11.51 1.38
C LEU A 47 1.04 -12.62 1.99
N ASP A 48 0.98 -12.66 3.32
CA ASP A 48 0.20 -13.67 4.01
C ASP A 48 -0.67 -13.04 5.10
N SER A 49 -1.98 -13.20 4.99
CA SER A 49 -2.91 -12.64 5.96
C SER A 49 -3.40 -13.72 6.93
N SER A 50 -2.56 -14.72 7.16
CA SER A 50 -2.91 -15.81 8.05
C SER A 50 -3.64 -15.30 9.29
N GLU A 51 -3.00 -14.39 10.01
CA GLU A 51 -3.58 -13.81 11.22
C GLU A 51 -4.55 -12.68 10.86
N ILE A 52 -5.14 -12.07 11.88
CA ILE A 52 -6.07 -10.98 11.68
C ILE A 52 -5.50 -9.66 12.20
N HIS A 53 -4.99 -9.69 13.43
CA HIS A 53 -4.42 -8.49 14.04
C HIS A 53 -3.01 -8.23 13.50
N TRP A 54 -2.30 -9.31 13.16
CA TRP A 54 -0.95 -9.19 12.64
C TRP A 54 -0.88 -9.71 11.20
N TRP A 55 -0.73 -8.80 10.25
CA TRP A 55 -0.65 -9.18 8.84
C TRP A 55 0.78 -9.07 8.33
N ARG A 56 1.16 -9.98 7.44
CA ARG A 56 2.50 -10.00 6.88
C ARG A 56 2.51 -9.38 5.48
N VAL A 57 3.18 -8.23 5.37
CA VAL A 57 3.27 -7.54 4.08
C VAL A 57 4.70 -7.13 3.78
N GLN A 58 4.95 -6.73 2.53
CA GLN A 58 6.28 -6.32 2.12
C GLN A 58 6.28 -4.86 1.63
N ASP A 59 7.18 -4.07 2.19
CA ASP A 59 7.28 -2.67 1.82
C ASP A 59 7.87 -2.51 0.42
N ARG A 60 8.03 -1.26 -0.01
CA ARG A 60 8.58 -0.98 -1.33
C ARG A 60 10.09 -1.26 -1.36
N ASN A 61 10.72 -1.23 -0.19
CA ASN A 61 12.14 -1.48 -0.09
C ASN A 61 12.45 -2.95 -0.32
N GLY A 62 11.62 -3.82 0.24
CA GLY A 62 11.81 -5.25 0.07
C GLY A 62 11.84 -5.99 1.40
N HIS A 63 11.49 -5.28 2.47
CA HIS A 63 11.47 -5.87 3.80
C HIS A 63 10.06 -6.28 4.20
N GLU A 64 9.94 -7.04 5.29
CA GLU A 64 8.65 -7.49 5.76
C GLU A 64 8.60 -7.49 7.29
N GLY A 65 7.42 -7.76 7.84
CA GLY A 65 7.27 -7.78 9.29
C GLY A 65 5.81 -7.81 9.71
N TYR A 66 5.55 -8.34 10.90
CA TYR A 66 4.20 -8.43 11.42
C TYR A 66 3.65 -7.05 11.78
N VAL A 67 2.83 -6.50 10.90
CA VAL A 67 2.24 -5.18 11.13
C VAL A 67 0.77 -5.29 11.51
N PRO A 68 0.29 -4.32 12.30
CA PRO A 68 -1.10 -4.29 12.75
C PRO A 68 -2.08 -3.99 11.62
N SER A 69 -2.78 -5.02 11.15
CA SER A 69 -3.74 -4.86 10.07
C SER A 69 -4.52 -3.56 10.22
N SER A 70 -4.98 -3.30 11.43
CA SER A 70 -5.76 -2.09 11.72
C SER A 70 -5.23 -0.91 10.90
N TYR A 71 -3.92 -0.72 10.93
CA TYR A 71 -3.29 0.37 10.20
C TYR A 71 -3.46 0.20 8.69
N LEU A 72 -3.23 -1.02 8.22
CA LEU A 72 -3.37 -1.32 6.79
C LEU A 72 -4.83 -1.30 6.37
N VAL A 73 -5.09 -0.77 5.18
CA VAL A 73 -6.45 -0.69 4.66
C VAL A 73 -6.52 -1.18 3.22
N GLU A 74 -7.55 -1.96 2.91
CA GLU A 74 -7.72 -2.50 1.57
C GLU A 74 -8.04 -1.39 0.57
N LYS A 75 -7.10 -1.11 -0.33
CA LYS A 75 -7.28 -0.07 -1.34
C LYS A 75 -8.69 -0.11 -1.91
N SER A 76 -9.52 0.86 -1.50
CA SER A 76 -10.89 0.92 -1.97
C SER A 76 -10.94 1.33 -3.44
N PRO A 77 -11.81 0.65 -4.21
CA PRO A 77 -11.97 0.92 -5.65
C PRO A 77 -12.63 2.27 -5.91
N ASN A 78 -13.23 2.84 -4.87
CA ASN A 78 -13.91 4.13 -4.99
C ASN A 78 -13.02 5.15 -5.69
N ASN A 79 -11.91 5.50 -5.05
CA ASN A 79 -10.98 6.46 -5.63
C ASN A 79 -9.56 5.92 -5.62
N LEU A 80 -8.94 5.87 -6.79
CA LEU A 80 -7.57 5.36 -6.93
C LEU A 80 -6.55 6.47 -6.67
N GLU A 81 -5.66 6.24 -5.73
CA GLU A 81 -4.63 7.22 -5.39
C GLU A 81 -3.24 6.66 -5.68
N THR A 82 -2.69 7.04 -6.83
CA THR A 82 -1.37 6.58 -7.23
C THR A 82 -0.29 7.58 -6.83
N TYR A 83 0.85 7.08 -6.40
CA TYR A 83 1.96 7.94 -5.98
C TYR A 83 3.28 7.42 -6.54
N GLU A 84 3.98 8.28 -7.28
CA GLU A 84 5.26 7.93 -7.87
C GLU A 84 6.41 8.65 -7.18
N TRP A 85 7.07 7.94 -6.26
CA TRP A 85 8.19 8.52 -5.52
C TRP A 85 9.39 8.73 -6.43
N GLY A 1 -0.41 38.32 -22.67
CA GLY A 1 -1.00 37.04 -22.33
C GLY A 1 -0.06 36.16 -21.55
N SER A 2 -0.31 36.03 -20.25
CA SER A 2 0.52 35.20 -19.39
C SER A 2 -0.27 34.03 -18.82
N SER A 3 0.06 32.82 -19.28
CA SER A 3 -0.63 31.63 -18.83
C SER A 3 0.28 30.40 -18.93
N GLY A 4 0.64 29.84 -17.78
CA GLY A 4 1.50 28.67 -17.77
C GLY A 4 0.74 27.38 -17.99
N SER A 5 1.10 26.67 -19.05
CA SER A 5 0.45 25.41 -19.38
C SER A 5 1.47 24.29 -19.59
N SER A 6 2.47 24.26 -18.73
CA SER A 6 3.52 23.25 -18.82
C SER A 6 3.27 22.10 -17.84
N GLY A 7 3.14 20.89 -18.37
CA GLY A 7 2.89 19.73 -17.54
C GLY A 7 2.04 18.69 -18.23
N GLU A 8 2.58 18.10 -19.30
CA GLU A 8 1.85 17.09 -20.05
C GLU A 8 2.65 15.79 -20.10
N ASP A 9 2.18 14.78 -19.38
CA ASP A 9 2.84 13.48 -19.35
C ASP A 9 1.99 12.45 -18.61
N ASN A 10 1.76 11.32 -19.26
CA ASN A 10 0.96 10.25 -18.65
C ASN A 10 1.82 9.34 -17.79
N ARG A 11 1.49 9.27 -16.51
CA ARG A 11 2.23 8.44 -15.57
C ARG A 11 1.60 7.05 -15.45
N ARG A 12 2.33 6.13 -14.83
CA ARG A 12 1.85 4.76 -14.66
C ARG A 12 1.74 4.42 -13.18
N PRO A 13 0.82 3.49 -12.86
CA PRO A 13 0.59 3.04 -11.48
C PRO A 13 1.75 2.22 -10.94
N LEU A 14 1.86 2.16 -9.61
CA LEU A 14 2.92 1.40 -8.96
C LEU A 14 2.56 -0.08 -8.86
N TRP A 15 1.44 -0.36 -8.22
CA TRP A 15 0.98 -1.74 -8.05
C TRP A 15 -0.10 -2.08 -9.08
N GLU A 16 -0.57 -3.32 -9.06
CA GLU A 16 -1.60 -3.77 -9.99
C GLU A 16 -2.94 -3.92 -9.28
N PRO A 17 -4.03 -3.82 -10.05
CA PRO A 17 -5.39 -3.93 -9.52
C PRO A 17 -5.72 -5.36 -9.09
N GLU A 18 -4.97 -6.31 -9.60
CA GLU A 18 -5.18 -7.72 -9.27
C GLU A 18 -4.53 -8.06 -7.93
N GLU A 19 -3.32 -7.58 -7.72
CA GLU A 19 -2.60 -7.83 -6.48
C GLU A 19 -3.17 -7.01 -5.34
N THR A 20 -3.38 -7.65 -4.20
CA THR A 20 -3.93 -6.98 -3.02
C THR A 20 -2.99 -5.90 -2.52
N VAL A 21 -3.44 -4.64 -2.61
CA VAL A 21 -2.64 -3.51 -2.15
C VAL A 21 -3.31 -2.77 -1.01
N VAL A 22 -2.60 -2.62 0.10
CA VAL A 22 -3.14 -1.94 1.27
C VAL A 22 -2.35 -0.66 1.57
N ILE A 23 -2.91 0.18 2.43
CA ILE A 23 -2.26 1.44 2.79
C ILE A 23 -2.26 1.63 4.31
N ALA A 24 -1.20 2.25 4.82
CA ALA A 24 -1.08 2.50 6.25
C ALA A 24 -1.65 3.86 6.62
N LEU A 25 -2.78 3.86 7.31
CA LEU A 25 -3.43 5.09 7.72
C LEU A 25 -2.47 5.98 8.52
N TYR A 26 -1.69 5.35 9.40
CA TYR A 26 -0.74 6.08 10.22
C TYR A 26 0.66 5.49 10.07
N ASP A 27 1.67 6.28 10.45
CA ASP A 27 3.05 5.84 10.35
C ASP A 27 3.42 4.97 11.55
N TYR A 28 3.47 3.66 11.33
CA TYR A 28 3.81 2.72 12.39
C TYR A 28 5.32 2.50 12.47
N GLN A 29 5.82 2.37 13.69
CA GLN A 29 7.25 2.16 13.90
C GLN A 29 7.50 1.03 14.87
N THR A 30 8.65 0.36 14.74
CA THR A 30 9.00 -0.76 15.61
C THR A 30 10.45 -1.18 15.41
N ASN A 31 11.11 -1.52 16.50
CA ASN A 31 12.51 -1.94 16.44
C ASN A 31 12.65 -3.42 16.79
N ASP A 32 11.66 -4.21 16.38
CA ASP A 32 11.67 -5.65 16.65
C ASP A 32 12.05 -6.43 15.40
N PRO A 33 12.73 -7.56 15.59
CA PRO A 33 13.16 -8.43 14.49
C PRO A 33 11.98 -9.14 13.82
N GLN A 34 10.90 -9.31 14.56
CA GLN A 34 9.72 -9.97 14.03
C GLN A 34 8.59 -8.96 13.79
N GLU A 35 8.96 -7.75 13.39
CA GLU A 35 7.99 -6.69 13.12
C GLU A 35 8.50 -5.75 12.04
N LEU A 36 7.61 -4.88 11.57
CA LEU A 36 7.96 -3.91 10.54
C LEU A 36 7.36 -2.54 10.83
N ALA A 37 8.03 -1.49 10.36
CA ALA A 37 7.54 -0.13 10.58
C ALA A 37 6.89 0.43 9.31
N LEU A 38 5.58 0.58 9.35
CA LEU A 38 4.83 1.10 8.21
C LEU A 38 4.95 2.62 8.14
N ARG A 39 4.72 3.16 6.94
CA ARG A 39 4.80 4.60 6.73
C ARG A 39 3.42 5.19 6.45
N ARG A 40 3.18 6.39 6.96
CA ARG A 40 1.90 7.06 6.76
C ARG A 40 1.71 7.46 5.30
N ASN A 41 0.58 7.06 4.72
CA ASN A 41 0.28 7.37 3.33
C ASN A 41 1.17 6.55 2.40
N GLU A 42 1.42 5.30 2.76
CA GLU A 42 2.25 4.42 1.95
C GLU A 42 1.55 3.09 1.68
N GLU A 43 1.67 2.60 0.45
CA GLU A 43 1.04 1.34 0.07
C GLU A 43 1.98 0.17 0.31
N TYR A 44 1.40 -1.01 0.53
CA TYR A 44 2.20 -2.21 0.78
C TYR A 44 1.54 -3.43 0.14
N CYS A 45 2.31 -4.50 0.01
CA CYS A 45 1.80 -5.74 -0.58
C CYS A 45 1.57 -6.79 0.49
N LEU A 46 0.32 -7.19 0.66
CA LEU A 46 -0.04 -8.20 1.66
C LEU A 46 0.53 -9.56 1.27
N LEU A 47 1.56 -9.99 2.00
CA LEU A 47 2.19 -11.27 1.74
C LEU A 47 1.28 -12.42 2.14
N ASP A 48 0.96 -12.50 3.42
CA ASP A 48 0.09 -13.55 3.94
C ASP A 48 -0.79 -13.02 5.08
N SER A 49 -2.00 -13.56 5.18
CA SER A 49 -2.93 -13.14 6.22
C SER A 49 -3.16 -14.26 7.23
N SER A 50 -2.13 -15.09 7.43
CA SER A 50 -2.23 -16.20 8.37
C SER A 50 -3.01 -15.80 9.62
N GLU A 51 -2.69 -14.65 10.17
CA GLU A 51 -3.37 -14.15 11.36
C GLU A 51 -4.34 -13.03 11.02
N ILE A 52 -5.01 -12.49 12.03
CA ILE A 52 -5.97 -11.42 11.82
C ILE A 52 -5.43 -10.09 12.36
N HIS A 53 -5.07 -10.07 13.63
CA HIS A 53 -4.53 -8.87 14.26
C HIS A 53 -3.18 -8.50 13.67
N TRP A 54 -2.45 -9.51 13.19
CA TRP A 54 -1.14 -9.29 12.59
C TRP A 54 -1.10 -9.80 11.16
N TRP A 55 -0.74 -8.92 10.23
CA TRP A 55 -0.66 -9.28 8.82
C TRP A 55 0.76 -9.13 8.30
N ARG A 56 1.11 -9.98 7.34
CA ARG A 56 2.45 -9.95 6.75
C ARG A 56 2.45 -9.17 5.44
N VAL A 57 3.34 -8.18 5.35
CA VAL A 57 3.44 -7.36 4.14
C VAL A 57 4.90 -7.16 3.74
N GLN A 58 5.10 -6.55 2.57
CA GLN A 58 6.45 -6.30 2.07
C GLN A 58 6.57 -4.89 1.52
N ASP A 59 7.28 -4.03 2.24
CA ASP A 59 7.47 -2.65 1.81
C ASP A 59 7.86 -2.58 0.34
N ARG A 60 7.84 -1.37 -0.22
CA ARG A 60 8.20 -1.17 -1.62
C ARG A 60 9.67 -1.49 -1.86
N ASN A 61 10.51 -1.20 -0.86
CA ASN A 61 11.93 -1.45 -0.96
C ASN A 61 12.23 -2.95 -0.86
N GLY A 62 11.67 -3.58 0.17
CA GLY A 62 11.89 -5.00 0.37
C GLY A 62 11.97 -5.38 1.84
N HIS A 63 11.16 -4.72 2.67
CA HIS A 63 11.14 -5.00 4.10
C HIS A 63 9.83 -5.66 4.50
N GLU A 64 9.94 -6.85 5.08
CA GLU A 64 8.76 -7.60 5.52
C GLU A 64 8.67 -7.63 7.03
N GLY A 65 7.53 -8.08 7.55
CA GLY A 65 7.34 -8.15 8.99
C GLY A 65 5.87 -8.21 9.37
N TYR A 66 5.61 -8.19 10.68
CA TYR A 66 4.24 -8.24 11.18
C TYR A 66 3.75 -6.86 11.58
N VAL A 67 2.64 -6.43 10.98
CA VAL A 67 2.07 -5.13 11.28
C VAL A 67 0.59 -5.24 11.62
N PRO A 68 0.09 -4.28 12.42
CA PRO A 68 -1.32 -4.25 12.85
C PRO A 68 -2.26 -3.94 11.69
N SER A 69 -3.07 -4.92 11.31
CA SER A 69 -4.01 -4.75 10.22
C SER A 69 -4.75 -3.42 10.34
N SER A 70 -5.01 -3.01 11.58
CA SER A 70 -5.71 -1.75 11.84
C SER A 70 -5.15 -0.63 10.97
N TYR A 71 -3.84 -0.61 10.82
CA TYR A 71 -3.18 0.41 10.02
C TYR A 71 -3.40 0.17 8.52
N LEU A 72 -3.28 -1.09 8.11
CA LEU A 72 -3.48 -1.45 6.71
C LEU A 72 -4.95 -1.34 6.32
N VAL A 73 -5.19 -0.89 5.10
CA VAL A 73 -6.56 -0.74 4.60
C VAL A 73 -6.65 -1.15 3.14
N GLU A 74 -7.68 -1.92 2.80
CA GLU A 74 -7.89 -2.38 1.43
C GLU A 74 -8.17 -1.21 0.50
N LYS A 75 -7.26 -0.97 -0.43
CA LYS A 75 -7.40 0.12 -1.39
C LYS A 75 -8.83 0.19 -1.92
N SER A 76 -9.58 1.19 -1.47
CA SER A 76 -10.97 1.36 -1.90
C SER A 76 -11.08 1.21 -3.41
N PRO A 77 -12.22 0.65 -3.87
CA PRO A 77 -12.48 0.44 -5.30
C PRO A 77 -12.71 1.75 -6.04
N ASN A 78 -12.93 2.82 -5.29
CA ASN A 78 -13.16 4.14 -5.89
C ASN A 78 -11.97 5.05 -5.64
N ASN A 79 -11.08 5.14 -6.62
CA ASN A 79 -9.89 5.98 -6.50
C ASN A 79 -10.29 7.44 -6.30
N LEU A 80 -9.84 8.02 -5.19
CA LEU A 80 -10.15 9.41 -4.88
C LEU A 80 -9.02 10.33 -5.33
N GLU A 81 -9.39 11.50 -5.86
CA GLU A 81 -8.40 12.47 -6.33
C GLU A 81 -8.67 13.85 -5.73
N THR A 82 -8.02 14.13 -4.60
CA THR A 82 -8.20 15.41 -3.92
C THR A 82 -7.27 16.47 -4.53
N TYR A 83 -6.88 16.27 -5.78
CA TYR A 83 -6.00 17.21 -6.47
C TYR A 83 -6.61 17.65 -7.79
N GLU A 84 -7.41 18.71 -7.74
CA GLU A 84 -8.07 19.23 -8.94
C GLU A 84 -7.16 20.24 -9.65
N TRP A 85 -6.39 19.76 -10.61
CA TRP A 85 -5.48 20.62 -11.37
C TRP A 85 -6.26 21.50 -12.34
N GLY A 1 16.04 19.67 -35.11
CA GLY A 1 15.13 18.55 -35.04
C GLY A 1 14.83 18.13 -33.62
N SER A 2 13.92 17.17 -33.47
CA SER A 2 13.53 16.69 -32.14
C SER A 2 12.97 15.28 -32.23
N SER A 3 13.02 14.56 -31.11
CA SER A 3 12.51 13.20 -31.05
C SER A 3 11.47 13.05 -29.94
N GLY A 4 10.49 12.19 -30.18
CA GLY A 4 9.45 11.96 -29.19
C GLY A 4 9.15 10.49 -28.99
N SER A 5 10.17 9.72 -28.64
CA SER A 5 10.00 8.28 -28.43
C SER A 5 9.50 8.01 -27.01
N SER A 6 8.19 8.02 -26.85
CA SER A 6 7.58 7.77 -25.55
C SER A 6 6.20 7.12 -25.71
N GLY A 7 5.96 6.07 -24.92
CA GLY A 7 4.69 5.38 -24.98
C GLY A 7 3.61 6.06 -24.18
N GLU A 8 3.60 5.80 -22.87
CA GLU A 8 2.61 6.40 -21.98
C GLU A 8 3.20 7.59 -21.23
N ASP A 9 3.95 8.42 -21.94
CA ASP A 9 4.57 9.59 -21.34
C ASP A 9 5.58 9.19 -20.27
N ASN A 10 6.23 8.06 -20.49
CA ASN A 10 7.23 7.55 -19.54
C ASN A 10 6.61 7.33 -18.17
N ARG A 11 5.44 6.70 -18.14
CA ARG A 11 4.75 6.43 -16.90
C ARG A 11 4.50 4.94 -16.73
N ARG A 12 4.41 4.50 -15.48
CA ARG A 12 4.18 3.08 -15.17
C ARG A 12 3.81 2.89 -13.70
N PRO A 13 2.85 2.01 -13.45
CA PRO A 13 2.38 1.71 -12.08
C PRO A 13 3.43 0.95 -11.28
N LEU A 14 3.15 0.78 -9.99
CA LEU A 14 4.07 0.08 -9.10
C LEU A 14 3.55 -1.32 -8.78
N TRP A 15 2.32 -1.39 -8.31
CA TRP A 15 1.70 -2.67 -7.96
C TRP A 15 0.75 -3.13 -9.06
N GLU A 16 0.07 -4.24 -8.83
CA GLU A 16 -0.86 -4.79 -9.80
C GLU A 16 -2.28 -4.83 -9.24
N PRO A 17 -3.27 -4.69 -10.14
CA PRO A 17 -4.69 -4.70 -9.74
C PRO A 17 -5.16 -6.09 -9.31
N GLU A 18 -4.27 -7.06 -9.41
CA GLU A 18 -4.59 -8.44 -9.03
C GLU A 18 -4.14 -8.72 -7.59
N GLU A 19 -2.98 -8.15 -7.23
CA GLU A 19 -2.44 -8.35 -5.89
C GLU A 19 -3.19 -7.49 -4.87
N THR A 20 -3.26 -7.99 -3.63
CA THR A 20 -3.95 -7.27 -2.56
C THR A 20 -3.04 -6.21 -1.94
N VAL A 21 -3.29 -4.95 -2.30
CA VAL A 21 -2.50 -3.84 -1.78
C VAL A 21 -3.22 -3.13 -0.65
N VAL A 22 -2.46 -2.69 0.36
CA VAL A 22 -3.04 -1.98 1.49
C VAL A 22 -2.18 -0.79 1.90
N ILE A 23 -2.84 0.31 2.24
CA ILE A 23 -2.13 1.53 2.65
C ILE A 23 -2.20 1.72 4.16
N ALA A 24 -1.14 2.28 4.73
CA ALA A 24 -1.08 2.51 6.17
C ALA A 24 -1.64 3.89 6.51
N LEU A 25 -2.62 3.92 7.40
CA LEU A 25 -3.24 5.18 7.82
C LEU A 25 -2.25 6.03 8.61
N TYR A 26 -1.37 5.37 9.36
CA TYR A 26 -0.38 6.09 10.16
C TYR A 26 1.01 5.48 9.96
N ASP A 27 2.02 6.14 10.51
CA ASP A 27 3.40 5.67 10.39
C ASP A 27 3.79 4.84 11.60
N TYR A 28 3.23 3.63 11.68
CA TYR A 28 3.53 2.73 12.79
C TYR A 28 5.02 2.72 13.11
N GLN A 29 5.35 2.53 14.38
CA GLN A 29 6.74 2.50 14.81
C GLN A 29 7.08 1.16 15.46
N THR A 30 8.16 0.55 14.99
CA THR A 30 8.60 -0.75 15.52
C THR A 30 9.99 -1.11 15.02
N ASN A 31 10.95 -1.17 15.93
CA ASN A 31 12.33 -1.51 15.58
C ASN A 31 12.63 -2.97 15.89
N ASP A 32 11.64 -3.83 15.66
CA ASP A 32 11.80 -5.26 15.92
C ASP A 32 11.93 -6.04 14.61
N PRO A 33 12.77 -7.09 14.62
CA PRO A 33 12.99 -7.92 13.45
C PRO A 33 11.78 -8.78 13.10
N GLN A 34 10.79 -8.77 13.98
CA GLN A 34 9.57 -9.54 13.76
C GLN A 34 8.49 -8.68 13.11
N GLU A 35 8.34 -7.45 13.59
CA GLU A 35 7.35 -6.54 13.05
C GLU A 35 8.01 -5.44 12.23
N LEU A 36 7.26 -4.88 11.28
CA LEU A 36 7.78 -3.82 10.42
C LEU A 36 7.14 -2.48 10.78
N ALA A 37 7.87 -1.40 10.51
CA ALA A 37 7.37 -0.06 10.80
C ALA A 37 6.70 0.55 9.58
N LEU A 38 5.38 0.51 9.55
CA LEU A 38 4.61 1.05 8.44
C LEU A 38 4.86 2.55 8.29
N ARG A 39 4.52 3.09 7.12
CA ARG A 39 4.71 4.52 6.85
C ARG A 39 3.39 5.17 6.46
N ARG A 40 3.21 6.43 6.86
CA ARG A 40 1.99 7.16 6.55
C ARG A 40 1.86 7.39 5.05
N ASN A 41 0.69 7.06 4.51
CA ASN A 41 0.43 7.23 3.09
C ASN A 41 1.36 6.34 2.26
N GLU A 42 1.57 5.11 2.72
CA GLU A 42 2.44 4.17 2.02
C GLU A 42 1.73 2.84 1.78
N GLU A 43 1.79 2.35 0.55
CA GLU A 43 1.14 1.09 0.19
C GLU A 43 2.03 -0.09 0.57
N TYR A 44 1.42 -1.27 0.71
CA TYR A 44 2.14 -2.47 1.08
C TYR A 44 1.46 -3.71 0.52
N CYS A 45 2.23 -4.55 -0.16
CA CYS A 45 1.70 -5.77 -0.75
C CYS A 45 1.39 -6.81 0.34
N LEU A 46 0.19 -7.38 0.28
CA LEU A 46 -0.21 -8.39 1.26
C LEU A 46 0.39 -9.74 0.93
N LEU A 47 1.40 -10.14 1.71
CA LEU A 47 2.07 -11.43 1.50
C LEU A 47 1.22 -12.57 2.03
N ASP A 48 1.08 -12.65 3.34
CA ASP A 48 0.28 -13.69 3.97
C ASP A 48 -0.58 -13.13 5.10
N SER A 49 -1.87 -13.46 5.08
CA SER A 49 -2.80 -12.97 6.09
C SER A 49 -3.18 -14.10 7.06
N SER A 50 -2.25 -15.02 7.28
CA SER A 50 -2.49 -16.15 8.17
C SER A 50 -3.19 -15.69 9.44
N GLU A 51 -2.68 -14.63 10.05
CA GLU A 51 -3.26 -14.09 11.28
C GLU A 51 -4.34 -13.06 10.96
N ILE A 52 -4.95 -12.51 12.00
CA ILE A 52 -6.00 -11.51 11.84
C ILE A 52 -5.51 -10.13 12.28
N HIS A 53 -5.00 -10.05 13.51
CA HIS A 53 -4.51 -8.79 14.04
C HIS A 53 -3.13 -8.45 13.46
N TRP A 54 -2.40 -9.49 13.05
CA TRP A 54 -1.08 -9.29 12.47
C TRP A 54 -1.03 -9.79 11.04
N TRP A 55 -0.69 -8.91 10.11
CA TRP A 55 -0.61 -9.25 8.70
C TRP A 55 0.81 -9.09 8.17
N ARG A 56 1.21 -9.98 7.27
CA ARG A 56 2.55 -9.93 6.69
C ARG A 56 2.53 -9.20 5.35
N VAL A 57 3.26 -8.10 5.27
CA VAL A 57 3.33 -7.30 4.05
C VAL A 57 4.77 -6.92 3.72
N GLN A 58 4.99 -6.45 2.49
CA GLN A 58 6.32 -6.05 2.05
C GLN A 58 6.34 -4.59 1.66
N ASP A 59 7.42 -3.90 2.00
CA ASP A 59 7.57 -2.48 1.69
C ASP A 59 7.95 -2.30 0.22
N ARG A 60 7.83 -1.06 -0.26
CA ARG A 60 8.15 -0.75 -1.64
C ARG A 60 9.67 -0.81 -1.88
N ASN A 61 10.41 -1.03 -0.80
CA ASN A 61 11.87 -1.11 -0.89
C ASN A 61 12.35 -2.53 -0.69
N GLY A 62 11.69 -3.25 0.23
CA GLY A 62 12.07 -4.62 0.50
C GLY A 62 12.11 -4.93 2.00
N HIS A 63 11.12 -4.43 2.72
CA HIS A 63 11.04 -4.65 4.16
C HIS A 63 9.72 -5.31 4.55
N GLU A 64 9.80 -6.50 5.14
CA GLU A 64 8.61 -7.23 5.55
C GLU A 64 8.52 -7.29 7.08
N GLY A 65 7.37 -7.74 7.57
CA GLY A 65 7.15 -7.83 8.99
C GLY A 65 5.69 -7.85 9.37
N TYR A 66 5.40 -8.28 10.59
CA TYR A 66 4.02 -8.35 11.07
C TYR A 66 3.55 -6.99 11.57
N VAL A 67 2.53 -6.45 10.91
CA VAL A 67 1.98 -5.16 11.29
C VAL A 67 0.49 -5.27 11.63
N PRO A 68 0.00 -4.30 12.42
CA PRO A 68 -1.41 -4.27 12.84
C PRO A 68 -2.35 -3.95 11.69
N SER A 69 -3.01 -4.97 11.15
CA SER A 69 -3.93 -4.80 10.05
C SER A 69 -4.70 -3.48 10.19
N SER A 70 -5.00 -3.11 11.42
CA SER A 70 -5.73 -1.87 11.69
C SER A 70 -5.20 -0.72 10.85
N TYR A 71 -3.88 -0.55 10.87
CA TYR A 71 -3.23 0.52 10.11
C TYR A 71 -3.41 0.30 8.61
N LEU A 72 -3.19 -0.94 8.17
CA LEU A 72 -3.33 -1.28 6.76
C LEU A 72 -4.78 -1.23 6.33
N VAL A 73 -5.05 -0.57 5.20
CA VAL A 73 -6.40 -0.45 4.67
C VAL A 73 -6.49 -1.01 3.26
N GLU A 74 -7.54 -1.79 3.01
CA GLU A 74 -7.74 -2.39 1.69
C GLU A 74 -7.64 -1.34 0.60
N LYS A 75 -6.58 -1.41 -0.21
CA LYS A 75 -6.37 -0.48 -1.30
C LYS A 75 -7.43 -0.64 -2.38
N SER A 76 -8.15 0.43 -2.68
CA SER A 76 -9.19 0.40 -3.69
C SER A 76 -9.47 1.81 -4.22
N PRO A 77 -9.83 1.88 -5.51
CA PRO A 77 -10.12 3.14 -6.18
C PRO A 77 -11.42 3.77 -5.69
N ASN A 78 -12.31 2.94 -5.16
CA ASN A 78 -13.60 3.40 -4.64
C ASN A 78 -14.20 2.39 -3.67
N ASN A 79 -14.61 2.87 -2.50
CA ASN A 79 -15.21 2.00 -1.49
C ASN A 79 -16.15 0.99 -2.12
N LEU A 80 -16.12 -0.24 -1.62
CA LEU A 80 -16.98 -1.30 -2.13
C LEU A 80 -18.45 -0.90 -2.06
N GLU A 81 -19.26 -1.49 -2.94
CA GLU A 81 -20.69 -1.19 -2.97
C GLU A 81 -21.50 -2.47 -2.91
N THR A 82 -21.68 -3.01 -1.71
CA THR A 82 -22.44 -4.23 -1.52
C THR A 82 -23.30 -4.16 -0.26
N TYR A 83 -24.61 -4.09 -0.46
CA TYR A 83 -25.54 -4.01 0.66
C TYR A 83 -26.76 -4.91 0.43
N GLU A 84 -27.03 -5.78 1.40
CA GLU A 84 -28.17 -6.69 1.29
C GLU A 84 -29.26 -6.33 2.29
N TRP A 85 -30.15 -5.44 1.88
CA TRP A 85 -31.25 -5.00 2.74
C TRP A 85 -32.51 -5.81 2.46
N GLY A 1 -18.87 10.51 -30.04
CA GLY A 1 -19.47 11.57 -30.83
C GLY A 1 -19.47 12.91 -30.11
N SER A 2 -18.29 13.42 -29.81
CA SER A 2 -18.16 14.69 -29.11
C SER A 2 -17.10 15.56 -29.77
N SER A 3 -17.49 16.77 -30.15
CA SER A 3 -16.58 17.71 -30.80
C SER A 3 -15.66 18.37 -29.77
N GLY A 4 -14.38 18.01 -29.82
CA GLY A 4 -13.42 18.58 -28.89
C GLY A 4 -13.23 17.72 -27.66
N SER A 5 -12.04 17.81 -27.05
CA SER A 5 -11.73 17.02 -25.87
C SER A 5 -10.51 17.58 -25.15
N SER A 6 -10.48 17.43 -23.83
CA SER A 6 -9.37 17.93 -23.03
C SER A 6 -8.18 16.98 -23.10
N GLY A 7 -7.15 17.39 -23.82
CA GLY A 7 -5.96 16.56 -23.95
C GLY A 7 -5.07 16.62 -22.73
N GLU A 8 -4.81 15.46 -22.12
CA GLU A 8 -3.97 15.39 -20.94
C GLU A 8 -3.63 13.94 -20.60
N ASP A 9 -2.34 13.66 -20.44
CA ASP A 9 -1.89 12.32 -20.12
C ASP A 9 -1.74 12.14 -18.61
N ASN A 10 -1.80 10.89 -18.16
CA ASN A 10 -1.68 10.59 -16.74
C ASN A 10 -0.67 9.46 -16.50
N ARG A 11 -0.08 9.45 -15.32
CA ARG A 11 0.90 8.42 -14.98
C ARG A 11 0.21 7.15 -14.49
N ARG A 12 0.70 6.01 -14.96
CA ARG A 12 0.13 4.72 -14.57
C ARG A 12 0.40 4.42 -13.10
N PRO A 13 -0.41 3.54 -12.52
CA PRO A 13 -0.28 3.14 -11.11
C PRO A 13 0.96 2.30 -10.86
N LEU A 14 1.44 2.33 -9.61
CA LEU A 14 2.63 1.58 -9.24
C LEU A 14 2.30 0.09 -9.06
N TRP A 15 1.22 -0.18 -8.33
CA TRP A 15 0.79 -1.56 -8.10
C TRP A 15 -0.24 -2.00 -9.12
N GLU A 16 -0.73 -3.22 -8.98
CA GLU A 16 -1.72 -3.76 -9.90
C GLU A 16 -3.07 -3.94 -9.19
N PRO A 17 -4.14 -4.02 -9.99
CA PRO A 17 -5.51 -4.19 -9.48
C PRO A 17 -5.73 -5.58 -8.89
N GLU A 18 -5.21 -6.59 -9.56
CA GLU A 18 -5.35 -7.97 -9.10
C GLU A 18 -4.63 -8.18 -7.77
N GLU A 19 -3.39 -7.68 -7.69
CA GLU A 19 -2.60 -7.80 -6.47
C GLU A 19 -3.23 -7.03 -5.32
N THR A 20 -3.40 -7.69 -4.19
CA THR A 20 -4.00 -7.07 -3.02
C THR A 20 -3.00 -6.14 -2.33
N VAL A 21 -3.23 -4.83 -2.48
CA VAL A 21 -2.36 -3.83 -1.88
C VAL A 21 -3.09 -3.02 -0.82
N VAL A 22 -2.45 -2.82 0.32
CA VAL A 22 -3.04 -2.06 1.41
C VAL A 22 -2.24 -0.80 1.71
N ILE A 23 -2.82 0.08 2.52
CA ILE A 23 -2.15 1.33 2.88
C ILE A 23 -2.20 1.56 4.39
N ALA A 24 -1.14 2.16 4.92
CA ALA A 24 -1.07 2.44 6.34
C ALA A 24 -1.67 3.80 6.68
N LEU A 25 -2.58 3.82 7.64
CA LEU A 25 -3.24 5.06 8.05
C LEU A 25 -2.32 5.91 8.92
N TYR A 26 -1.59 5.25 9.82
CA TYR A 26 -0.67 5.94 10.71
C TYR A 26 0.70 5.28 10.70
N ASP A 27 1.70 6.01 11.17
CA ASP A 27 3.06 5.49 11.22
C ASP A 27 3.24 4.53 12.39
N TYR A 28 3.48 3.26 12.08
CA TYR A 28 3.66 2.24 13.11
C TYR A 28 5.15 1.95 13.33
N GLN A 29 5.54 1.89 14.60
CA GLN A 29 6.94 1.63 14.94
C GLN A 29 7.04 0.46 15.92
N THR A 30 8.17 -0.23 15.90
CA THR A 30 8.40 -1.36 16.79
C THR A 30 9.88 -1.52 17.11
N ASN A 31 10.17 -2.08 18.29
CA ASN A 31 11.55 -2.30 18.71
C ASN A 31 12.07 -3.63 18.19
N ASP A 32 11.17 -4.59 18.02
CA ASP A 32 11.54 -5.91 17.53
C ASP A 32 11.65 -5.92 16.01
N PRO A 33 12.61 -6.69 15.50
CA PRO A 33 12.85 -6.80 14.05
C PRO A 33 11.73 -7.55 13.33
N GLN A 34 11.29 -8.65 13.94
CA GLN A 34 10.22 -9.46 13.36
C GLN A 34 9.09 -8.57 12.84
N GLU A 35 8.71 -7.58 13.63
CA GLU A 35 7.64 -6.66 13.26
C GLU A 35 8.18 -5.52 12.40
N LEU A 36 7.45 -5.19 11.35
CA LEU A 36 7.85 -4.11 10.45
C LEU A 36 7.16 -2.80 10.83
N ALA A 37 7.87 -1.70 10.65
CA ALA A 37 7.33 -0.38 10.96
C ALA A 37 6.67 0.25 9.73
N LEU A 38 5.34 0.24 9.70
CA LEU A 38 4.60 0.82 8.59
C LEU A 38 4.94 2.29 8.40
N ARG A 39 4.45 2.87 7.31
CA ARG A 39 4.71 4.28 7.02
C ARG A 39 3.42 4.98 6.60
N ARG A 40 3.23 6.19 7.13
CA ARG A 40 2.03 6.97 6.82
C ARG A 40 1.96 7.27 5.33
N ASN A 41 0.81 7.00 4.73
CA ASN A 41 0.61 7.25 3.30
C ASN A 41 1.57 6.41 2.47
N GLU A 42 1.59 5.11 2.72
CA GLU A 42 2.47 4.20 1.99
C GLU A 42 1.80 2.84 1.78
N GLU A 43 1.81 2.36 0.55
CA GLU A 43 1.21 1.08 0.22
C GLU A 43 2.11 -0.07 0.63
N TYR A 44 1.54 -1.27 0.72
CA TYR A 44 2.30 -2.46 1.12
C TYR A 44 1.69 -3.72 0.52
N CYS A 45 2.51 -4.51 -0.16
CA CYS A 45 2.04 -5.74 -0.78
C CYS A 45 1.79 -6.81 0.28
N LEU A 46 0.56 -7.31 0.33
CA LEU A 46 0.17 -8.34 1.29
C LEU A 46 0.84 -9.67 0.96
N LEU A 47 1.60 -10.20 1.91
CA LEU A 47 2.30 -11.47 1.72
C LEU A 47 1.43 -12.63 2.19
N ASP A 48 0.95 -12.54 3.43
CA ASP A 48 0.11 -13.59 4.00
C ASP A 48 -0.55 -13.12 5.29
N SER A 49 -1.88 -13.11 5.32
CA SER A 49 -2.62 -12.68 6.49
C SER A 49 -2.81 -13.84 7.47
N SER A 50 -1.79 -14.69 7.57
CA SER A 50 -1.84 -15.84 8.46
C SER A 50 -2.58 -15.50 9.75
N GLU A 51 -2.26 -14.33 10.31
CA GLU A 51 -2.89 -13.89 11.55
C GLU A 51 -3.99 -12.86 11.25
N ILE A 52 -4.83 -12.60 12.26
CA ILE A 52 -5.93 -11.65 12.10
C ILE A 52 -5.44 -10.22 12.34
N HIS A 53 -5.13 -9.91 13.60
CA HIS A 53 -4.66 -8.58 13.95
C HIS A 53 -3.34 -8.26 13.26
N TRP A 54 -2.44 -9.25 13.23
CA TRP A 54 -1.15 -9.07 12.59
C TRP A 54 -1.16 -9.62 11.17
N TRP A 55 -0.91 -8.74 10.21
CA TRP A 55 -0.89 -9.14 8.80
C TRP A 55 0.50 -9.01 8.21
N ARG A 56 0.90 -9.99 7.41
CA ARG A 56 2.21 -9.98 6.78
C ARG A 56 2.19 -9.19 5.48
N VAL A 57 3.05 -8.18 5.39
CA VAL A 57 3.13 -7.34 4.20
C VAL A 57 4.57 -6.94 3.91
N GLN A 58 4.81 -6.46 2.69
CA GLN A 58 6.14 -6.03 2.28
C GLN A 58 6.12 -4.60 1.75
N ASP A 59 7.16 -3.84 2.08
CA ASP A 59 7.26 -2.46 1.63
C ASP A 59 7.65 -2.39 0.15
N ARG A 60 7.60 -1.19 -0.41
CA ARG A 60 7.95 -1.00 -1.81
C ARG A 60 9.44 -1.24 -2.04
N ASN A 61 10.25 -0.85 -1.07
CA ASN A 61 11.70 -1.02 -1.16
C ASN A 61 12.08 -2.50 -1.02
N GLY A 62 11.59 -3.13 0.04
CA GLY A 62 11.89 -4.53 0.29
C GLY A 62 11.94 -4.87 1.76
N HIS A 63 11.07 -4.24 2.54
CA HIS A 63 11.01 -4.48 3.98
C HIS A 63 9.66 -5.04 4.39
N GLU A 64 9.63 -6.30 4.79
CA GLU A 64 8.40 -6.95 5.22
C GLU A 64 8.42 -7.25 6.71
N GLY A 65 7.30 -7.74 7.23
CA GLY A 65 7.21 -8.07 8.63
C GLY A 65 5.77 -8.17 9.11
N TYR A 66 5.60 -8.23 10.43
CA TYR A 66 4.26 -8.33 11.01
C TYR A 66 3.75 -6.97 11.46
N VAL A 67 2.71 -6.48 10.79
CA VAL A 67 2.13 -5.18 11.12
C VAL A 67 0.66 -5.33 11.48
N PRO A 68 0.15 -4.38 12.29
CA PRO A 68 -1.25 -4.38 12.73
C PRO A 68 -2.21 -4.05 11.59
N SER A 69 -2.91 -5.06 11.09
CA SER A 69 -3.86 -4.88 10.00
C SER A 69 -4.61 -3.57 10.16
N SER A 70 -5.10 -3.32 11.37
CA SER A 70 -5.85 -2.10 11.66
C SER A 70 -5.29 -0.92 10.85
N TYR A 71 -3.99 -0.72 10.94
CA TYR A 71 -3.33 0.37 10.23
C TYR A 71 -3.49 0.21 8.72
N LEU A 72 -3.36 -1.02 8.24
CA LEU A 72 -3.49 -1.31 6.82
C LEU A 72 -4.94 -1.18 6.37
N VAL A 73 -5.13 -0.69 5.15
CA VAL A 73 -6.48 -0.52 4.60
C VAL A 73 -6.56 -1.07 3.19
N GLU A 74 -7.68 -1.70 2.86
CA GLU A 74 -7.89 -2.28 1.54
C GLU A 74 -8.10 -1.19 0.50
N LYS A 75 -7.08 -0.93 -0.30
CA LYS A 75 -7.16 0.10 -1.34
C LYS A 75 -8.53 0.09 -2.01
N SER A 76 -9.25 1.19 -1.88
CA SER A 76 -10.58 1.31 -2.47
C SER A 76 -10.62 2.45 -3.48
N PRO A 77 -11.37 2.24 -4.57
CA PRO A 77 -11.52 3.23 -5.64
C PRO A 77 -12.33 4.45 -5.19
N ASN A 78 -12.90 4.37 -3.99
CA ASN A 78 -13.70 5.46 -3.45
C ASN A 78 -12.92 6.77 -3.48
N ASN A 79 -13.64 7.88 -3.39
CA ASN A 79 -13.01 9.20 -3.40
C ASN A 79 -12.25 9.42 -4.70
N LEU A 80 -12.86 9.03 -5.83
CA LEU A 80 -12.24 9.19 -7.14
C LEU A 80 -12.72 10.45 -7.82
N GLU A 81 -11.91 10.98 -8.73
CA GLU A 81 -12.26 12.20 -9.46
C GLU A 81 -12.34 13.39 -8.52
N THR A 82 -11.42 13.47 -7.58
CA THR A 82 -11.38 14.55 -6.62
C THR A 82 -10.30 15.56 -6.97
N TYR A 83 -9.95 15.63 -8.24
CA TYR A 83 -8.93 16.56 -8.71
C TYR A 83 -9.54 17.69 -9.55
N GLU A 84 -9.92 18.76 -8.87
CA GLU A 84 -10.52 19.90 -9.55
C GLU A 84 -9.45 20.81 -10.15
N TRP A 85 -8.44 20.21 -10.76
CA TRP A 85 -7.35 20.96 -11.37
C TRP A 85 -7.33 20.76 -12.89
N GLY A 1 -8.18 11.42 -32.65
CA GLY A 1 -7.54 12.65 -32.24
C GLY A 1 -8.08 13.87 -32.97
N SER A 2 -9.39 14.08 -32.86
CA SER A 2 -10.04 15.21 -33.52
C SER A 2 -10.31 16.34 -32.52
N SER A 3 -10.06 17.58 -32.96
CA SER A 3 -10.28 18.74 -32.10
C SER A 3 -11.61 18.64 -31.36
N GLY A 4 -11.56 18.85 -30.05
CA GLY A 4 -12.76 18.78 -29.25
C GLY A 4 -12.47 18.53 -27.79
N SER A 5 -13.10 17.51 -27.23
CA SER A 5 -12.91 17.15 -25.83
C SER A 5 -11.44 17.27 -25.43
N SER A 6 -11.19 17.69 -24.19
CA SER A 6 -9.83 17.84 -23.70
C SER A 6 -9.59 16.95 -22.49
N GLY A 7 -8.80 15.89 -22.69
CA GLY A 7 -8.50 14.98 -21.61
C GLY A 7 -8.92 13.55 -21.92
N GLU A 8 -8.24 12.95 -22.90
CA GLU A 8 -8.55 11.59 -23.30
C GLU A 8 -7.31 10.70 -23.18
N ASP A 9 -7.05 10.22 -21.97
CA ASP A 9 -5.89 9.36 -21.71
C ASP A 9 -6.05 8.62 -20.39
N ASN A 10 -5.35 7.50 -20.26
CA ASN A 10 -5.40 6.70 -19.05
C ASN A 10 -4.05 6.67 -18.34
N ARG A 11 -4.03 6.09 -17.14
CA ARG A 11 -2.80 6.01 -16.37
C ARG A 11 -2.43 4.56 -16.10
N ARG A 12 -1.13 4.28 -16.05
CA ARG A 12 -0.64 2.92 -15.81
C ARG A 12 -0.76 2.56 -14.33
N PRO A 13 -1.07 1.29 -14.05
CA PRO A 13 -1.21 0.79 -12.69
C PRO A 13 0.12 0.72 -11.95
N LEU A 14 0.08 0.95 -10.64
CA LEU A 14 1.28 0.91 -9.82
C LEU A 14 1.64 -0.52 -9.45
N TRP A 15 0.78 -1.16 -8.66
CA TRP A 15 1.00 -2.53 -8.23
C TRP A 15 0.18 -3.50 -9.08
N GLU A 16 0.24 -4.78 -8.72
CA GLU A 16 -0.49 -5.81 -9.44
C GLU A 16 -1.98 -5.77 -9.09
N PRO A 17 -2.83 -6.05 -10.09
CA PRO A 17 -4.28 -6.06 -9.91
C PRO A 17 -4.76 -7.21 -9.04
N GLU A 18 -4.27 -8.41 -9.34
CA GLU A 18 -4.65 -9.60 -8.59
C GLU A 18 -4.16 -9.51 -7.15
N GLU A 19 -2.92 -9.06 -6.97
CA GLU A 19 -2.34 -8.92 -5.64
C GLU A 19 -3.14 -7.94 -4.79
N THR A 20 -3.14 -8.17 -3.48
CA THR A 20 -3.87 -7.31 -2.56
C THR A 20 -2.99 -6.18 -2.05
N VAL A 21 -3.37 -4.94 -2.37
CA VAL A 21 -2.61 -3.77 -1.94
C VAL A 21 -3.28 -3.09 -0.75
N VAL A 22 -2.48 -2.73 0.24
CA VAL A 22 -2.98 -2.06 1.44
C VAL A 22 -2.19 -0.79 1.73
N ILE A 23 -2.85 0.14 2.42
CA ILE A 23 -2.21 1.41 2.77
C ILE A 23 -2.24 1.63 4.28
N ALA A 24 -1.18 2.24 4.81
CA ALA A 24 -1.08 2.52 6.23
C ALA A 24 -1.74 3.84 6.58
N LEU A 25 -2.57 3.84 7.62
CA LEU A 25 -3.27 5.04 8.04
C LEU A 25 -2.34 5.93 8.88
N TYR A 26 -1.43 5.31 9.61
CA TYR A 26 -0.49 6.05 10.45
C TYR A 26 0.93 5.53 10.25
N ASP A 27 1.91 6.38 10.56
CA ASP A 27 3.32 6.01 10.43
C ASP A 27 3.75 5.10 11.57
N TYR A 28 3.70 3.79 11.34
CA TYR A 28 4.09 2.82 12.36
C TYR A 28 5.61 2.67 12.41
N GLN A 29 6.13 2.46 13.61
CA GLN A 29 7.57 2.29 13.81
C GLN A 29 7.86 1.07 14.66
N THR A 30 9.05 0.49 14.47
CA THR A 30 9.46 -0.69 15.22
C THR A 30 10.95 -0.98 15.02
N ASN A 31 11.59 -1.46 16.08
CA ASN A 31 13.01 -1.77 16.03
C ASN A 31 13.24 -3.27 16.22
N ASP A 32 12.38 -4.08 15.62
CA ASP A 32 12.49 -5.53 15.71
C ASP A 32 12.38 -6.18 14.34
N PRO A 33 13.09 -7.30 14.15
CA PRO A 33 13.08 -8.04 12.88
C PRO A 33 11.74 -8.73 12.62
N GLN A 34 11.09 -9.16 13.70
CA GLN A 34 9.80 -9.84 13.58
C GLN A 34 8.71 -8.85 13.18
N GLU A 35 8.91 -7.58 13.49
CA GLU A 35 7.94 -6.54 13.16
C GLU A 35 8.51 -5.59 12.12
N LEU A 36 7.63 -4.99 11.32
CA LEU A 36 8.06 -4.05 10.28
C LEU A 36 7.44 -2.67 10.53
N ALA A 37 8.16 -1.63 10.11
CA ALA A 37 7.69 -0.26 10.29
C ALA A 37 6.98 0.24 9.03
N LEU A 38 5.77 0.76 9.20
CA LEU A 38 4.98 1.27 8.10
C LEU A 38 5.17 2.78 7.94
N ARG A 39 4.72 3.32 6.81
CA ARG A 39 4.84 4.75 6.55
C ARG A 39 3.47 5.36 6.27
N ARG A 40 3.32 6.64 6.60
CA ARG A 40 2.05 7.34 6.40
C ARG A 40 1.82 7.61 4.92
N ASN A 41 0.67 7.17 4.42
CA ASN A 41 0.32 7.36 3.02
C ASN A 41 1.25 6.55 2.11
N GLU A 42 1.45 5.29 2.48
CA GLU A 42 2.32 4.41 1.70
C GLU A 42 1.65 3.06 1.44
N GLU A 43 1.70 2.61 0.20
CA GLU A 43 1.09 1.34 -0.18
C GLU A 43 2.02 0.17 0.14
N TYR A 44 1.44 -1.01 0.34
CA TYR A 44 2.22 -2.20 0.66
C TYR A 44 1.55 -3.45 0.11
N CYS A 45 2.35 -4.40 -0.33
CA CYS A 45 1.84 -5.66 -0.88
C CYS A 45 1.67 -6.70 0.21
N LEU A 46 0.45 -7.23 0.32
CA LEU A 46 0.15 -8.24 1.33
C LEU A 46 0.73 -9.60 0.94
N LEU A 47 1.64 -10.12 1.75
CA LEU A 47 2.26 -11.41 1.48
C LEU A 47 1.37 -12.55 1.96
N ASP A 48 1.02 -12.52 3.24
CA ASP A 48 0.17 -13.55 3.83
C ASP A 48 -0.75 -12.96 4.89
N SER A 49 -1.98 -13.47 4.96
CA SER A 49 -2.95 -12.99 5.94
C SER A 49 -3.31 -14.09 6.93
N SER A 50 -2.31 -14.90 7.29
CA SER A 50 -2.52 -15.99 8.24
C SER A 50 -3.28 -15.50 9.47
N GLU A 51 -2.74 -14.47 10.12
CA GLU A 51 -3.37 -13.92 11.31
C GLU A 51 -4.37 -12.83 10.95
N ILE A 52 -5.12 -12.37 11.95
CA ILE A 52 -6.13 -11.34 11.72
C ILE A 52 -5.61 -9.97 12.18
N HIS A 53 -5.19 -9.89 13.43
CA HIS A 53 -4.68 -8.64 13.98
C HIS A 53 -3.31 -8.31 13.39
N TRP A 54 -2.53 -9.34 13.08
CA TRP A 54 -1.21 -9.16 12.49
C TRP A 54 -1.16 -9.67 11.06
N TRP A 55 -0.75 -8.82 10.14
CA TRP A 55 -0.66 -9.20 8.73
C TRP A 55 0.79 -9.07 8.23
N ARG A 56 1.18 -9.99 7.35
CA ARG A 56 2.53 -9.98 6.80
C ARG A 56 2.54 -9.30 5.44
N VAL A 57 3.08 -8.09 5.39
CA VAL A 57 3.15 -7.34 4.14
C VAL A 57 4.60 -7.01 3.78
N GLN A 58 4.82 -6.56 2.54
CA GLN A 58 6.15 -6.21 2.09
C GLN A 58 6.19 -4.77 1.59
N ASP A 59 7.28 -4.08 1.89
CA ASP A 59 7.45 -2.69 1.46
C ASP A 59 7.97 -2.61 0.03
N ARG A 60 7.85 -1.44 -0.58
CA ARG A 60 8.30 -1.23 -1.95
C ARG A 60 9.80 -1.51 -2.06
N ASN A 61 10.52 -1.29 -0.97
CA ASN A 61 11.97 -1.51 -0.95
C ASN A 61 12.29 -2.99 -0.84
N GLY A 62 11.64 -3.68 0.10
CA GLY A 62 11.87 -5.10 0.28
C GLY A 62 11.91 -5.49 1.74
N HIS A 63 11.09 -4.82 2.55
CA HIS A 63 11.04 -5.12 3.98
C HIS A 63 9.62 -5.52 4.40
N GLU A 64 9.52 -6.64 5.11
CA GLU A 64 8.23 -7.13 5.57
C GLU A 64 8.25 -7.40 7.08
N GLY A 65 7.12 -7.84 7.61
CA GLY A 65 7.03 -8.12 9.02
C GLY A 65 5.59 -8.17 9.52
N TYR A 66 5.42 -8.34 10.82
CA TYR A 66 4.10 -8.40 11.42
C TYR A 66 3.61 -7.01 11.84
N VAL A 67 2.69 -6.46 11.06
CA VAL A 67 2.14 -5.14 11.35
C VAL A 67 0.67 -5.23 11.73
N PRO A 68 0.21 -4.24 12.52
CA PRO A 68 -1.19 -4.19 12.98
C PRO A 68 -2.16 -3.87 11.85
N SER A 69 -2.90 -4.87 11.42
CA SER A 69 -3.87 -4.69 10.34
C SER A 69 -4.59 -3.35 10.47
N SER A 70 -4.82 -2.93 11.70
CA SER A 70 -5.50 -1.67 11.96
C SER A 70 -4.95 -0.56 11.07
N TYR A 71 -3.63 -0.48 10.98
CA TYR A 71 -2.97 0.52 10.15
C TYR A 71 -3.20 0.25 8.66
N LEU A 72 -3.07 -1.02 8.29
CA LEU A 72 -3.25 -1.42 6.89
C LEU A 72 -4.72 -1.31 6.49
N VAL A 73 -4.95 -0.87 5.26
CA VAL A 73 -6.31 -0.72 4.75
C VAL A 73 -6.41 -1.20 3.29
N GLU A 74 -7.41 -2.01 3.01
CA GLU A 74 -7.62 -2.54 1.67
C GLU A 74 -7.97 -1.42 0.70
N LYS A 75 -7.03 -1.10 -0.19
CA LYS A 75 -7.23 -0.04 -1.18
C LYS A 75 -8.58 -0.20 -1.87
N SER A 76 -9.56 0.60 -1.47
CA SER A 76 -10.89 0.54 -2.06
C SER A 76 -10.83 0.80 -3.56
N PRO A 77 -11.69 0.09 -4.31
CA PRO A 77 -11.77 0.23 -5.77
C PRO A 77 -12.33 1.57 -6.21
N ASN A 78 -13.10 2.21 -5.31
CA ASN A 78 -13.68 3.51 -5.60
C ASN A 78 -13.22 4.56 -4.60
N ASN A 79 -12.41 5.50 -5.08
CA ASN A 79 -11.89 6.56 -4.23
C ASN A 79 -13.03 7.33 -3.55
N LEU A 80 -12.74 7.89 -2.38
CA LEU A 80 -13.73 8.64 -1.63
C LEU A 80 -13.65 10.13 -1.95
N GLU A 81 -13.80 10.47 -3.22
CA GLU A 81 -13.73 11.86 -3.66
C GLU A 81 -15.08 12.56 -3.46
N THR A 82 -15.34 12.98 -2.24
CA THR A 82 -16.60 13.66 -1.92
C THR A 82 -16.57 14.25 -0.51
N TYR A 83 -17.32 15.32 -0.31
CA TYR A 83 -17.37 15.98 0.98
C TYR A 83 -17.89 15.04 2.06
N GLU A 84 -17.07 14.81 3.09
CA GLU A 84 -17.45 13.93 4.18
C GLU A 84 -17.35 14.65 5.53
N TRP A 85 -18.49 15.13 6.01
CA TRP A 85 -18.55 15.84 7.28
C TRP A 85 -19.36 15.06 8.31
N GLY A 1 -1.26 29.77 -24.29
CA GLY A 1 0.01 29.42 -24.92
C GLY A 1 -0.09 28.16 -25.76
N SER A 2 0.18 28.30 -27.05
CA SER A 2 0.13 27.15 -27.96
C SER A 2 1.49 26.47 -28.06
N SER A 3 2.53 27.27 -28.26
CA SER A 3 3.89 26.74 -28.38
C SER A 3 4.46 26.40 -27.00
N GLY A 4 4.32 25.14 -26.61
CA GLY A 4 4.83 24.71 -25.31
C GLY A 4 4.53 23.24 -25.03
N SER A 5 4.64 22.86 -23.77
CA SER A 5 4.39 21.48 -23.37
C SER A 5 3.10 21.38 -22.56
N SER A 6 2.06 20.85 -23.19
CA SER A 6 0.76 20.70 -22.53
C SER A 6 0.83 19.64 -21.44
N GLY A 7 1.30 18.45 -21.81
CA GLY A 7 1.41 17.36 -20.86
C GLY A 7 1.37 16.00 -21.52
N GLU A 8 0.16 15.47 -21.69
CA GLU A 8 -0.01 14.16 -22.32
C GLU A 8 0.77 13.09 -21.56
N ASP A 9 0.69 13.13 -20.23
CA ASP A 9 1.39 12.16 -19.39
C ASP A 9 0.45 11.04 -18.97
N ASN A 10 1.02 9.97 -18.42
CA ASN A 10 0.23 8.83 -17.97
C ASN A 10 0.11 8.81 -16.46
N ARG A 11 -0.95 8.19 -15.96
CA ARG A 11 -1.19 8.09 -14.53
C ARG A 11 -1.27 6.64 -14.07
N ARG A 12 -0.43 5.79 -14.67
CA ARG A 12 -0.41 4.38 -14.33
C ARG A 12 0.04 4.17 -12.89
N PRO A 13 -0.62 3.23 -12.20
CA PRO A 13 -0.30 2.90 -10.80
C PRO A 13 1.05 2.22 -10.65
N LEU A 14 1.68 2.43 -9.51
CA LEU A 14 2.99 1.83 -9.23
C LEU A 14 2.87 0.32 -9.09
N TRP A 15 1.95 -0.12 -8.25
CA TRP A 15 1.73 -1.54 -8.02
C TRP A 15 0.81 -2.14 -9.08
N GLU A 16 0.48 -3.41 -8.92
CA GLU A 16 -0.40 -4.09 -9.87
C GLU A 16 -1.76 -4.39 -9.25
N PRO A 17 -2.82 -4.29 -10.06
CA PRO A 17 -4.20 -4.54 -9.60
C PRO A 17 -4.45 -6.01 -9.29
N GLU A 18 -3.41 -6.83 -9.48
CA GLU A 18 -3.51 -8.26 -9.22
C GLU A 18 -3.14 -8.58 -7.77
N GLU A 19 -2.13 -7.88 -7.26
CA GLU A 19 -1.66 -8.10 -5.89
C GLU A 19 -2.42 -7.20 -4.92
N THR A 20 -2.78 -7.76 -3.76
CA THR A 20 -3.50 -7.01 -2.74
C THR A 20 -2.65 -5.90 -2.16
N VAL A 21 -2.92 -4.67 -2.56
CA VAL A 21 -2.17 -3.51 -2.07
C VAL A 21 -2.93 -2.82 -0.94
N VAL A 22 -2.29 -2.72 0.22
CA VAL A 22 -2.90 -2.07 1.37
C VAL A 22 -2.11 -0.83 1.79
N ILE A 23 -2.82 0.17 2.29
CA ILE A 23 -2.18 1.41 2.73
C ILE A 23 -2.22 1.54 4.25
N ALA A 24 -1.24 2.25 4.80
CA ALA A 24 -1.16 2.46 6.24
C ALA A 24 -1.72 3.82 6.63
N LEU A 25 -2.77 3.81 7.45
CA LEU A 25 -3.40 5.05 7.89
C LEU A 25 -2.44 5.86 8.75
N TYR A 26 -1.61 5.18 9.53
CA TYR A 26 -0.65 5.84 10.40
C TYR A 26 0.73 5.22 10.25
N ASP A 27 1.74 5.92 10.74
CA ASP A 27 3.12 5.45 10.66
C ASP A 27 3.45 4.56 11.86
N TYR A 28 3.38 3.25 11.65
CA TYR A 28 3.67 2.29 12.71
C TYR A 28 5.16 2.29 13.06
N GLN A 29 5.46 2.23 14.35
CA GLN A 29 6.84 2.23 14.81
C GLN A 29 7.13 1.00 15.66
N THR A 30 8.26 0.34 15.38
CA THR A 30 8.64 -0.85 16.11
C THR A 30 10.16 -1.02 16.12
N ASN A 31 10.72 -1.31 17.29
CA ASN A 31 12.16 -1.49 17.43
C ASN A 31 12.51 -2.99 17.45
N ASP A 32 11.88 -3.75 16.57
CA ASP A 32 12.13 -5.19 16.49
C ASP A 32 12.44 -5.61 15.06
N PRO A 33 13.24 -6.67 14.92
CA PRO A 33 13.62 -7.20 13.60
C PRO A 33 12.46 -7.84 12.86
N GLN A 34 11.72 -8.69 13.57
CA GLN A 34 10.57 -9.39 12.98
C GLN A 34 9.49 -8.39 12.59
N GLU A 35 9.20 -7.44 13.48
CA GLU A 35 8.18 -6.44 13.22
C GLU A 35 8.68 -5.41 12.21
N LEU A 36 7.78 -4.99 11.32
CA LEU A 36 8.13 -4.01 10.29
C LEU A 36 7.52 -2.65 10.63
N ALA A 37 8.24 -1.59 10.25
CA ALA A 37 7.78 -0.23 10.50
C ALA A 37 7.02 0.33 9.30
N LEU A 38 5.69 0.35 9.40
CA LEU A 38 4.85 0.86 8.32
C LEU A 38 4.97 2.37 8.20
N ARG A 39 4.90 2.87 6.98
CA ARG A 39 5.00 4.30 6.73
C ARG A 39 3.62 4.90 6.46
N ARG A 40 3.42 6.14 6.91
CA ARG A 40 2.16 6.83 6.72
C ARG A 40 1.92 7.15 5.25
N ASN A 41 0.70 6.94 4.78
CA ASN A 41 0.35 7.21 3.40
C ASN A 41 1.27 6.44 2.44
N GLU A 42 1.37 5.13 2.66
CA GLU A 42 2.22 4.29 1.82
C GLU A 42 1.56 2.93 1.60
N GLU A 43 1.56 2.48 0.35
CA GLU A 43 0.97 1.19 0.00
C GLU A 43 1.89 0.04 0.39
N TYR A 44 1.32 -1.14 0.52
CA TYR A 44 2.08 -2.33 0.90
C TYR A 44 1.39 -3.61 0.43
N CYS A 45 2.12 -4.43 -0.32
CA CYS A 45 1.58 -5.68 -0.83
C CYS A 45 1.38 -6.69 0.29
N LEU A 46 0.24 -7.37 0.27
CA LEU A 46 -0.08 -8.36 1.30
C LEU A 46 0.58 -9.70 0.97
N LEU A 47 1.46 -10.16 1.85
CA LEU A 47 2.16 -11.43 1.65
C LEU A 47 1.31 -12.59 2.18
N ASP A 48 1.02 -12.58 3.47
CA ASP A 48 0.21 -13.63 4.08
C ASP A 48 -0.54 -13.09 5.29
N SER A 49 -1.84 -13.41 5.36
CA SER A 49 -2.67 -12.96 6.47
C SER A 49 -2.89 -14.08 7.48
N SER A 50 -1.91 -14.97 7.59
CA SER A 50 -2.00 -16.10 8.51
C SER A 50 -2.75 -15.70 9.78
N GLU A 51 -2.40 -14.54 10.32
CA GLU A 51 -3.04 -14.05 11.55
C GLU A 51 -4.10 -12.99 11.22
N ILE A 52 -4.95 -12.69 12.19
CA ILE A 52 -6.00 -11.70 12.01
C ILE A 52 -5.51 -10.31 12.38
N HIS A 53 -4.99 -10.17 13.60
CA HIS A 53 -4.48 -8.90 14.08
C HIS A 53 -3.18 -8.53 13.38
N TRP A 54 -2.26 -9.48 13.32
CA TRP A 54 -0.97 -9.26 12.68
C TRP A 54 -0.98 -9.76 11.23
N TRP A 55 -0.70 -8.87 10.29
CA TRP A 55 -0.66 -9.22 8.88
C TRP A 55 0.74 -9.05 8.30
N ARG A 56 1.12 -9.99 7.44
CA ARG A 56 2.44 -9.93 6.81
C ARG A 56 2.38 -9.18 5.49
N VAL A 57 3.13 -8.08 5.41
CA VAL A 57 3.17 -7.26 4.20
C VAL A 57 4.61 -7.01 3.75
N GLN A 58 4.76 -6.42 2.57
CA GLN A 58 6.07 -6.12 2.03
C GLN A 58 6.17 -4.67 1.61
N ASP A 59 7.30 -4.04 1.92
CA ASP A 59 7.53 -2.64 1.58
C ASP A 59 7.96 -2.50 0.13
N ARG A 60 7.96 -1.27 -0.38
CA ARG A 60 8.36 -1.01 -1.75
C ARG A 60 9.74 -1.59 -2.04
N ASN A 61 10.63 -1.47 -1.07
CA ASN A 61 11.99 -2.00 -1.22
C ASN A 61 12.03 -3.50 -0.97
N GLY A 62 11.21 -3.96 -0.02
CA GLY A 62 11.17 -5.38 0.29
C GLY A 62 11.03 -5.64 1.78
N HIS A 63 11.13 -4.57 2.57
CA HIS A 63 11.01 -4.69 4.02
C HIS A 63 9.66 -5.28 4.41
N GLU A 64 9.69 -6.49 4.96
CA GLU A 64 8.47 -7.18 5.37
C GLU A 64 8.51 -7.49 6.87
N GLY A 65 7.36 -7.85 7.42
CA GLY A 65 7.27 -8.18 8.84
C GLY A 65 5.84 -8.27 9.33
N TYR A 66 5.67 -8.18 10.64
CA TYR A 66 4.34 -8.26 11.24
C TYR A 66 3.84 -6.87 11.63
N VAL A 67 2.63 -6.53 11.19
CA VAL A 67 2.03 -5.24 11.49
C VAL A 67 0.54 -5.38 11.78
N PRO A 68 0.00 -4.45 12.57
CA PRO A 68 -1.42 -4.44 12.94
C PRO A 68 -2.32 -4.09 11.75
N SER A 69 -3.11 -5.06 11.30
CA SER A 69 -4.00 -4.85 10.18
C SER A 69 -4.72 -3.52 10.29
N SER A 70 -5.10 -3.16 11.52
CA SER A 70 -5.80 -1.91 11.77
C SER A 70 -5.22 -0.77 10.92
N TYR A 71 -3.89 -0.68 10.92
CA TYR A 71 -3.20 0.36 10.16
C TYR A 71 -3.39 0.15 8.66
N LEU A 72 -3.30 -1.11 8.23
CA LEU A 72 -3.45 -1.44 6.82
C LEU A 72 -4.90 -1.24 6.37
N VAL A 73 -5.07 -0.85 5.12
CA VAL A 73 -6.40 -0.63 4.56
C VAL A 73 -6.44 -0.98 3.08
N GLU A 74 -7.46 -1.73 2.68
CA GLU A 74 -7.62 -2.13 1.29
C GLU A 74 -7.88 -0.92 0.40
N LYS A 75 -6.96 -0.66 -0.52
CA LYS A 75 -7.09 0.47 -1.43
C LYS A 75 -8.54 0.65 -1.87
N SER A 76 -9.18 1.69 -1.37
CA SER A 76 -10.57 1.97 -1.72
C SER A 76 -10.66 3.03 -2.82
N PRO A 77 -11.70 2.93 -3.66
CA PRO A 77 -11.93 3.86 -4.76
C PRO A 77 -12.32 5.25 -4.28
N ASN A 78 -12.42 5.40 -2.97
CA ASN A 78 -12.80 6.68 -2.37
C ASN A 78 -12.12 7.84 -3.09
N ASN A 79 -12.85 8.94 -3.24
CA ASN A 79 -12.32 10.12 -3.93
C ASN A 79 -10.93 10.46 -3.41
N LEU A 80 -9.92 10.22 -4.25
CA LEU A 80 -8.53 10.50 -3.88
C LEU A 80 -7.74 10.97 -5.08
N GLU A 81 -6.76 11.83 -4.85
CA GLU A 81 -5.92 12.36 -5.91
C GLU A 81 -4.69 11.49 -6.12
N THR A 82 -4.83 10.47 -6.96
CA THR A 82 -3.73 9.56 -7.25
C THR A 82 -3.04 9.92 -8.56
N TYR A 83 -3.45 11.03 -9.16
CA TYR A 83 -2.88 11.49 -10.41
C TYR A 83 -1.37 11.60 -10.30
N GLU A 84 -0.71 11.76 -11.45
CA GLU A 84 0.75 11.89 -11.48
C GLU A 84 1.17 13.09 -12.33
N TRP A 85 1.51 14.19 -11.66
CA TRP A 85 1.93 15.40 -12.36
C TRP A 85 3.03 15.10 -13.36
N GLY A 1 6.63 22.77 -30.95
CA GLY A 1 7.64 22.73 -29.90
C GLY A 1 7.62 21.43 -29.13
N SER A 2 7.55 21.54 -27.80
CA SER A 2 7.54 20.36 -26.95
C SER A 2 6.16 20.17 -26.30
N SER A 3 5.32 19.36 -26.94
CA SER A 3 3.98 19.11 -26.43
C SER A 3 3.98 17.91 -25.49
N GLY A 4 4.31 18.15 -24.23
CA GLY A 4 4.34 17.09 -23.25
C GLY A 4 5.60 17.11 -22.39
N SER A 5 5.86 18.26 -21.77
CA SER A 5 7.05 18.41 -20.93
C SER A 5 7.10 17.32 -19.87
N SER A 6 6.00 17.15 -19.14
CA SER A 6 5.93 16.14 -18.09
C SER A 6 4.83 15.12 -18.40
N GLY A 7 5.26 13.89 -18.70
CA GLY A 7 4.30 12.83 -19.01
C GLY A 7 3.66 12.26 -17.77
N GLU A 8 2.50 11.63 -17.96
CA GLU A 8 1.77 11.03 -16.84
C GLU A 8 2.29 9.62 -16.55
N ASP A 9 2.35 8.79 -17.58
CA ASP A 9 2.83 7.42 -17.44
C ASP A 9 4.16 7.23 -18.15
N ASN A 10 5.17 6.78 -17.40
CA ASN A 10 6.49 6.56 -17.95
C ASN A 10 6.83 5.08 -17.96
N ARG A 11 6.63 4.42 -16.82
CA ARG A 11 6.92 2.99 -16.71
C ARG A 11 5.77 2.26 -16.01
N ARG A 12 5.93 0.95 -15.83
CA ARG A 12 4.91 0.14 -15.18
C ARG A 12 4.99 0.29 -13.67
N PRO A 13 3.83 0.22 -12.99
CA PRO A 13 3.74 0.34 -11.54
C PRO A 13 4.33 -0.88 -10.83
N LEU A 14 5.01 -0.63 -9.70
CA LEU A 14 5.62 -1.70 -8.92
C LEU A 14 4.61 -2.80 -8.63
N TRP A 15 3.59 -2.46 -7.84
CA TRP A 15 2.56 -3.44 -7.48
C TRP A 15 1.85 -3.96 -8.72
N GLU A 16 0.90 -4.87 -8.51
CA GLU A 16 0.15 -5.46 -9.62
C GLU A 16 -1.34 -5.30 -9.39
N PRO A 17 -2.12 -5.35 -10.49
CA PRO A 17 -3.57 -5.22 -10.45
C PRO A 17 -4.24 -6.42 -9.80
N GLU A 18 -3.76 -7.61 -10.13
CA GLU A 18 -4.31 -8.84 -9.58
C GLU A 18 -3.86 -9.05 -8.14
N GLU A 19 -2.92 -8.23 -7.70
CA GLU A 19 -2.39 -8.31 -6.34
C GLU A 19 -3.15 -7.39 -5.40
N THR A 20 -3.19 -7.77 -4.12
CA THR A 20 -3.88 -6.97 -3.12
C THR A 20 -2.94 -5.97 -2.46
N VAL A 21 -3.16 -4.70 -2.71
CA VAL A 21 -2.33 -3.64 -2.13
C VAL A 21 -3.08 -2.88 -1.04
N VAL A 22 -2.42 -2.70 0.10
CA VAL A 22 -3.03 -1.98 1.21
C VAL A 22 -2.29 -0.67 1.50
N ILE A 23 -2.86 0.13 2.39
CA ILE A 23 -2.24 1.41 2.74
C ILE A 23 -2.26 1.61 4.26
N ALA A 24 -1.24 2.31 4.76
CA ALA A 24 -1.14 2.57 6.19
C ALA A 24 -1.81 3.89 6.55
N LEU A 25 -2.50 3.91 7.69
CA LEU A 25 -3.21 5.10 8.14
C LEU A 25 -2.30 5.95 9.03
N TYR A 26 -1.40 5.29 9.75
CA TYR A 26 -0.49 5.98 10.65
C TYR A 26 0.94 5.48 10.45
N ASP A 27 1.91 6.35 10.72
CA ASP A 27 3.32 6.00 10.58
C ASP A 27 3.77 5.08 11.71
N TYR A 28 3.70 3.77 11.47
CA TYR A 28 4.09 2.79 12.48
C TYR A 28 5.62 2.67 12.55
N GLN A 29 6.11 2.22 13.70
CA GLN A 29 7.54 2.06 13.90
C GLN A 29 7.84 0.89 14.85
N THR A 30 8.97 0.24 14.64
CA THR A 30 9.37 -0.89 15.48
C THR A 30 10.80 -1.32 15.17
N ASN A 31 11.66 -1.25 16.18
CA ASN A 31 13.06 -1.63 16.01
C ASN A 31 13.23 -3.15 16.19
N ASP A 32 12.34 -3.91 15.57
CA ASP A 32 12.39 -5.36 15.66
C ASP A 32 12.39 -5.99 14.25
N PRO A 33 13.14 -7.08 14.10
CA PRO A 33 13.24 -7.80 12.83
C PRO A 33 11.94 -8.51 12.45
N GLN A 34 11.32 -9.14 13.44
CA GLN A 34 10.07 -9.86 13.22
C GLN A 34 8.95 -8.89 12.79
N GLU A 35 9.09 -7.64 13.19
CA GLU A 35 8.09 -6.62 12.85
C GLU A 35 8.61 -5.70 11.75
N LEU A 36 7.72 -4.86 11.24
CA LEU A 36 8.08 -3.92 10.17
C LEU A 36 7.57 -2.53 10.48
N ALA A 37 8.27 -1.52 9.97
CA ALA A 37 7.88 -0.13 10.19
C ALA A 37 7.07 0.40 9.00
N LEU A 38 5.76 0.51 9.19
CA LEU A 38 4.88 1.01 8.13
C LEU A 38 5.09 2.50 7.91
N ARG A 39 4.51 3.01 6.83
CA ARG A 39 4.63 4.43 6.50
C ARG A 39 3.28 5.03 6.15
N ARG A 40 3.00 6.21 6.66
CA ARG A 40 1.73 6.90 6.40
C ARG A 40 1.58 7.20 4.92
N ASN A 41 0.35 7.19 4.44
CA ASN A 41 0.06 7.47 3.03
C ASN A 41 1.02 6.70 2.12
N GLU A 42 1.12 5.39 2.35
CA GLU A 42 1.99 4.54 1.54
C GLU A 42 1.35 3.18 1.29
N GLU A 43 1.57 2.65 0.09
CA GLU A 43 1.00 1.35 -0.28
C GLU A 43 1.90 0.21 0.21
N TYR A 44 1.31 -0.97 0.33
CA TYR A 44 2.04 -2.14 0.80
C TYR A 44 1.40 -3.43 0.28
N CYS A 45 2.23 -4.32 -0.25
CA CYS A 45 1.75 -5.59 -0.78
C CYS A 45 1.55 -6.61 0.34
N LEU A 46 0.38 -7.23 0.37
CA LEU A 46 0.07 -8.22 1.39
C LEU A 46 0.64 -9.59 1.02
N LEU A 47 1.58 -10.07 1.83
CA LEU A 47 2.20 -11.36 1.57
C LEU A 47 1.31 -12.50 2.06
N ASP A 48 0.97 -12.49 3.34
CA ASP A 48 0.13 -13.52 3.92
C ASP A 48 -0.55 -13.02 5.19
N SER A 49 -1.75 -13.53 5.46
CA SER A 49 -2.49 -13.12 6.66
C SER A 49 -2.50 -14.25 7.69
N SER A 50 -1.34 -14.84 7.93
CA SER A 50 -1.21 -15.92 8.89
C SER A 50 -2.13 -15.69 10.09
N GLU A 51 -2.21 -14.44 10.53
CA GLU A 51 -3.05 -14.08 11.66
C GLU A 51 -4.06 -13.01 11.28
N ILE A 52 -4.88 -12.60 12.24
CA ILE A 52 -5.89 -11.58 12.01
C ILE A 52 -5.37 -10.19 12.36
N HIS A 53 -4.94 -10.02 13.61
CA HIS A 53 -4.41 -8.75 14.09
C HIS A 53 -3.09 -8.43 13.39
N TRP A 54 -2.23 -9.42 13.28
CA TRP A 54 -0.93 -9.24 12.63
C TRP A 54 -0.97 -9.72 11.18
N TRP A 55 -0.60 -8.84 10.26
CA TRP A 55 -0.58 -9.17 8.84
C TRP A 55 0.83 -9.09 8.27
N ARG A 56 1.18 -10.04 7.43
CA ARG A 56 2.50 -10.08 6.82
C ARG A 56 2.50 -9.34 5.48
N VAL A 57 3.15 -8.19 5.44
CA VAL A 57 3.23 -7.39 4.23
C VAL A 57 4.66 -7.19 3.78
N GLN A 58 4.84 -6.63 2.59
CA GLN A 58 6.18 -6.39 2.06
C GLN A 58 6.31 -4.96 1.55
N ASP A 59 7.24 -4.21 2.15
CA ASP A 59 7.47 -2.82 1.77
C ASP A 59 7.96 -2.73 0.33
N ARG A 60 8.06 -1.51 -0.19
CA ARG A 60 8.53 -1.28 -1.55
C ARG A 60 9.99 -1.65 -1.70
N ASN A 61 10.73 -1.62 -0.58
CA ASN A 61 12.14 -1.95 -0.59
C ASN A 61 12.35 -3.45 -0.75
N GLY A 62 11.46 -4.24 -0.14
CA GLY A 62 11.57 -5.67 -0.22
C GLY A 62 11.46 -6.34 1.12
N HIS A 63 11.51 -5.54 2.19
CA HIS A 63 11.41 -6.07 3.55
C HIS A 63 9.97 -6.41 3.91
N GLU A 64 9.76 -6.91 5.12
CA GLU A 64 8.43 -7.28 5.58
C GLU A 64 8.40 -7.41 7.10
N GLY A 65 7.25 -7.79 7.63
CA GLY A 65 7.10 -7.96 9.06
C GLY A 65 5.65 -8.03 9.51
N TYR A 66 5.43 -8.37 10.77
CA TYR A 66 4.08 -8.48 11.31
C TYR A 66 3.58 -7.13 11.79
N VAL A 67 2.64 -6.55 11.04
CA VAL A 67 2.08 -5.25 11.39
C VAL A 67 0.59 -5.37 11.71
N PRO A 68 0.08 -4.41 12.50
CA PRO A 68 -1.33 -4.39 12.91
C PRO A 68 -2.26 -4.07 11.74
N SER A 69 -3.01 -5.07 11.30
CA SER A 69 -3.94 -4.90 10.19
C SER A 69 -4.70 -3.58 10.32
N SER A 70 -4.83 -3.09 11.55
CA SER A 70 -5.53 -1.85 11.81
C SER A 70 -4.97 -0.71 10.97
N TYR A 71 -3.63 -0.64 10.89
CA TYR A 71 -2.97 0.39 10.12
C TYR A 71 -3.20 0.20 8.63
N LEU A 72 -3.06 -1.04 8.17
CA LEU A 72 -3.26 -1.36 6.76
C LEU A 72 -4.74 -1.31 6.39
N VAL A 73 -5.04 -0.76 5.22
CA VAL A 73 -6.41 -0.66 4.76
C VAL A 73 -6.53 -1.06 3.29
N GLU A 74 -7.51 -1.92 3.00
CA GLU A 74 -7.72 -2.40 1.64
C GLU A 74 -8.05 -1.24 0.70
N LYS A 75 -7.09 -0.88 -0.14
CA LYS A 75 -7.28 0.22 -1.09
C LYS A 75 -8.61 0.09 -1.81
N SER A 76 -9.54 0.97 -1.46
CA SER A 76 -10.87 0.96 -2.07
C SER A 76 -10.79 1.33 -3.55
N PRO A 77 -10.29 2.54 -3.83
CA PRO A 77 -10.15 3.04 -5.20
C PRO A 77 -9.06 2.30 -5.97
N ASN A 78 -9.44 1.76 -7.14
CA ASN A 78 -8.49 1.04 -7.98
C ASN A 78 -8.59 1.48 -9.43
N ASN A 79 -7.45 1.73 -10.05
CA ASN A 79 -7.41 2.17 -11.44
C ASN A 79 -8.31 1.29 -12.30
N LEU A 80 -9.41 1.87 -12.78
CA LEU A 80 -10.35 1.14 -13.63
C LEU A 80 -9.81 0.99 -15.04
N GLU A 81 -9.15 -0.14 -15.29
CA GLU A 81 -8.58 -0.41 -16.61
C GLU A 81 -9.04 -1.76 -17.13
N THR A 82 -10.13 -1.76 -17.90
CA THR A 82 -10.68 -2.99 -18.46
C THR A 82 -9.76 -3.56 -19.53
N TYR A 83 -9.96 -4.83 -19.85
CA TYR A 83 -9.15 -5.50 -20.86
C TYR A 83 -10.01 -6.37 -21.78
N GLU A 84 -9.41 -6.87 -22.84
CA GLU A 84 -10.13 -7.72 -23.80
C GLU A 84 -9.15 -8.52 -24.66
N TRP A 85 -9.21 -9.84 -24.54
CA TRP A 85 -8.33 -10.71 -25.30
C TRP A 85 -9.11 -11.89 -25.89
#